data_2HAE
#
_entry.id   2HAE
#
_cell.length_a   145.799
_cell.length_b   145.799
_cell.length_c   159.266
_cell.angle_alpha   90.00
_cell.angle_beta   90.00
_cell.angle_gamma   120.00
#
_symmetry.space_group_name_H-M   'P 65'
#
loop_
_entity.id
_entity.type
_entity.pdbx_description
1 polymer 'Malate oxidoreductase'
2 non-polymer NICOTINAMIDE-ADENINE-DINUCLEOTIDE
3 non-polymer 'ZINC ION'
4 water water
#
_entity_poly.entity_id   1
_entity_poly.type   'polypeptide(L)'
_entity_poly.pdbx_seq_one_letter_code
;MSLDALELHRFLKGKIRTALPVEKVDRETLSLLYTPGVADVARACAEDPEKTYVYTSRWNTVAVVSDGSAVLGLGNIGPY
GALPVMEGKAFLFKAFADIDAFPICLSESEEEKIISIVKSLEPSFGGINLEDIGAPKCFRILQRLSEEMNIPVFHDDQQG
TAVVVSAAFLNALKLTEKKIEEVKVVVNGIGAAGYNIVKFLLDLGVKNVVAVDRKGILNENDPETCLNEYHLEIARITNP
ERLSGDLETALEGADFFIGVSRGNILKPEWIKKMSRKPVIFALANPVPEIDPELAREAGAFIVATGRSDHPNQVNNLLAF
PGIMKGAVEKRSKITKNMLLSAVEAIARSCEPEPERIIPEAFDMKVHLNVYTAVKGSAEGHHHHHH
;
_entity_poly.pdbx_strand_id   A,B,C,D
#
loop_
_chem_comp.id
_chem_comp.type
_chem_comp.name
_chem_comp.formula
NAD non-polymer NICOTINAMIDE-ADENINE-DINUCLEOTIDE 'C21 H27 N7 O14 P2'
ZN non-polymer 'ZINC ION' 'Zn 2'
#
# COMPACT_ATOMS: atom_id res chain seq x y z
N ASP A 4 21.33 1.09 -12.47
CA ASP A 4 21.47 2.54 -12.75
C ASP A 4 20.35 3.47 -12.27
N ALA A 5 20.72 4.39 -11.36
CA ALA A 5 19.84 5.36 -10.72
C ALA A 5 18.81 6.06 -11.59
N LEU A 6 19.27 6.88 -12.53
CA LEU A 6 18.38 7.61 -13.40
C LEU A 6 17.25 6.80 -14.05
N GLU A 7 17.58 5.62 -14.58
CA GLU A 7 16.57 4.77 -15.24
C GLU A 7 15.55 4.23 -14.24
N LEU A 8 16.05 3.71 -13.13
CA LEU A 8 15.21 3.13 -12.09
C LEU A 8 14.29 4.19 -11.48
N HIS A 9 14.53 5.46 -11.76
CA HIS A 9 13.67 6.52 -11.26
C HIS A 9 12.54 6.76 -12.22
N ARG A 10 12.87 7.10 -13.48
CA ARG A 10 11.82 7.35 -14.47
C ARG A 10 10.92 6.13 -14.53
N PHE A 11 11.47 4.96 -14.25
CA PHE A 11 10.66 3.76 -14.27
C PHE A 11 9.61 3.90 -13.20
N LEU A 12 10.07 3.98 -11.96
CA LEU A 12 9.19 4.12 -10.82
C LEU A 12 8.24 5.31 -10.92
N LYS A 13 8.76 6.44 -11.37
CA LYS A 13 7.92 7.63 -11.45
C LYS A 13 7.60 8.01 -10.00
N GLY A 14 8.66 8.23 -9.24
CA GLY A 14 8.51 8.60 -7.84
C GLY A 14 8.71 7.48 -6.84
N LYS A 15 9.20 7.85 -5.66
CA LYS A 15 9.44 6.90 -4.60
C LYS A 15 8.33 7.01 -3.55
N ILE A 16 7.43 7.95 -3.76
CA ILE A 16 6.32 8.16 -2.83
C ILE A 16 4.94 7.80 -3.39
N ARG A 17 4.06 7.35 -2.51
CA ARG A 17 2.72 6.98 -2.91
C ARG A 17 1.86 7.06 -1.67
N THR A 18 0.56 6.95 -1.88
CA THR A 18 -0.38 6.97 -0.80
C THR A 18 -1.13 5.66 -0.96
N ALA A 19 -2.22 5.53 -0.22
CA ALA A 19 -3.03 4.33 -0.27
C ALA A 19 -4.06 4.46 0.82
N LEU A 20 -5.31 4.54 0.41
CA LEU A 20 -6.36 4.66 1.38
C LEU A 20 -6.45 3.33 2.11
N PRO A 21 -6.88 3.35 3.37
CA PRO A 21 -7.01 2.14 4.18
C PRO A 21 -7.98 1.15 3.55
N VAL A 22 -9.23 1.54 3.44
CA VAL A 22 -10.25 0.70 2.87
C VAL A 22 -9.99 0.28 1.41
N GLU A 23 -10.62 -0.80 0.96
CA GLU A 23 -10.45 -1.31 -0.41
C GLU A 23 -11.46 -0.80 -1.44
N LYS A 24 -12.74 -0.73 -1.06
CA LYS A 24 -13.74 -0.24 -1.99
C LYS A 24 -14.62 0.79 -1.30
N VAL A 25 -15.09 1.75 -2.08
CA VAL A 25 -15.92 2.83 -1.60
C VAL A 25 -17.35 2.76 -2.12
N ASP A 26 -18.30 3.00 -1.21
CA ASP A 26 -19.71 2.98 -1.55
C ASP A 26 -20.47 3.94 -0.65
N ARG A 27 -21.74 4.16 -0.95
CA ARG A 27 -22.59 5.08 -0.18
C ARG A 27 -22.28 5.11 1.33
N GLU A 28 -21.92 3.97 1.92
CA GLU A 28 -21.62 3.93 3.35
C GLU A 28 -20.28 4.55 3.70
N THR A 29 -19.22 4.08 3.05
CA THR A 29 -17.89 4.60 3.31
C THR A 29 -17.87 6.14 3.34
N LEU A 30 -18.42 6.79 2.31
CA LEU A 30 -18.43 8.25 2.33
C LEU A 30 -19.05 8.76 3.64
N SER A 31 -20.29 8.34 3.90
CA SER A 31 -21.02 8.73 5.11
C SER A 31 -20.19 8.68 6.36
N LEU A 32 -19.06 8.02 6.31
CA LEU A 32 -18.24 7.94 7.50
C LEU A 32 -16.92 8.66 7.37
N LEU A 33 -16.26 8.49 6.24
CA LEU A 33 -14.98 9.14 6.03
C LEU A 33 -15.09 10.55 5.50
N TYR A 34 -16.29 10.94 5.08
CA TYR A 34 -16.51 12.28 4.58
C TYR A 34 -17.90 12.72 5.05
N THR A 35 -18.41 13.83 4.53
CA THR A 35 -19.74 14.29 4.95
C THR A 35 -20.76 13.20 4.68
N PRO A 36 -21.78 13.08 5.54
CA PRO A 36 -22.04 13.92 6.73
C PRO A 36 -21.22 13.54 7.95
N GLY A 37 -20.59 12.38 7.91
CA GLY A 37 -19.82 11.90 9.03
C GLY A 37 -18.63 12.70 9.56
N VAL A 38 -17.63 12.92 8.71
CA VAL A 38 -16.43 13.63 9.14
C VAL A 38 -16.68 15.01 9.76
N ALA A 39 -17.89 15.54 9.57
CA ALA A 39 -18.26 16.83 10.14
C ALA A 39 -18.05 16.79 11.63
N ASP A 40 -18.38 15.67 12.25
CA ASP A 40 -18.21 15.53 13.69
C ASP A 40 -16.77 15.36 14.13
N VAL A 41 -15.87 15.17 13.18
CA VAL A 41 -14.48 15.01 13.54
C VAL A 41 -13.85 16.39 13.54
N ALA A 42 -14.42 17.27 12.73
CA ALA A 42 -13.94 18.66 12.63
C ALA A 42 -14.38 19.37 13.91
N ARG A 43 -15.66 19.21 14.23
CA ARG A 43 -16.19 19.82 15.44
C ARG A 43 -15.20 19.40 16.54
N ALA A 44 -14.88 18.11 16.57
CA ALA A 44 -13.97 17.54 17.57
C ALA A 44 -12.59 18.18 17.54
N CYS A 45 -11.89 18.04 16.44
CA CYS A 45 -10.54 18.58 16.31
C CYS A 45 -10.46 20.09 16.48
N ALA A 46 -11.53 20.80 16.16
CA ALA A 46 -11.53 22.25 16.27
C ALA A 46 -11.67 22.63 17.73
N GLU A 47 -12.58 21.96 18.42
CA GLU A 47 -12.83 22.18 19.84
C GLU A 47 -11.57 21.84 20.65
N ASP A 48 -10.76 20.92 20.13
CA ASP A 48 -9.53 20.52 20.78
C ASP A 48 -8.61 20.00 19.70
N PRO A 49 -7.44 20.64 19.51
CA PRO A 49 -6.44 20.25 18.50
C PRO A 49 -5.75 18.91 18.75
N GLU A 50 -5.41 18.61 20.00
CA GLU A 50 -4.73 17.36 20.31
C GLU A 50 -5.49 16.25 19.64
N LYS A 51 -6.80 16.43 19.48
CA LYS A 51 -7.62 15.42 18.86
C LYS A 51 -7.17 15.07 17.45
N THR A 52 -6.39 15.94 16.83
CA THR A 52 -5.92 15.62 15.49
C THR A 52 -4.97 14.42 15.56
N TYR A 53 -4.31 14.26 16.70
CA TYR A 53 -3.39 13.13 16.92
C TYR A 53 -4.18 11.85 17.21
N VAL A 54 -5.49 11.93 17.13
CA VAL A 54 -6.33 10.78 17.43
C VAL A 54 -7.29 10.49 16.29
N TYR A 55 -7.41 11.42 15.34
CA TYR A 55 -8.34 11.24 14.24
C TYR A 55 -7.71 11.45 12.89
N THR A 56 -6.48 11.90 12.86
CA THR A 56 -5.86 12.11 11.57
C THR A 56 -4.59 11.33 11.60
N SER A 57 -3.74 11.55 10.62
CA SER A 57 -2.50 10.85 10.58
C SER A 57 -1.49 11.71 11.27
N ARG A 58 -1.88 12.93 11.60
CA ARG A 58 -1.02 13.91 12.25
C ARG A 58 0.05 13.30 13.17
N TRP A 59 -0.32 12.26 13.92
CA TRP A 59 0.61 11.60 14.84
C TRP A 59 1.70 10.83 14.11
N ASN A 60 1.58 10.70 12.80
CA ASN A 60 2.58 9.96 12.07
C ASN A 60 3.13 10.63 10.85
N THR A 61 2.81 11.91 10.67
CA THR A 61 3.30 12.63 9.51
C THR A 61 4.42 13.61 9.82
N VAL A 62 5.36 13.72 8.89
CA VAL A 62 6.52 14.59 9.02
C VAL A 62 6.79 15.25 7.67
N ALA A 63 7.15 16.52 7.69
CA ALA A 63 7.44 17.24 6.46
C ALA A 63 8.96 17.38 6.25
N VAL A 64 9.43 16.97 5.07
CA VAL A 64 10.86 17.07 4.75
C VAL A 64 11.06 18.38 4.02
N VAL A 65 11.36 19.44 4.76
CA VAL A 65 11.51 20.76 4.17
C VAL A 65 12.91 21.18 3.74
N SER A 66 13.01 21.65 2.51
CA SER A 66 14.28 22.13 1.95
C SER A 66 14.02 23.21 0.92
N ASP A 67 15.01 24.07 0.71
CA ASP A 67 14.91 25.15 -0.26
C ASP A 67 15.92 24.85 -1.37
N GLY A 68 16.69 23.78 -1.17
CA GLY A 68 17.68 23.37 -2.15
C GLY A 68 18.93 24.24 -2.12
N SER A 69 19.21 24.87 -0.99
CA SER A 69 20.39 25.72 -0.90
C SER A 69 21.67 24.98 -0.54
N ALA A 70 21.57 23.70 -0.22
CA ALA A 70 22.74 22.89 0.12
C ALA A 70 22.41 21.42 -0.11
N VAL A 71 21.97 21.10 -1.32
CA VAL A 71 21.61 19.74 -1.67
C VAL A 71 22.86 18.86 -1.73
N LEU A 72 22.92 17.87 -0.83
CA LEU A 72 24.03 16.95 -0.79
C LEU A 72 25.34 17.73 -0.93
N GLY A 73 26.22 17.26 -1.81
CA GLY A 73 27.47 17.96 -2.01
C GLY A 73 27.46 18.76 -3.30
N LEU A 74 26.26 19.04 -3.81
CA LEU A 74 26.13 19.76 -5.07
C LEU A 74 26.02 21.27 -4.96
N GLY A 75 25.71 21.76 -3.77
CA GLY A 75 25.57 23.20 -3.59
C GLY A 75 24.12 23.68 -3.65
N ASN A 76 23.95 24.92 -4.06
CA ASN A 76 22.64 25.55 -4.14
C ASN A 76 21.98 25.30 -5.49
N ILE A 77 21.60 24.04 -5.75
CA ILE A 77 21.00 23.70 -7.02
C ILE A 77 19.53 24.06 -7.15
N GLY A 78 18.88 24.39 -6.04
CA GLY A 78 17.48 24.78 -6.11
C GLY A 78 16.50 23.74 -5.61
N PRO A 79 15.20 24.07 -5.54
CA PRO A 79 14.16 23.16 -5.08
C PRO A 79 13.82 22.03 -6.05
N TYR A 80 13.91 22.31 -7.35
CA TYR A 80 13.62 21.31 -8.36
C TYR A 80 14.66 20.20 -8.34
N GLY A 81 15.90 20.56 -8.06
CA GLY A 81 16.94 19.55 -7.97
C GLY A 81 16.89 18.85 -6.64
N ALA A 82 16.38 19.53 -5.62
CA ALA A 82 16.28 18.94 -4.29
C ALA A 82 15.10 18.00 -4.14
N LEU A 83 14.05 18.22 -4.93
CA LEU A 83 12.85 17.39 -4.86
C LEU A 83 13.14 15.89 -4.80
N PRO A 84 13.91 15.36 -5.78
CA PRO A 84 14.21 13.93 -5.77
C PRO A 84 15.01 13.48 -4.56
N VAL A 85 15.85 14.37 -4.04
CA VAL A 85 16.63 14.02 -2.88
C VAL A 85 15.74 14.00 -1.65
N MET A 86 14.71 14.85 -1.65
CA MET A 86 13.79 14.89 -0.51
C MET A 86 12.86 13.68 -0.54
N GLU A 87 12.56 13.14 -1.72
CA GLU A 87 11.73 11.96 -1.77
C GLU A 87 12.59 10.84 -1.24
N GLY A 88 13.90 11.00 -1.39
CA GLY A 88 14.83 10.02 -0.88
C GLY A 88 14.70 9.92 0.64
N LYS A 89 14.85 11.05 1.32
CA LYS A 89 14.71 11.11 2.77
C LYS A 89 13.32 10.63 3.18
N ALA A 90 12.31 10.98 2.41
CA ALA A 90 10.96 10.57 2.71
C ALA A 90 10.85 9.05 2.70
N PHE A 91 11.57 8.41 1.78
CA PHE A 91 11.56 6.97 1.65
C PHE A 91 12.20 6.34 2.89
N LEU A 92 13.36 6.84 3.28
CA LEU A 92 14.06 6.31 4.43
C LEU A 92 13.21 6.41 5.69
N PHE A 93 12.39 7.45 5.76
CA PHE A 93 11.53 7.63 6.92
C PHE A 93 10.50 6.55 7.00
N LYS A 94 9.93 6.17 5.86
CA LYS A 94 8.92 5.13 5.82
C LYS A 94 9.52 3.74 6.02
N ALA A 95 10.68 3.54 5.41
CA ALA A 95 11.38 2.28 5.49
C ALA A 95 11.94 1.96 6.86
N PHE A 96 12.45 2.95 7.58
CA PHE A 96 13.05 2.68 8.89
C PHE A 96 12.29 3.10 10.14
N ALA A 97 11.22 3.87 9.97
CA ALA A 97 10.44 4.32 11.13
C ALA A 97 8.95 4.25 10.82
N ASP A 98 8.62 3.73 9.64
CA ASP A 98 7.24 3.64 9.23
C ASP A 98 6.55 4.98 9.38
N ILE A 99 7.25 6.06 9.08
CA ILE A 99 6.70 7.40 9.19
C ILE A 99 6.22 7.86 7.83
N ASP A 100 5.07 8.54 7.79
CA ASP A 100 4.55 9.07 6.52
C ASP A 100 5.14 10.45 6.28
N ALA A 101 6.30 10.49 5.63
CA ALA A 101 7.00 11.75 5.35
C ALA A 101 6.67 12.32 4.00
N PHE A 102 6.33 13.61 3.96
CA PHE A 102 6.01 14.24 2.69
C PHE A 102 7.06 15.31 2.42
N PRO A 103 7.70 15.23 1.25
CA PRO A 103 8.74 16.15 0.81
C PRO A 103 8.20 17.49 0.35
N ILE A 104 8.66 18.55 1.00
CA ILE A 104 8.24 19.91 0.70
C ILE A 104 9.43 20.78 0.34
N CYS A 105 9.57 21.06 -0.95
CA CYS A 105 10.66 21.87 -1.43
C CYS A 105 10.16 23.25 -1.76
N LEU A 106 10.61 24.23 -0.98
CA LEU A 106 10.20 25.62 -1.12
C LEU A 106 11.00 26.45 -2.10
N SER A 107 10.30 27.25 -2.89
CA SER A 107 10.98 28.13 -3.82
C SER A 107 11.01 29.51 -3.14
N GLU A 108 11.89 29.65 -2.17
CA GLU A 108 12.07 30.88 -1.40
C GLU A 108 13.33 30.70 -0.58
N SER A 109 14.32 31.54 -0.82
CA SER A 109 15.59 31.45 -0.12
C SER A 109 15.79 32.39 1.06
N GLU A 110 15.01 33.48 1.12
CA GLU A 110 15.16 34.43 2.22
C GLU A 110 14.73 33.82 3.56
N GLU A 111 15.68 33.68 4.48
CA GLU A 111 15.45 33.07 5.78
C GLU A 111 14.21 33.51 6.56
N GLU A 112 13.91 34.79 6.57
CA GLU A 112 12.75 35.22 7.34
C GLU A 112 11.43 34.74 6.75
N LYS A 113 11.46 34.39 5.46
CA LYS A 113 10.25 33.93 4.77
C LYS A 113 10.15 32.44 4.81
N ILE A 114 11.29 31.76 4.89
CA ILE A 114 11.27 30.30 4.97
C ILE A 114 10.60 30.05 6.31
N ILE A 115 11.04 30.79 7.31
CA ILE A 115 10.50 30.65 8.66
C ILE A 115 9.01 30.95 8.74
N SER A 116 8.56 32.05 8.14
CA SER A 116 7.14 32.38 8.20
C SER A 116 6.28 31.42 7.40
N ILE A 117 6.88 30.73 6.45
CA ILE A 117 6.16 29.76 5.63
C ILE A 117 5.97 28.45 6.36
N VAL A 118 7.05 27.91 6.89
CA VAL A 118 6.99 26.64 7.61
C VAL A 118 6.11 26.73 8.86
N LYS A 119 6.15 27.86 9.56
CA LYS A 119 5.34 28.03 10.76
C LYS A 119 3.87 27.78 10.49
N SER A 120 3.44 28.13 9.28
CA SER A 120 2.05 27.97 8.89
C SER A 120 1.68 26.54 8.51
N LEU A 121 2.66 25.66 8.44
CA LEU A 121 2.38 24.29 8.06
C LEU A 121 2.04 23.39 9.24
N GLU A 122 2.33 23.87 10.44
CA GLU A 122 2.10 23.13 11.67
C GLU A 122 0.80 22.34 11.77
N PRO A 123 -0.32 22.90 11.31
CA PRO A 123 -1.56 22.13 11.42
C PRO A 123 -1.56 20.81 10.67
N SER A 124 -0.73 20.70 9.63
CA SER A 124 -0.67 19.50 8.80
C SER A 124 0.27 18.38 9.18
N PHE A 125 1.32 18.71 9.94
CA PHE A 125 2.33 17.74 10.34
C PHE A 125 2.55 17.59 11.83
N GLY A 126 3.14 16.47 12.22
CA GLY A 126 3.41 16.24 13.62
C GLY A 126 4.86 16.57 13.90
N GLY A 127 5.59 16.86 12.85
CA GLY A 127 6.99 17.17 12.98
C GLY A 127 7.58 17.69 11.69
N ILE A 128 8.69 18.42 11.79
CA ILE A 128 9.34 18.98 10.60
C ILE A 128 10.78 18.47 10.54
N ASN A 129 11.27 18.24 9.33
CA ASN A 129 12.65 17.80 9.18
C ASN A 129 13.39 18.67 8.17
N LEU A 130 14.07 19.71 8.66
CA LEU A 130 14.83 20.61 7.81
C LEU A 130 15.98 19.84 7.19
N GLU A 131 16.01 19.83 5.87
CA GLU A 131 17.04 19.09 5.13
C GLU A 131 17.70 19.95 4.06
N ASP A 132 18.98 19.68 3.83
CA ASP A 132 19.77 20.40 2.85
C ASP A 132 19.45 21.87 2.64
N ILE A 133 19.63 22.63 3.71
CA ILE A 133 19.44 24.08 3.74
C ILE A 133 20.83 24.60 4.11
N GLY A 134 21.36 25.48 3.28
CA GLY A 134 22.69 26.03 3.50
C GLY A 134 22.99 26.70 4.83
N ALA A 135 24.28 26.90 5.09
CA ALA A 135 24.73 27.56 6.31
C ALA A 135 25.26 28.93 5.85
N PRO A 136 25.27 29.94 6.74
CA PRO A 136 24.83 29.91 8.13
C PRO A 136 23.34 30.16 8.39
N LYS A 137 22.54 30.39 7.34
CA LYS A 137 21.13 30.65 7.60
C LYS A 137 20.38 29.51 8.24
N CYS A 138 20.87 28.29 8.03
CA CYS A 138 20.21 27.11 8.58
C CYS A 138 20.25 27.18 10.10
N PHE A 139 21.21 27.91 10.65
CA PHE A 139 21.33 28.04 12.10
C PHE A 139 20.20 28.84 12.70
N ARG A 140 19.95 30.02 12.12
CA ARG A 140 18.88 30.88 12.60
C ARG A 140 17.53 30.29 12.32
N ILE A 141 17.39 29.65 11.16
CA ILE A 141 16.14 29.02 10.80
C ILE A 141 15.79 27.89 11.77
N LEU A 142 16.75 27.04 12.08
CA LEU A 142 16.51 25.92 12.98
C LEU A 142 16.13 26.38 14.36
N GLN A 143 16.88 27.36 14.88
CA GLN A 143 16.63 27.92 16.21
C GLN A 143 15.26 28.55 16.36
N ARG A 144 14.94 29.48 15.48
CA ARG A 144 13.65 30.18 15.47
C ARG A 144 12.50 29.21 15.36
N LEU A 145 12.57 28.31 14.40
CA LEU A 145 11.50 27.35 14.23
C LEU A 145 11.26 26.45 15.43
N SER A 146 12.31 25.86 15.98
CA SER A 146 12.15 24.98 17.14
C SER A 146 11.52 25.72 18.34
N GLU A 147 11.79 27.02 18.44
CA GLU A 147 11.24 27.85 19.50
C GLU A 147 9.79 28.24 19.23
N GLU A 148 9.55 28.70 18.01
CA GLU A 148 8.25 29.18 17.58
C GLU A 148 7.15 28.17 17.24
N MET A 149 7.50 26.89 17.05
CA MET A 149 6.52 25.86 16.73
C MET A 149 6.34 24.82 17.81
N ASN A 150 5.13 24.31 17.95
CA ASN A 150 4.84 23.30 18.95
C ASN A 150 5.23 21.88 18.60
N ILE A 151 5.37 21.58 17.31
CA ILE A 151 5.76 20.25 16.86
C ILE A 151 7.28 20.22 16.79
N PRO A 152 7.87 19.02 16.86
CA PRO A 152 9.34 18.93 16.80
C PRO A 152 9.99 19.34 15.48
N VAL A 153 11.12 20.03 15.57
CA VAL A 153 11.86 20.47 14.40
C VAL A 153 13.26 19.93 14.50
N PHE A 154 13.68 19.25 13.44
CA PHE A 154 14.98 18.61 13.38
C PHE A 154 15.66 18.94 12.07
N HIS A 155 17.00 18.98 12.08
CA HIS A 155 17.78 19.26 10.87
C HIS A 155 18.95 18.28 10.88
N ASP A 156 18.85 17.23 10.08
CA ASP A 156 19.87 16.20 10.00
C ASP A 156 21.31 16.65 9.95
N ASP A 157 21.66 17.32 8.86
CA ASP A 157 23.02 17.77 8.67
C ASP A 157 23.63 18.44 9.91
N GLN A 158 22.80 19.02 10.76
CA GLN A 158 23.28 19.68 11.98
C GLN A 158 23.21 18.76 13.19
N GLN A 159 22.02 18.65 13.76
CA GLN A 159 21.78 17.82 14.93
C GLN A 159 21.95 16.35 14.64
N GLY A 160 21.52 15.90 13.46
CA GLY A 160 21.63 14.49 13.12
C GLY A 160 23.08 14.04 13.18
N THR A 161 23.91 14.73 12.43
CA THR A 161 25.32 14.43 12.40
C THR A 161 25.95 14.39 13.79
N ALA A 162 25.70 15.46 14.54
CA ALA A 162 26.26 15.61 15.88
C ALA A 162 25.94 14.43 16.77
N VAL A 163 24.74 13.87 16.60
CA VAL A 163 24.34 12.73 17.41
C VAL A 163 25.18 11.53 17.06
N VAL A 164 25.21 11.17 15.78
CA VAL A 164 25.98 10.02 15.35
C VAL A 164 27.46 10.16 15.68
N VAL A 165 28.05 11.32 15.38
CA VAL A 165 29.45 11.55 15.64
C VAL A 165 29.78 11.35 17.12
N SER A 166 28.96 11.93 17.99
CA SER A 166 29.19 11.79 19.42
C SER A 166 29.18 10.33 19.81
N ALA A 167 28.21 9.57 19.32
CA ALA A 167 28.12 8.15 19.61
C ALA A 167 29.44 7.50 19.21
N ALA A 168 29.83 7.65 17.95
CA ALA A 168 31.08 7.09 17.47
C ALA A 168 32.22 7.50 18.38
N PHE A 169 32.29 8.79 18.70
CA PHE A 169 33.32 9.33 19.57
C PHE A 169 33.38 8.57 20.90
N LEU A 170 32.24 8.49 21.57
CA LEU A 170 32.15 7.81 22.84
C LEU A 170 32.69 6.41 22.80
N ASN A 171 32.27 5.62 21.83
CA ASN A 171 32.76 4.25 21.74
C ASN A 171 34.26 4.23 21.47
N ALA A 172 34.75 5.04 20.55
CA ALA A 172 36.17 5.06 20.26
C ALA A 172 36.95 5.47 21.49
N LEU A 173 36.43 6.45 22.24
CA LEU A 173 37.10 6.93 23.45
C LEU A 173 37.28 5.79 24.43
N LYS A 174 36.25 4.95 24.55
CA LYS A 174 36.30 3.82 25.46
C LYS A 174 37.46 2.90 25.05
N LEU A 175 37.53 2.55 23.77
CA LEU A 175 38.59 1.69 23.26
C LEU A 175 39.97 2.31 23.42
N THR A 176 40.01 3.63 23.46
CA THR A 176 41.26 4.36 23.60
C THR A 176 41.65 4.41 25.08
N GLU A 177 40.66 4.23 25.95
CA GLU A 177 40.83 4.23 27.40
C GLU A 177 41.32 5.53 28.01
N LYS A 178 41.24 6.63 27.27
CA LYS A 178 41.69 7.88 27.81
C LYS A 178 40.52 8.55 28.51
N LYS A 179 40.81 9.58 29.31
CA LYS A 179 39.77 10.30 30.03
C LYS A 179 39.16 11.39 29.15
N ILE A 180 37.83 11.48 29.17
CA ILE A 180 37.16 12.47 28.33
C ILE A 180 37.56 13.91 28.64
N GLU A 181 37.63 14.24 29.92
CA GLU A 181 37.98 15.60 30.30
C GLU A 181 39.49 15.88 30.16
N GLU A 182 40.20 15.01 29.46
CA GLU A 182 41.64 15.19 29.29
C GLU A 182 42.17 15.01 27.86
N VAL A 183 41.29 14.73 26.91
CA VAL A 183 41.73 14.53 25.53
C VAL A 183 41.63 15.79 24.69
N LYS A 184 42.47 15.87 23.66
CA LYS A 184 42.50 17.01 22.73
C LYS A 184 41.86 16.56 21.41
N VAL A 185 40.75 17.18 21.07
CA VAL A 185 40.03 16.84 19.87
C VAL A 185 40.06 17.94 18.82
N VAL A 186 40.59 17.65 17.64
CA VAL A 186 40.64 18.64 16.59
C VAL A 186 39.44 18.46 15.68
N VAL A 187 38.63 19.50 15.55
CA VAL A 187 37.44 19.47 14.70
C VAL A 187 37.70 20.34 13.49
N ASN A 188 37.89 19.72 12.32
CA ASN A 188 38.19 20.46 11.11
C ASN A 188 36.95 20.73 10.26
N GLY A 189 36.68 22.01 9.98
CA GLY A 189 35.52 22.35 9.19
C GLY A 189 34.35 22.72 10.08
N ILE A 190 34.26 23.99 10.46
CA ILE A 190 33.21 24.47 11.32
C ILE A 190 31.99 24.98 10.56
N GLY A 191 31.35 24.10 9.81
CA GLY A 191 30.18 24.47 9.05
C GLY A 191 28.92 24.05 9.78
N ALA A 192 27.91 23.64 9.02
CA ALA A 192 26.63 23.18 9.57
C ALA A 192 26.80 22.03 10.55
N ALA A 193 27.66 21.10 10.22
CA ALA A 193 27.88 19.97 11.09
C ALA A 193 28.92 20.36 12.12
N GLY A 194 30.05 20.89 11.64
CA GLY A 194 31.12 21.29 12.53
C GLY A 194 30.62 22.02 13.76
N TYR A 195 29.93 23.14 13.56
CA TYR A 195 29.39 23.93 14.65
C TYR A 195 28.76 23.08 15.74
N ASN A 196 27.74 22.32 15.37
CA ASN A 196 27.04 21.44 16.32
C ASN A 196 27.92 20.37 16.95
N ILE A 197 28.81 19.78 16.17
CA ILE A 197 29.69 18.75 16.71
C ILE A 197 30.52 19.26 17.89
N VAL A 198 31.06 20.47 17.77
CA VAL A 198 31.85 21.06 18.84
C VAL A 198 31.02 21.16 20.09
N LYS A 199 29.87 21.81 20.01
CA LYS A 199 29.01 21.98 21.16
C LYS A 199 28.67 20.67 21.85
N PHE A 200 28.49 19.60 21.07
CA PHE A 200 28.17 18.30 21.67
C PHE A 200 29.33 17.75 22.46
N LEU A 201 30.52 17.83 21.89
CA LEU A 201 31.71 17.36 22.55
C LEU A 201 31.90 18.10 23.87
N LEU A 202 31.58 19.39 23.87
CA LEU A 202 31.69 20.20 25.07
C LEU A 202 30.68 19.72 26.08
N ASP A 203 29.42 19.58 25.65
CA ASP A 203 28.34 19.10 26.51
C ASP A 203 28.71 17.77 27.15
N LEU A 204 29.09 16.80 26.33
CA LEU A 204 29.46 15.47 26.79
C LEU A 204 30.54 15.55 27.85
N GLY A 205 31.52 16.43 27.68
CA GLY A 205 32.56 16.53 28.68
C GLY A 205 33.98 16.75 28.19
N VAL A 206 34.17 16.96 26.89
CA VAL A 206 35.51 17.20 26.39
C VAL A 206 35.88 18.63 26.78
N LYS A 207 37.13 18.83 27.17
CA LYS A 207 37.59 20.14 27.60
C LYS A 207 38.46 20.87 26.58
N ASN A 208 39.48 20.19 26.05
CA ASN A 208 40.36 20.82 25.09
C ASN A 208 39.98 20.50 23.63
N VAL A 209 39.01 21.26 23.11
CA VAL A 209 38.55 21.10 21.73
C VAL A 209 39.14 22.24 20.90
N VAL A 210 39.75 21.91 19.78
CA VAL A 210 40.35 22.92 18.92
C VAL A 210 39.64 22.98 17.57
N ALA A 211 39.03 24.13 17.29
CA ALA A 211 38.29 24.35 16.04
C ALA A 211 39.23 24.80 14.95
N VAL A 212 39.15 24.18 13.78
CA VAL A 212 40.01 24.54 12.67
C VAL A 212 39.21 24.73 11.37
N ASP A 213 39.40 25.87 10.71
CA ASP A 213 38.69 26.12 9.48
C ASP A 213 39.64 26.62 8.40
N ARG A 214 39.08 27.18 7.33
CA ARG A 214 39.87 27.67 6.20
C ARG A 214 41.02 28.57 6.62
N LYS A 215 40.82 29.32 7.70
CA LYS A 215 41.85 30.25 8.15
C LYS A 215 42.65 29.74 9.34
N GLY A 216 42.65 28.43 9.54
CA GLY A 216 43.40 27.86 10.65
C GLY A 216 42.63 27.82 11.95
N ILE A 217 43.35 27.57 13.03
CA ILE A 217 42.75 27.48 14.35
C ILE A 217 41.90 28.70 14.71
N LEU A 218 40.66 28.47 15.09
CA LEU A 218 39.79 29.56 15.46
C LEU A 218 40.26 30.10 16.79
N ASN A 219 40.61 31.37 16.81
CA ASN A 219 41.10 31.98 18.02
C ASN A 219 40.55 33.39 18.14
N GLU A 220 39.95 33.70 19.30
CA GLU A 220 39.38 35.02 19.52
C GLU A 220 40.34 36.11 19.05
N ASN A 221 41.57 36.04 19.56
CA ASN A 221 42.64 36.99 19.26
C ASN A 221 42.83 37.27 17.77
N ASP A 222 43.07 36.24 16.96
CA ASP A 222 43.27 36.42 15.51
C ASP A 222 41.90 36.49 14.85
N PRO A 223 41.29 37.69 14.76
CA PRO A 223 39.96 37.83 14.14
C PRO A 223 39.90 37.36 12.69
N GLU A 224 41.06 37.06 12.11
CA GLU A 224 41.14 36.58 10.73
C GLU A 224 40.34 35.27 10.63
N THR A 225 40.54 34.42 11.62
CA THR A 225 39.90 33.11 11.72
C THR A 225 38.42 33.22 12.07
N CYS A 226 38.03 34.31 12.71
CA CYS A 226 36.64 34.52 13.07
C CYS A 226 35.86 35.11 11.89
N LEU A 227 35.53 34.25 10.93
CA LEU A 227 34.76 34.65 9.75
C LEU A 227 33.40 35.24 10.22
N ASN A 228 32.34 34.44 10.28
CA ASN A 228 31.08 35.01 10.76
C ASN A 228 30.92 34.93 12.29
N GLU A 229 29.80 35.41 12.80
CA GLU A 229 29.55 35.40 14.23
C GLU A 229 29.58 34.03 14.89
N TYR A 230 30.01 33.02 14.14
CA TYR A 230 30.08 31.66 14.67
C TYR A 230 31.50 31.06 14.50
N GLU A 233 32.11 32.76 17.66
CA GLU A 233 31.49 32.24 18.89
C GLU A 233 32.17 30.98 19.37
N ILE A 234 32.45 30.10 18.41
CA ILE A 234 33.08 28.83 18.70
C ILE A 234 34.47 29.06 19.25
N ALA A 235 35.07 30.19 18.89
CA ALA A 235 36.41 30.53 19.35
C ALA A 235 36.43 30.92 20.83
N ARG A 236 35.28 31.40 21.31
CA ARG A 236 35.15 31.84 22.69
C ARG A 236 34.85 30.71 23.67
N ILE A 237 34.41 29.57 23.14
CA ILE A 237 34.10 28.42 23.97
C ILE A 237 35.02 27.20 23.74
N THR A 238 36.08 27.41 22.97
CA THR A 238 37.02 26.34 22.67
C THR A 238 38.45 26.86 22.79
N ASN A 239 39.39 26.02 22.37
CA ASN A 239 40.81 26.37 22.36
C ASN A 239 41.27 27.00 23.66
N PRO A 240 41.30 26.21 24.75
CA PRO A 240 41.75 26.72 26.05
C PRO A 240 43.26 26.96 26.15
N GLU A 241 44.09 26.10 25.54
CA GLU A 241 45.53 26.32 25.56
C GLU A 241 45.90 27.51 24.65
N ARG A 242 44.89 28.28 24.27
CA ARG A 242 45.02 29.46 23.41
C ARG A 242 45.96 29.24 22.22
N LEU A 243 45.93 28.05 21.65
CA LEU A 243 46.77 27.70 20.51
C LEU A 243 46.54 28.61 19.32
N SER A 244 47.41 28.52 18.32
CA SER A 244 47.29 29.35 17.12
C SER A 244 48.09 28.73 15.99
N GLY A 245 47.57 28.82 14.76
CA GLY A 245 48.28 28.25 13.62
C GLY A 245 47.37 27.53 12.65
N ASP A 246 47.95 26.63 11.85
CA ASP A 246 47.19 25.88 10.85
C ASP A 246 46.80 24.49 11.35
N LEU A 247 46.19 23.70 10.49
CA LEU A 247 45.75 22.36 10.85
C LEU A 247 46.90 21.53 11.42
N GLU A 248 48.01 21.49 10.72
CA GLU A 248 49.18 20.72 11.15
C GLU A 248 49.63 21.12 12.55
N THR A 249 49.43 22.38 12.90
CA THR A 249 49.81 22.90 14.20
C THR A 249 48.87 22.35 15.28
N ALA A 250 47.58 22.33 14.97
CA ALA A 250 46.57 21.86 15.91
C ALA A 250 46.59 20.36 16.16
N LEU A 251 47.19 19.59 15.24
CA LEU A 251 47.23 18.15 15.41
C LEU A 251 48.31 17.66 16.36
N GLU A 252 49.16 18.57 16.82
CA GLU A 252 50.24 18.23 17.73
C GLU A 252 49.75 17.74 19.09
N GLY A 253 50.01 16.47 19.38
CA GLY A 253 49.59 15.89 20.64
C GLY A 253 48.10 15.62 20.71
N ALA A 254 47.41 15.90 19.62
CA ALA A 254 45.96 15.70 19.55
C ALA A 254 45.60 14.21 19.61
N ASP A 255 44.48 13.90 20.26
CA ASP A 255 44.02 12.51 20.43
C ASP A 255 42.96 12.11 19.41
N PHE A 256 42.18 13.08 18.94
CA PHE A 256 41.13 12.81 17.97
C PHE A 256 41.12 13.84 16.86
N PHE A 257 40.77 13.40 15.66
CA PHE A 257 40.64 14.31 14.54
C PHE A 257 39.27 14.06 13.96
N ILE A 258 38.39 15.05 14.07
CA ILE A 258 37.07 14.90 13.51
C ILE A 258 36.96 15.86 12.34
N GLY A 259 37.19 15.35 11.15
CA GLY A 259 37.11 16.19 9.98
C GLY A 259 35.76 16.10 9.31
N VAL A 260 35.18 17.25 8.99
CA VAL A 260 33.90 17.32 8.32
C VAL A 260 34.01 18.56 7.39
N SER A 261 35.05 18.52 6.54
CA SER A 261 35.39 19.59 5.60
C SER A 261 35.58 19.20 4.12
N ARG A 262 36.83 19.05 3.69
CA ARG A 262 37.12 18.67 2.30
C ARG A 262 38.05 17.46 2.23
N GLY A 263 38.31 16.99 1.03
CA GLY A 263 39.15 15.83 0.88
C GLY A 263 40.64 16.01 0.68
N ASN A 264 41.39 14.99 1.10
CA ASN A 264 42.83 14.96 1.00
C ASN A 264 43.47 16.24 1.49
N ILE A 265 43.21 16.59 2.73
CA ILE A 265 43.79 17.80 3.30
C ILE A 265 44.62 17.48 4.53
N LEU A 266 44.51 16.25 5.01
CA LEU A 266 45.26 15.78 6.17
C LEU A 266 46.38 14.91 5.67
N LYS A 267 47.62 15.38 5.81
CA LYS A 267 48.78 14.62 5.34
C LYS A 267 49.17 13.47 6.28
N PRO A 268 49.22 12.24 5.73
CA PRO A 268 49.57 11.03 6.47
C PRO A 268 50.68 11.17 7.50
N GLU A 269 51.64 12.02 7.22
CA GLU A 269 52.73 12.18 8.16
C GLU A 269 52.40 13.01 9.38
N TRP A 270 51.36 13.86 9.30
CA TRP A 270 51.01 14.66 10.46
C TRP A 270 50.39 13.78 11.53
N ILE A 271 49.94 12.59 11.15
CA ILE A 271 49.33 11.66 12.08
C ILE A 271 50.32 11.15 13.13
N LYS A 272 51.58 11.02 12.73
CA LYS A 272 52.60 10.54 13.65
C LYS A 272 52.98 11.59 14.70
N LYS A 273 52.45 12.81 14.54
CA LYS A 273 52.71 13.91 15.47
C LYS A 273 51.59 13.99 16.49
N MET A 274 50.60 13.11 16.35
CA MET A 274 49.47 13.06 17.29
C MET A 274 49.83 12.09 18.40
N SER A 275 49.18 12.23 19.54
CA SER A 275 49.43 11.35 20.68
C SER A 275 49.25 9.89 20.30
N ARG A 276 49.60 8.98 21.21
CA ARG A 276 49.46 7.55 20.94
C ARG A 276 48.02 7.17 20.63
N LYS A 277 47.86 6.16 19.78
CA LYS A 277 46.54 5.70 19.37
C LYS A 277 45.61 6.86 18.99
N PRO A 278 45.88 7.51 17.85
CA PRO A 278 45.05 8.62 17.39
C PRO A 278 43.81 8.13 16.67
N VAL A 279 42.66 8.75 16.96
CA VAL A 279 41.41 8.39 16.34
C VAL A 279 41.17 9.34 15.19
N ILE A 280 40.81 8.81 14.02
CA ILE A 280 40.62 9.64 12.86
C ILE A 280 39.24 9.48 12.24
N PHE A 281 38.41 10.52 12.38
CA PHE A 281 37.07 10.54 11.78
C PHE A 281 37.22 11.43 10.56
N ALA A 282 37.21 10.84 9.37
CA ALA A 282 37.34 11.61 8.17
C ALA A 282 35.98 11.52 7.49
N LEU A 283 35.04 12.31 8.00
CA LEU A 283 33.67 12.30 7.53
C LEU A 283 33.33 13.16 6.34
N ALA A 284 34.31 13.58 5.56
CA ALA A 284 34.04 14.40 4.39
C ALA A 284 33.64 13.54 3.22
N ASN A 285 32.61 13.96 2.49
CA ASN A 285 32.13 13.26 1.32
C ASN A 285 32.35 14.15 0.08
N PRO A 286 32.61 13.54 -1.08
CA PRO A 286 32.70 12.08 -1.27
C PRO A 286 34.10 11.61 -0.91
N VAL A 287 35.06 12.53 -0.91
CA VAL A 287 36.44 12.23 -0.59
C VAL A 287 36.71 12.60 0.86
N PRO A 288 37.19 11.64 1.68
CA PRO A 288 37.50 11.85 3.09
C PRO A 288 38.76 12.67 3.28
N GLU A 289 38.85 13.41 4.38
CA GLU A 289 40.01 14.24 4.67
C GLU A 289 41.31 13.54 4.32
N ILE A 290 41.38 12.25 4.59
CA ILE A 290 42.55 11.44 4.29
C ILE A 290 42.04 10.06 3.97
N ASP A 291 42.72 9.32 3.10
CA ASP A 291 42.26 7.99 2.77
C ASP A 291 42.23 7.09 3.99
N PRO A 292 41.16 6.30 4.15
CA PRO A 292 41.07 5.42 5.30
C PRO A 292 42.26 4.48 5.41
N GLU A 293 42.61 3.80 4.33
CA GLU A 293 43.72 2.87 4.35
C GLU A 293 45.05 3.54 4.63
N LEU A 294 45.28 4.70 4.01
CA LEU A 294 46.51 5.43 4.21
C LEU A 294 46.65 5.83 5.67
N ALA A 295 45.53 6.03 6.36
CA ALA A 295 45.56 6.42 7.76
C ALA A 295 45.95 5.24 8.64
N ARG A 296 45.42 4.05 8.33
CA ARG A 296 45.75 2.86 9.11
C ARG A 296 47.25 2.68 9.02
N GLU A 297 47.77 2.81 7.81
CA GLU A 297 49.19 2.65 7.59
C GLU A 297 50.07 3.69 8.30
N ALA A 298 49.59 4.92 8.38
CA ALA A 298 50.35 5.98 9.01
C ALA A 298 50.35 5.89 10.53
N GLY A 299 49.52 5.02 11.06
CA GLY A 299 49.48 4.85 12.51
C GLY A 299 48.20 5.21 13.23
N ALA A 300 47.07 5.08 12.55
CA ALA A 300 45.78 5.39 13.14
C ALA A 300 45.23 4.17 13.87
N PHE A 301 44.83 4.37 15.12
CA PHE A 301 44.27 3.29 15.92
C PHE A 301 42.86 2.95 15.45
N ILE A 302 42.08 3.98 15.18
CA ILE A 302 40.71 3.81 14.70
C ILE A 302 40.44 4.79 13.56
N VAL A 303 39.69 4.35 12.55
CA VAL A 303 39.38 5.21 11.42
C VAL A 303 37.91 5.10 11.02
N ALA A 304 37.30 6.23 10.71
CA ALA A 304 35.90 6.26 10.32
C ALA A 304 35.68 7.30 9.22
N THR A 305 34.77 7.00 8.29
CA THR A 305 34.49 7.92 7.20
C THR A 305 32.98 8.04 7.04
N GLY A 306 32.54 8.79 6.04
CA GLY A 306 31.12 8.93 5.82
C GLY A 306 30.66 7.90 4.81
N ARG A 307 31.63 7.38 4.06
CA ARG A 307 31.40 6.40 3.02
C ARG A 307 31.02 5.00 3.52
N SER A 308 30.32 4.26 2.67
CA SER A 308 29.89 2.91 2.99
C SER A 308 30.90 1.82 2.65
N ASP A 309 31.85 2.13 1.77
CA ASP A 309 32.87 1.15 1.34
C ASP A 309 33.96 0.90 2.33
N HIS A 310 33.82 1.44 3.53
CA HIS A 310 34.84 1.28 4.56
C HIS A 310 34.21 1.01 5.91
N PRO A 311 34.98 0.42 6.83
CA PRO A 311 34.43 0.13 8.15
C PRO A 311 34.04 1.41 8.87
N ASN A 312 33.25 1.24 9.91
CA ASN A 312 32.82 2.37 10.71
C ASN A 312 32.25 3.50 9.91
N GLN A 313 31.02 3.35 9.43
CA GLN A 313 30.41 4.43 8.68
C GLN A 313 29.62 5.25 9.66
N VAL A 314 29.83 6.56 9.63
CA VAL A 314 29.12 7.48 10.51
C VAL A 314 28.09 8.23 9.69
N ASN A 315 26.83 7.80 9.72
CA ASN A 315 25.79 8.49 8.95
C ASN A 315 24.50 8.75 9.74
N ASN A 316 23.90 9.91 9.50
CA ASN A 316 22.68 10.29 10.20
C ASN A 316 21.61 9.21 10.24
N LEU A 317 21.54 8.38 9.21
CA LEU A 317 20.51 7.35 9.14
C LEU A 317 20.36 6.59 10.43
N LEU A 318 21.43 6.51 11.19
CA LEU A 318 21.42 5.81 12.47
C LEU A 318 20.68 6.59 13.55
N ALA A 319 20.45 7.88 13.30
CA ALA A 319 19.80 8.75 14.27
C ALA A 319 18.45 9.38 13.96
N PHE A 320 18.24 9.88 12.74
CA PHE A 320 16.97 10.52 12.51
C PHE A 320 15.71 9.67 12.47
N PRO A 321 15.77 8.43 11.97
CA PRO A 321 14.51 7.69 11.97
C PRO A 321 13.92 7.59 13.39
N GLY A 322 14.75 7.18 14.35
CA GLY A 322 14.31 7.06 15.72
C GLY A 322 13.96 8.36 16.43
N ILE A 323 14.90 9.30 16.44
CA ILE A 323 14.68 10.59 17.09
C ILE A 323 13.35 11.19 16.65
N MET A 324 13.21 11.36 15.35
CA MET A 324 12.01 11.95 14.77
C MET A 324 10.74 11.21 15.17
N LYS A 325 10.77 9.88 15.18
CA LYS A 325 9.58 9.11 15.55
C LYS A 325 9.23 9.26 17.01
N GLY A 326 10.24 9.17 17.87
CA GLY A 326 10.01 9.30 19.30
C GLY A 326 9.55 10.68 19.71
N ALA A 327 10.03 11.72 19.04
CA ALA A 327 9.63 13.09 19.37
C ALA A 327 8.24 13.43 18.81
N VAL A 328 7.91 12.89 17.64
CA VAL A 328 6.62 13.16 16.99
C VAL A 328 5.46 12.45 17.70
N GLU A 329 5.78 11.37 18.39
CA GLU A 329 4.77 10.63 19.13
C GLU A 329 4.60 11.27 20.51
N LYS A 330 5.71 11.50 21.20
CA LYS A 330 5.67 12.17 22.50
C LYS A 330 5.23 13.63 22.35
N ARG A 331 4.79 13.97 21.15
CA ARG A 331 4.33 15.32 20.82
C ARG A 331 5.15 16.42 21.45
N SER A 332 6.46 16.25 21.56
CA SER A 332 7.28 17.27 22.19
C SER A 332 8.40 17.85 21.36
N LYS A 333 8.91 19.00 21.78
CA LYS A 333 10.00 19.65 21.09
C LYS A 333 11.22 18.77 21.24
N ILE A 334 12.25 19.03 20.45
CA ILE A 334 13.46 18.24 20.54
C ILE A 334 14.45 18.92 21.47
N THR A 335 14.66 18.30 22.63
CA THR A 335 15.55 18.86 23.63
C THR A 335 16.93 18.20 23.71
N LYS A 336 17.88 18.92 24.30
CA LYS A 336 19.24 18.45 24.43
C LYS A 336 19.26 17.14 25.18
N ASN A 337 18.29 16.95 26.05
CA ASN A 337 18.25 15.69 26.79
C ASN A 337 17.86 14.55 25.87
N MET A 338 16.92 14.80 24.98
CA MET A 338 16.44 13.79 24.04
C MET A 338 17.51 13.45 23.01
N LEU A 339 18.29 14.45 22.63
CA LEU A 339 19.44 14.24 21.76
C LEU A 339 20.57 13.47 22.44
N LEU A 340 20.85 13.76 23.69
CA LEU A 340 21.91 13.05 24.41
C LEU A 340 21.54 11.60 24.67
N SER A 341 20.26 11.33 24.88
CA SER A 341 19.80 9.98 25.13
C SER A 341 19.99 9.21 23.86
N ALA A 342 19.79 9.86 22.73
CA ALA A 342 19.96 9.21 21.44
C ALA A 342 21.43 8.86 21.24
N VAL A 343 22.32 9.71 21.75
CA VAL A 343 23.75 9.48 21.66
C VAL A 343 24.09 8.24 22.45
N GLU A 344 23.64 8.19 23.69
CA GLU A 344 23.87 7.02 24.51
C GLU A 344 23.22 5.81 23.86
N ALA A 345 21.96 5.95 23.48
CA ALA A 345 21.22 4.87 22.83
C ALA A 345 22.03 4.20 21.73
N ILE A 346 22.44 4.97 20.74
CA ILE A 346 23.23 4.45 19.64
C ILE A 346 24.50 3.78 20.15
N ALA A 347 25.28 4.51 20.94
CA ALA A 347 26.52 3.98 21.47
C ALA A 347 26.40 2.62 22.15
N ARG A 348 25.41 2.43 23.01
CA ARG A 348 25.28 1.15 23.70
C ARG A 348 24.57 0.09 22.86
N SER A 349 24.26 0.41 21.61
CA SER A 349 23.59 -0.55 20.74
C SER A 349 24.59 -1.47 20.04
N CYS A 350 25.69 -1.74 20.73
CA CYS A 350 26.73 -2.63 20.21
C CYS A 350 27.92 -2.64 21.17
N GLU A 351 28.78 -3.66 21.04
CA GLU A 351 29.97 -3.71 21.85
C GLU A 351 31.05 -3.22 20.90
N PRO A 352 31.66 -2.07 21.21
CA PRO A 352 32.71 -1.43 20.41
C PRO A 352 34.00 -2.20 20.14
N GLU A 353 34.52 -2.04 18.93
CA GLU A 353 35.74 -2.70 18.53
C GLU A 353 36.29 -1.88 17.39
N PRO A 354 37.62 -1.76 17.29
CA PRO A 354 38.33 -1.00 16.27
C PRO A 354 37.71 -0.94 14.87
N GLU A 355 37.22 -2.06 14.36
CA GLU A 355 36.63 -2.10 13.04
C GLU A 355 35.11 -2.02 13.09
N ARG A 356 34.58 -1.80 14.28
CA ARG A 356 33.14 -1.68 14.51
C ARG A 356 32.91 -0.92 15.81
N ILE A 357 32.92 0.42 15.73
CA ILE A 357 32.71 1.25 16.90
C ILE A 357 31.23 1.58 17.11
N ILE A 358 30.46 1.45 16.02
CA ILE A 358 29.02 1.70 16.03
C ILE A 358 28.37 0.73 15.05
N PRO A 359 27.06 0.47 15.20
CA PRO A 359 26.41 -0.46 14.29
C PRO A 359 26.15 0.12 12.89
N GLU A 360 25.53 -0.67 12.00
CA GLU A 360 25.23 -0.17 10.66
C GLU A 360 23.77 0.26 10.70
N ALA A 361 23.38 1.08 9.74
CA ALA A 361 22.02 1.57 9.69
C ALA A 361 20.98 0.48 9.56
N PHE A 362 21.38 -0.69 9.10
CA PHE A 362 20.45 -1.80 8.92
C PHE A 362 20.13 -2.59 10.16
N ASP A 363 20.90 -2.38 11.22
CA ASP A 363 20.65 -3.07 12.48
C ASP A 363 19.35 -2.47 13.04
N MET A 364 18.20 -3.09 12.75
CA MET A 364 16.92 -2.58 13.22
C MET A 364 16.84 -2.42 14.74
N LYS A 365 17.76 -3.05 15.47
CA LYS A 365 17.79 -2.95 16.92
C LYS A 365 18.12 -1.52 17.29
N VAL A 366 19.03 -0.90 16.56
CA VAL A 366 19.41 0.48 16.84
C VAL A 366 18.21 1.42 16.81
N HIS A 367 17.47 1.41 15.71
CA HIS A 367 16.30 2.27 15.55
C HIS A 367 15.26 2.11 16.64
N LEU A 368 15.20 0.95 17.27
CA LEU A 368 14.26 0.73 18.34
C LEU A 368 14.86 1.30 19.60
N ASN A 369 16.17 1.10 19.77
CA ASN A 369 16.83 1.63 20.95
C ASN A 369 16.77 3.13 20.95
N VAL A 370 16.88 3.75 19.78
CA VAL A 370 16.84 5.22 19.67
C VAL A 370 15.43 5.71 19.89
N TYR A 371 14.48 5.07 19.22
CA TYR A 371 13.09 5.43 19.35
C TYR A 371 12.69 5.34 20.82
N THR A 372 13.18 4.30 21.49
CA THR A 372 12.90 4.07 22.89
C THR A 372 13.47 5.18 23.75
N ALA A 373 14.73 5.53 23.52
CA ALA A 373 15.39 6.58 24.29
C ALA A 373 14.72 7.93 24.10
N VAL A 374 14.68 8.40 22.86
CA VAL A 374 14.07 9.68 22.56
C VAL A 374 12.68 9.79 23.13
N LYS A 375 11.94 8.69 23.08
CA LYS A 375 10.58 8.68 23.62
C LYS A 375 10.64 8.97 25.11
N GLY A 376 11.25 8.06 25.86
CA GLY A 376 11.35 8.22 27.31
C GLY A 376 12.09 9.43 27.83
N SER A 377 12.85 10.08 26.96
CA SER A 377 13.60 11.25 27.36
C SER A 377 12.71 12.45 27.46
N ALA A 378 13.26 13.50 28.06
CA ALA A 378 12.54 14.76 28.25
C ALA A 378 12.18 15.33 26.88
N ASP B 4 -17.01 -3.16 18.25
CA ASP B 4 -17.76 -4.36 17.72
C ASP B 4 -17.12 -4.99 16.49
N ALA B 5 -16.37 -6.07 16.71
CA ALA B 5 -15.68 -6.76 15.64
C ALA B 5 -16.51 -6.86 14.39
N LEU B 6 -17.72 -7.37 14.52
CA LEU B 6 -18.57 -7.52 13.35
C LEU B 6 -18.70 -6.26 12.49
N GLU B 7 -19.25 -5.19 13.03
CA GLU B 7 -19.40 -3.98 12.25
C GLU B 7 -18.09 -3.54 11.58
N LEU B 8 -16.96 -3.61 12.28
CA LEU B 8 -15.67 -3.19 11.75
C LEU B 8 -15.21 -4.10 10.62
N HIS B 9 -15.42 -5.38 10.69
CA HIS B 9 -15.01 -6.28 9.60
C HIS B 9 -15.81 -5.93 8.35
N ARG B 10 -17.10 -5.65 8.58
CA ARG B 10 -18.04 -5.29 7.55
C ARG B 10 -17.69 -3.92 6.95
N PHE B 11 -17.03 -3.07 7.73
CA PHE B 11 -16.66 -1.77 7.21
C PHE B 11 -15.46 -1.89 6.30
N LEU B 12 -14.42 -2.58 6.77
CA LEU B 12 -13.20 -2.77 6.00
C LEU B 12 -13.35 -3.68 4.79
N LYS B 13 -14.34 -4.57 4.83
CA LYS B 13 -14.57 -5.52 3.73
C LYS B 13 -13.27 -6.20 3.40
N GLY B 14 -12.52 -6.58 4.44
CA GLY B 14 -11.24 -7.23 4.22
C GLY B 14 -10.11 -6.65 5.04
N LYS B 15 -9.40 -7.51 5.76
CA LYS B 15 -8.28 -7.11 6.60
C LYS B 15 -6.97 -7.14 5.81
N ILE B 16 -7.04 -7.58 4.55
CA ILE B 16 -5.85 -7.66 3.72
C ILE B 16 -6.08 -7.19 2.29
N ARG B 17 -5.00 -6.73 1.66
CA ARG B 17 -5.05 -6.23 0.29
C ARG B 17 -3.69 -6.41 -0.34
N THR B 18 -3.67 -6.33 -1.66
CA THR B 18 -2.44 -6.43 -2.40
C THR B 18 -2.08 -4.97 -2.74
N ALA B 19 -1.08 -4.78 -3.57
CA ALA B 19 -0.69 -3.43 -3.92
C ALA B 19 0.50 -3.54 -4.85
N LEU B 20 0.40 -2.89 -6.00
CA LEU B 20 1.49 -2.94 -6.96
C LEU B 20 2.55 -1.91 -6.62
N PRO B 21 3.83 -2.28 -6.73
CA PRO B 21 4.90 -1.33 -6.43
C PRO B 21 4.70 -0.04 -7.23
N VAL B 22 4.80 -0.14 -8.56
CA VAL B 22 4.63 1.01 -9.45
C VAL B 22 3.26 1.63 -9.26
N GLU B 23 2.98 2.75 -9.91
CA GLU B 23 1.68 3.42 -9.78
C GLU B 23 0.86 3.58 -11.07
N LYS B 24 1.49 4.06 -12.13
CA LYS B 24 0.80 4.19 -13.40
C LYS B 24 1.46 3.23 -14.35
N VAL B 25 0.66 2.40 -15.01
CA VAL B 25 1.18 1.42 -15.94
C VAL B 25 1.20 2.00 -17.36
N ASP B 26 2.38 2.04 -17.96
CA ASP B 26 2.58 2.54 -19.31
C ASP B 26 3.17 1.40 -20.13
N ARG B 27 3.19 1.58 -21.46
CA ARG B 27 3.69 0.54 -22.37
C ARG B 27 5.14 0.09 -22.14
N GLU B 28 5.79 0.64 -21.13
CA GLU B 28 7.17 0.27 -20.81
C GLU B 28 7.17 -0.63 -19.58
N THR B 29 6.13 -0.46 -18.76
CA THR B 29 5.98 -1.23 -17.54
C THR B 29 5.69 -2.68 -17.86
N LEU B 30 4.77 -2.90 -18.80
CA LEU B 30 4.39 -4.24 -19.20
C LEU B 30 5.48 -4.98 -19.96
N SER B 31 6.32 -4.23 -20.64
CA SER B 31 7.39 -4.82 -21.41
C SER B 31 8.40 -5.48 -20.52
N LEU B 32 8.40 -5.07 -19.26
CA LEU B 32 9.35 -5.61 -18.29
C LEU B 32 8.69 -6.47 -17.24
N LEU B 33 7.48 -6.09 -16.83
CA LEU B 33 6.78 -6.89 -15.84
C LEU B 33 5.99 -8.03 -16.49
N TYR B 34 5.51 -7.81 -17.71
CA TYR B 34 4.79 -8.86 -18.42
C TYR B 34 5.57 -9.17 -19.71
N THR B 35 4.87 -9.56 -20.76
CA THR B 35 5.51 -9.93 -22.02
C THR B 35 5.97 -8.79 -22.92
N PRO B 36 7.15 -8.96 -23.57
CA PRO B 36 8.03 -10.14 -23.51
C PRO B 36 9.03 -10.16 -22.36
N GLY B 37 9.11 -9.07 -21.60
CA GLY B 37 10.06 -9.02 -20.51
C GLY B 37 9.97 -10.25 -19.62
N VAL B 38 8.83 -10.41 -18.97
CA VAL B 38 8.65 -11.52 -18.07
C VAL B 38 9.27 -12.80 -18.58
N ALA B 39 9.05 -13.11 -19.86
CA ALA B 39 9.58 -14.32 -20.49
C ALA B 39 11.00 -14.68 -20.06
N ASP B 40 11.89 -13.71 -20.13
CA ASP B 40 13.28 -13.92 -19.71
C ASP B 40 13.32 -14.44 -18.27
N VAL B 41 12.46 -13.88 -17.42
CA VAL B 41 12.39 -14.27 -16.02
C VAL B 41 11.82 -15.67 -15.86
N ALA B 42 10.85 -15.98 -16.70
CA ALA B 42 10.22 -17.29 -16.67
C ALA B 42 11.30 -18.32 -16.89
N ARG B 43 12.00 -18.19 -18.02
CA ARG B 43 13.06 -19.12 -18.38
C ARG B 43 14.07 -19.26 -17.25
N ALA B 44 14.55 -18.12 -16.75
CA ALA B 44 15.55 -18.09 -15.66
C ALA B 44 15.08 -18.91 -14.45
N CYS B 45 13.85 -18.64 -14.00
CA CYS B 45 13.28 -19.33 -12.85
C CYS B 45 13.08 -20.81 -13.11
N ALA B 46 12.78 -21.15 -14.37
CA ALA B 46 12.58 -22.55 -14.76
C ALA B 46 13.93 -23.24 -14.68
N GLU B 47 14.94 -22.58 -15.24
CA GLU B 47 16.31 -23.09 -15.24
C GLU B 47 16.62 -23.53 -13.81
N ASP B 48 16.59 -22.57 -12.89
CA ASP B 48 16.86 -22.82 -11.49
C ASP B 48 15.66 -22.45 -10.62
N PRO B 49 15.16 -23.39 -9.80
CA PRO B 49 14.02 -23.02 -8.96
C PRO B 49 14.35 -21.95 -7.92
N GLU B 50 15.50 -22.07 -7.26
CA GLU B 50 15.90 -21.11 -6.23
C GLU B 50 15.99 -19.67 -6.75
N LYS B 51 15.82 -19.46 -8.05
CA LYS B 51 15.89 -18.12 -8.58
C LYS B 51 14.59 -17.41 -8.26
N THR B 52 13.57 -18.20 -7.90
CA THR B 52 12.29 -17.63 -7.56
C THR B 52 12.42 -16.76 -6.31
N TYR B 53 13.47 -16.98 -5.53
CA TYR B 53 13.72 -16.20 -4.32
C TYR B 53 14.38 -14.86 -4.64
N VAL B 54 14.38 -14.46 -5.90
CA VAL B 54 15.04 -13.23 -6.25
C VAL B 54 14.34 -12.44 -7.35
N TYR B 55 13.41 -13.10 -8.04
CA TYR B 55 12.64 -12.44 -9.10
C TYR B 55 11.17 -12.45 -8.76
N THR B 56 10.81 -13.10 -7.65
CA THR B 56 9.41 -13.17 -7.23
C THR B 56 9.28 -12.89 -5.74
N SER B 57 8.06 -12.58 -5.31
CA SER B 57 7.85 -12.28 -3.90
C SER B 57 7.73 -13.54 -3.07
N ARG B 58 8.34 -14.61 -3.57
CA ARG B 58 8.30 -15.90 -2.88
C ARG B 58 9.14 -15.86 -1.62
N TRP B 59 10.21 -15.07 -1.65
CA TRP B 59 11.12 -14.96 -0.51
C TRP B 59 10.43 -14.40 0.73
N ASN B 60 9.27 -13.78 0.53
CA ASN B 60 8.57 -13.16 1.64
C ASN B 60 7.11 -13.57 1.78
N THR B 61 6.72 -14.64 1.11
CA THR B 61 5.33 -15.10 1.18
C THR B 61 5.14 -16.37 2.01
N VAL B 62 4.03 -16.41 2.72
CA VAL B 62 3.70 -17.53 3.58
C VAL B 62 2.22 -17.82 3.43
N ALA B 63 1.85 -19.08 3.43
CA ALA B 63 0.46 -19.48 3.31
C ALA B 63 -0.12 -19.90 4.67
N VAL B 64 -1.25 -19.32 5.04
CA VAL B 64 -1.89 -19.64 6.29
C VAL B 64 -2.95 -20.68 5.98
N VAL B 65 -2.57 -21.94 6.08
CA VAL B 65 -3.47 -23.06 5.77
C VAL B 65 -4.28 -23.65 6.91
N SER B 66 -5.58 -23.78 6.67
CA SER B 66 -6.50 -24.36 7.64
C SER B 66 -7.66 -25.02 6.92
N ASP B 67 -8.30 -25.97 7.59
CA ASP B 67 -9.43 -26.66 7.03
C ASP B 67 -10.63 -26.32 7.89
N GLY B 68 -10.37 -25.53 8.94
CA GLY B 68 -11.43 -25.11 9.83
C GLY B 68 -11.89 -26.20 10.77
N SER B 69 -11.04 -27.19 11.05
CA SER B 69 -11.43 -28.28 11.93
C SER B 69 -11.22 -28.01 13.41
N ALA B 70 -10.60 -26.89 13.73
CA ALA B 70 -10.38 -26.52 15.13
C ALA B 70 -10.17 -25.02 15.20
N VAL B 71 -11.14 -24.27 14.69
CA VAL B 71 -11.08 -22.81 14.67
C VAL B 71 -11.21 -22.26 16.07
N LEU B 72 -10.16 -21.62 16.56
CA LEU B 72 -10.16 -21.04 17.90
C LEU B 72 -10.76 -22.03 18.89
N GLY B 73 -11.69 -21.56 19.72
CA GLY B 73 -12.32 -22.45 20.67
C GLY B 73 -13.72 -22.82 20.22
N LEU B 74 -14.01 -22.63 18.93
CA LEU B 74 -15.33 -22.91 18.38
C LEU B 74 -15.55 -24.31 17.86
N GLY B 75 -14.47 -25.03 17.58
CA GLY B 75 -14.60 -26.39 17.09
C GLY B 75 -14.41 -26.48 15.58
N ASN B 76 -15.05 -27.49 15.00
CA ASN B 76 -14.95 -27.73 13.56
C ASN B 76 -16.03 -26.93 12.81
N ILE B 77 -15.89 -25.62 12.77
CA ILE B 77 -16.90 -24.81 12.11
C ILE B 77 -16.77 -24.76 10.58
N GLY B 78 -15.63 -25.21 10.06
CA GLY B 78 -15.47 -25.23 8.62
C GLY B 78 -14.51 -24.20 8.07
N PRO B 79 -14.23 -24.22 6.75
CA PRO B 79 -13.34 -23.26 6.10
C PRO B 79 -13.93 -21.87 5.94
N TYR B 80 -15.25 -21.79 5.77
CA TYR B 80 -15.92 -20.50 5.60
C TYR B 80 -15.85 -19.72 6.88
N GLY B 81 -15.97 -20.41 8.00
CA GLY B 81 -15.89 -19.75 9.28
C GLY B 81 -14.44 -19.46 9.66
N ALA B 82 -13.53 -20.27 9.15
CA ALA B 82 -12.12 -20.09 9.45
C ALA B 82 -11.50 -18.97 8.62
N LEU B 83 -12.07 -18.69 7.45
CA LEU B 83 -11.53 -17.67 6.57
C LEU B 83 -11.19 -16.37 7.26
N PRO B 84 -12.15 -15.77 8.00
CA PRO B 84 -11.90 -14.51 8.70
C PRO B 84 -10.83 -14.61 9.78
N VAL B 85 -10.73 -15.78 10.41
CA VAL B 85 -9.73 -15.96 11.42
C VAL B 85 -8.35 -16.10 10.79
N MET B 86 -8.30 -16.62 9.57
CA MET B 86 -7.03 -16.78 8.86
C MET B 86 -6.57 -15.43 8.32
N GLU B 87 -7.50 -14.54 7.99
CA GLU B 87 -7.09 -13.22 7.53
C GLU B 87 -6.51 -12.56 8.75
N GLY B 88 -7.00 -12.96 9.93
CA GLY B 88 -6.50 -12.42 11.17
C GLY B 88 -5.03 -12.74 11.30
N LYS B 89 -4.67 -14.02 11.23
CA LYS B 89 -3.28 -14.42 11.33
C LYS B 89 -2.47 -13.77 10.23
N ALA B 90 -3.08 -13.62 9.06
CA ALA B 90 -2.37 -13.03 7.94
C ALA B 90 -1.99 -11.60 8.26
N PHE B 91 -2.88 -10.91 8.96
CA PHE B 91 -2.65 -9.52 9.36
C PHE B 91 -1.49 -9.44 10.34
N LEU B 92 -1.51 -10.29 11.37
CA LEU B 92 -0.45 -10.30 12.37
C LEU B 92 0.91 -10.56 11.75
N PHE B 93 0.93 -11.33 10.67
CA PHE B 93 2.18 -11.64 9.97
C PHE B 93 2.76 -10.41 9.31
N LYS B 94 1.89 -9.59 8.72
CA LYS B 94 2.32 -8.37 8.06
C LYS B 94 2.69 -7.27 9.07
N ALA B 95 1.90 -7.21 10.13
CA ALA B 95 2.10 -6.22 11.16
C ALA B 95 3.35 -6.44 11.99
N PHE B 96 3.68 -7.69 12.32
CA PHE B 96 4.84 -7.95 13.17
C PHE B 96 6.11 -8.51 12.52
N ALA B 97 6.02 -8.95 11.27
CA ALA B 97 7.17 -9.50 10.58
C ALA B 97 7.23 -9.01 9.14
N ASP B 98 6.32 -8.13 8.78
CA ASP B 98 6.27 -7.59 7.45
C ASP B 98 6.29 -8.72 6.44
N ILE B 99 5.58 -9.80 6.74
CA ILE B 99 5.50 -10.95 5.85
C ILE B 99 4.22 -10.88 5.05
N ASP B 100 4.27 -11.24 3.77
CA ASP B 100 3.08 -11.23 2.93
C ASP B 100 2.38 -12.57 3.04
N ALA B 101 1.49 -12.69 4.01
CA ALA B 101 0.78 -13.94 4.26
C ALA B 101 -0.56 -14.00 3.57
N PHE B 102 -0.83 -15.11 2.88
CA PHE B 102 -2.09 -15.27 2.20
C PHE B 102 -2.83 -16.44 2.83
N PRO B 103 -4.06 -16.20 3.28
CA PRO B 103 -4.95 -17.16 3.92
C PRO B 103 -5.57 -18.16 2.95
N ILE B 104 -5.31 -19.44 3.19
CA ILE B 104 -5.81 -20.51 2.34
C ILE B 104 -6.63 -21.50 3.16
N CYS B 105 -7.94 -21.42 3.01
CA CYS B 105 -8.83 -22.29 3.73
C CYS B 105 -9.35 -23.35 2.81
N LEU B 106 -8.93 -24.59 3.07
CA LEU B 106 -9.28 -25.76 2.29
C LEU B 106 -10.59 -26.44 2.66
N SER B 107 -11.36 -26.81 1.64
CA SER B 107 -12.60 -27.52 1.89
C SER B 107 -12.29 -29.00 1.64
N GLU B 108 -11.57 -29.59 2.57
CA GLU B 108 -11.19 -30.99 2.49
C GLU B 108 -10.65 -31.36 3.86
N SER B 109 -11.31 -32.30 4.51
CA SER B 109 -10.93 -32.72 5.85
C SER B 109 -10.06 -33.98 5.96
N GLU B 110 -10.10 -34.87 4.96
CA GLU B 110 -9.29 -36.08 5.01
C GLU B 110 -7.80 -35.77 4.97
N GLU B 111 -7.11 -36.14 6.04
CA GLU B 111 -5.68 -35.88 6.20
C GLU B 111 -4.74 -36.22 5.05
N GLU B 112 -4.94 -37.35 4.38
CA GLU B 112 -4.06 -37.70 3.28
C GLU B 112 -4.23 -36.78 2.08
N LYS B 113 -5.37 -36.08 2.01
CA LYS B 113 -5.64 -35.19 0.91
C LYS B 113 -5.23 -33.77 1.23
N ILE B 114 -5.28 -33.43 2.51
CA ILE B 114 -4.84 -32.11 2.94
C ILE B 114 -3.35 -32.10 2.59
N ILE B 115 -2.66 -33.17 2.95
CA ILE B 115 -1.25 -33.28 2.70
C ILE B 115 -0.90 -33.23 1.22
N SER B 116 -1.60 -33.99 0.39
CA SER B 116 -1.29 -33.99 -1.04
C SER B 116 -1.64 -32.66 -1.69
N ILE B 117 -2.55 -31.89 -1.09
CA ILE B 117 -2.93 -30.59 -1.63
C ILE B 117 -1.89 -29.54 -1.32
N VAL B 118 -1.50 -29.45 -0.06
CA VAL B 118 -0.52 -28.46 0.36
C VAL B 118 0.82 -28.68 -0.32
N LYS B 119 1.24 -29.93 -0.46
CA LYS B 119 2.52 -30.25 -1.09
C LYS B 119 2.66 -29.59 -2.47
N SER B 120 1.53 -29.46 -3.15
CA SER B 120 1.50 -28.88 -4.48
C SER B 120 1.56 -27.37 -4.48
N LEU B 121 1.47 -26.75 -3.31
CA LEU B 121 1.50 -25.30 -3.25
C LEU B 121 2.90 -24.73 -3.12
N GLU B 122 3.86 -25.60 -2.82
CA GLU B 122 5.25 -25.21 -2.61
C GLU B 122 5.82 -24.18 -3.59
N PRO B 123 5.51 -24.30 -4.88
CA PRO B 123 6.07 -23.33 -5.82
C PRO B 123 5.67 -21.89 -5.56
N SER B 124 4.53 -21.69 -4.91
CA SER B 124 4.02 -20.34 -4.66
C SER B 124 4.42 -19.64 -3.37
N PHE B 125 4.82 -20.40 -2.35
CA PHE B 125 5.18 -19.85 -1.05
C PHE B 125 6.58 -20.16 -0.56
N GLY B 126 7.07 -19.36 0.37
CA GLY B 126 8.38 -19.59 0.92
C GLY B 126 8.25 -20.34 2.23
N GLY B 127 7.02 -20.46 2.69
CA GLY B 127 6.73 -21.16 3.94
C GLY B 127 5.25 -21.43 4.13
N ILE B 128 4.91 -22.38 4.99
CA ILE B 128 3.52 -22.72 5.26
C ILE B 128 3.26 -22.57 6.74
N ASN B 129 2.05 -22.13 7.09
CA ASN B 129 1.69 -22.01 8.49
C ASN B 129 0.36 -22.70 8.78
N LEU B 130 0.43 -23.96 9.19
CA LEU B 130 -0.75 -24.73 9.53
C LEU B 130 -1.43 -24.10 10.74
N GLU B 131 -2.68 -23.71 10.56
CA GLU B 131 -3.44 -23.06 11.60
C GLU B 131 -4.79 -23.72 11.82
N ASP B 132 -5.23 -23.71 13.07
CA ASP B 132 -6.51 -24.26 13.46
C ASP B 132 -6.97 -25.52 12.71
N ILE B 133 -6.17 -26.57 12.82
CA ILE B 133 -6.43 -27.88 12.23
C ILE B 133 -6.50 -28.81 13.44
N GLY B 134 -7.64 -29.47 13.61
CA GLY B 134 -7.83 -30.36 14.74
C GLY B 134 -6.81 -31.43 15.02
N ALA B 135 -6.91 -32.02 16.21
CA ALA B 135 -6.04 -33.10 16.64
C ALA B 135 -6.93 -34.35 16.70
N PRO B 136 -6.34 -35.54 16.56
CA PRO B 136 -4.92 -35.80 16.36
C PRO B 136 -4.38 -35.76 14.91
N LYS B 137 -5.24 -35.48 13.93
CA LYS B 137 -4.74 -35.48 12.56
C LYS B 137 -3.70 -34.41 12.28
N CYS B 138 -3.72 -33.34 13.07
CA CYS B 138 -2.76 -32.26 12.88
C CYS B 138 -1.36 -32.75 13.14
N PHE B 139 -1.23 -33.83 13.93
CA PHE B 139 0.09 -34.38 14.23
C PHE B 139 0.74 -35.01 13.02
N ARG B 140 0.01 -35.89 12.36
CA ARG B 140 0.52 -36.59 11.19
C ARG B 140 0.71 -35.62 10.04
N ILE B 141 -0.22 -34.68 9.91
CA ILE B 141 -0.15 -33.70 8.85
C ILE B 141 1.11 -32.86 8.98
N LEU B 142 1.36 -32.36 10.18
CA LEU B 142 2.53 -31.53 10.42
C LEU B 142 3.82 -32.26 10.14
N GLN B 143 3.91 -33.48 10.66
CA GLN B 143 5.09 -34.33 10.48
C GLN B 143 5.39 -34.65 9.03
N ARG B 144 4.41 -35.18 8.32
CA ARG B 144 4.57 -35.53 6.90
C ARG B 144 4.97 -34.32 6.07
N LEU B 145 4.25 -33.23 6.25
CA LEU B 145 4.54 -32.02 5.50
C LEU B 145 5.93 -31.49 5.73
N SER B 146 6.34 -31.34 6.97
CA SER B 146 7.68 -30.82 7.26
C SER B 146 8.78 -31.70 6.64
N GLU B 147 8.52 -32.99 6.51
CA GLU B 147 9.47 -33.94 5.93
C GLU B 147 9.43 -33.88 4.41
N GLU B 148 8.23 -33.94 3.85
CA GLU B 148 8.02 -33.94 2.43
C GLU B 148 8.20 -32.64 1.64
N MET B 149 8.24 -31.48 2.31
CA MET B 149 8.37 -30.21 1.61
C MET B 149 9.68 -29.53 1.90
N ASN B 150 10.18 -28.76 0.94
CA ASN B 150 11.43 -28.04 1.10
C ASN B 150 11.35 -26.72 1.80
N ILE B 151 10.18 -26.13 1.82
CA ILE B 151 9.98 -24.85 2.49
C ILE B 151 9.59 -25.16 3.93
N PRO B 152 9.78 -24.21 4.85
CA PRO B 152 9.43 -24.45 6.27
C PRO B 152 7.92 -24.61 6.56
N VAL B 153 7.59 -25.53 7.45
CA VAL B 153 6.21 -25.79 7.82
C VAL B 153 6.12 -25.64 9.32
N PHE B 154 5.18 -24.80 9.74
CA PHE B 154 4.98 -24.48 11.15
C PHE B 154 3.50 -24.57 11.46
N HIS B 155 3.17 -24.93 12.72
CA HIS B 155 1.79 -25.03 13.19
C HIS B 155 1.76 -24.41 14.57
N ASP B 156 1.29 -23.17 14.65
CA ASP B 156 1.20 -22.44 15.91
C ASP B 156 0.70 -23.19 17.14
N ASP B 157 -0.56 -23.57 17.08
CA ASP B 157 -1.17 -24.24 18.20
C ASP B 157 -0.28 -25.35 18.79
N GLN B 158 0.57 -25.97 17.97
CA GLN B 158 1.47 -27.03 18.44
C GLN B 158 2.85 -26.52 18.84
N GLN B 159 3.67 -26.29 17.84
CA GLN B 159 5.03 -25.80 18.03
C GLN B 159 5.08 -24.38 18.56
N GLY B 160 4.16 -23.52 18.11
CA GLY B 160 4.15 -22.15 18.57
C GLY B 160 3.97 -22.09 20.07
N THR B 161 2.90 -22.71 20.53
CA THR B 161 2.60 -22.75 21.95
C THR B 161 3.77 -23.27 22.77
N ALA B 162 4.29 -24.43 22.39
CA ALA B 162 5.39 -25.06 23.09
C ALA B 162 6.58 -24.15 23.25
N VAL B 163 6.83 -23.29 22.26
CA VAL B 163 7.95 -22.37 22.32
C VAL B 163 7.69 -21.36 23.39
N VAL B 164 6.57 -20.68 23.31
CA VAL B 164 6.26 -19.66 24.31
C VAL B 164 6.18 -20.22 25.73
N VAL B 165 5.49 -21.34 25.91
CA VAL B 165 5.37 -21.95 27.22
C VAL B 165 6.74 -22.28 27.79
N SER B 166 7.60 -22.87 26.99
CA SER B 166 8.94 -23.20 27.47
C SER B 166 9.63 -21.96 27.94
N ALA B 167 9.58 -20.90 27.16
CA ALA B 167 10.20 -19.64 27.55
C ALA B 167 9.69 -19.23 28.90
N ALA B 168 8.37 -19.11 29.03
CA ALA B 168 7.75 -18.74 30.30
C ALA B 168 8.27 -19.64 31.40
N PHE B 169 8.24 -20.94 31.16
CA PHE B 169 8.72 -21.94 32.12
C PHE B 169 10.12 -21.63 32.60
N LEU B 170 11.04 -21.48 31.66
CA LEU B 170 12.43 -21.21 31.98
C LEU B 170 12.58 -20.00 32.88
N ASN B 171 11.96 -18.88 32.53
CA ASN B 171 12.06 -17.72 33.39
C ASN B 171 11.48 -17.98 34.78
N ALA B 172 10.30 -18.56 34.85
CA ALA B 172 9.68 -18.83 36.14
C ALA B 172 10.58 -19.75 36.96
N LEU B 173 11.17 -20.76 36.32
CA LEU B 173 12.06 -21.71 37.00
C LEU B 173 13.22 -20.97 37.64
N LYS B 174 13.75 -19.99 36.93
CA LYS B 174 14.85 -19.20 37.44
C LYS B 174 14.42 -18.52 38.74
N LEU B 175 13.26 -17.86 38.69
CA LEU B 175 12.73 -17.14 39.87
C LEU B 175 12.42 -18.07 41.02
N THR B 176 12.16 -19.33 40.69
CA THR B 176 11.84 -20.35 41.68
C THR B 176 13.13 -20.91 42.26
N GLU B 177 14.21 -20.75 41.51
CA GLU B 177 15.55 -21.20 41.91
C GLU B 177 15.72 -22.69 42.12
N LYS B 178 14.79 -23.48 41.62
CA LYS B 178 14.91 -24.92 41.76
C LYS B 178 15.70 -25.47 40.57
N LYS B 179 16.12 -26.72 40.67
CA LYS B 179 16.89 -27.35 39.60
C LYS B 179 15.95 -27.96 38.57
N ILE B 180 16.25 -27.74 37.29
CA ILE B 180 15.39 -28.25 36.23
C ILE B 180 15.25 -29.76 36.25
N GLU B 181 16.36 -30.47 36.41
CA GLU B 181 16.32 -31.93 36.41
C GLU B 181 15.78 -32.51 37.73
N GLU B 182 15.14 -31.67 38.54
CA GLU B 182 14.60 -32.13 39.83
C GLU B 182 13.18 -31.67 40.15
N VAL B 183 12.55 -30.94 39.24
CA VAL B 183 11.20 -30.46 39.50
C VAL B 183 10.13 -31.37 38.91
N LYS B 184 8.95 -31.36 39.53
CA LYS B 184 7.81 -32.15 39.08
C LYS B 184 6.82 -31.21 38.41
N VAL B 185 6.60 -31.44 37.11
CA VAL B 185 5.69 -30.60 36.33
C VAL B 185 4.46 -31.34 35.89
N VAL B 186 3.29 -30.84 36.26
CA VAL B 186 2.04 -31.47 35.85
C VAL B 186 1.49 -30.74 34.62
N VAL B 187 1.31 -31.48 33.54
CA VAL B 187 0.80 -30.95 32.30
C VAL B 187 -0.60 -31.47 32.09
N ASN B 188 -1.60 -30.62 32.28
CA ASN B 188 -3.00 -31.03 32.14
C ASN B 188 -3.57 -30.74 30.75
N GLY B 189 -4.08 -31.77 30.09
CA GLY B 189 -4.64 -31.59 28.76
C GLY B 189 -3.62 -31.92 27.68
N ILE B 190 -3.53 -33.20 27.31
CA ILE B 190 -2.57 -33.63 26.31
C ILE B 190 -3.12 -33.60 24.90
N GLY B 191 -3.49 -32.41 24.45
CA GLY B 191 -4.02 -32.27 23.10
C GLY B 191 -2.93 -31.78 22.16
N ALA B 192 -3.32 -30.95 21.20
CA ALA B 192 -2.41 -30.40 20.21
C ALA B 192 -1.25 -29.67 20.85
N ALA B 193 -1.54 -28.89 21.88
CA ALA B 193 -0.51 -28.14 22.57
C ALA B 193 0.13 -29.02 23.61
N GLY B 194 -0.70 -29.65 24.44
CA GLY B 194 -0.19 -30.53 25.47
C GLY B 194 0.92 -31.44 24.98
N TYR B 195 0.63 -32.26 23.98
CA TYR B 195 1.59 -33.17 23.41
C TYR B 195 2.96 -32.52 23.26
N ASN B 196 3.02 -31.48 22.42
CA ASN B 196 4.27 -30.76 22.18
C ASN B 196 4.92 -30.17 23.42
N ILE B 197 4.12 -29.60 24.31
CA ILE B 197 4.65 -29.03 25.52
C ILE B 197 5.46 -30.04 26.34
N VAL B 198 4.95 -31.26 26.45
CA VAL B 198 5.64 -32.31 27.20
C VAL B 198 7.00 -32.56 26.59
N LYS B 199 7.02 -32.86 25.29
CA LYS B 199 8.27 -33.13 24.62
C LYS B 199 9.30 -32.03 24.81
N PHE B 200 8.87 -30.78 24.81
CA PHE B 200 9.81 -29.68 24.99
C PHE B 200 10.41 -29.67 26.38
N LEU B 201 9.56 -29.85 27.39
CA LEU B 201 10.03 -29.87 28.76
C LEU B 201 11.06 -30.97 28.92
N LEU B 202 10.81 -32.11 28.26
CA LEU B 202 11.74 -33.22 28.33
C LEU B 202 13.04 -32.80 27.66
N ASP B 203 12.96 -32.26 26.44
CA ASP B 203 14.15 -31.82 25.71
C ASP B 203 14.99 -30.86 26.53
N LEU B 204 14.33 -29.81 27.05
CA LEU B 204 15.00 -28.81 27.86
C LEU B 204 15.75 -29.43 29.04
N GLY B 205 15.14 -30.41 29.69
CA GLY B 205 15.83 -31.03 30.80
C GLY B 205 14.98 -31.45 31.98
N VAL B 206 13.67 -31.33 31.87
CA VAL B 206 12.81 -31.73 32.98
C VAL B 206 12.75 -33.24 32.98
N LYS B 207 12.80 -33.82 34.18
CA LYS B 207 12.79 -35.29 34.32
C LYS B 207 11.46 -35.88 34.76
N ASN B 208 10.88 -35.34 35.83
CA ASN B 208 9.62 -35.86 36.33
C ASN B 208 8.42 -35.07 35.83
N VAL B 209 7.97 -35.38 34.61
CA VAL B 209 6.81 -34.73 33.99
C VAL B 209 5.62 -35.68 34.07
N VAL B 210 4.50 -35.19 34.59
CA VAL B 210 3.31 -36.02 34.73
C VAL B 210 2.18 -35.53 33.83
N ALA B 211 1.81 -36.37 32.87
CA ALA B 211 0.74 -36.05 31.91
C ALA B 211 -0.60 -36.38 32.51
N VAL B 212 -1.55 -35.47 32.39
CA VAL B 212 -2.88 -35.68 32.94
C VAL B 212 -3.95 -35.30 31.92
N ASP B 213 -4.88 -36.22 31.66
CA ASP B 213 -5.96 -35.94 30.72
C ASP B 213 -7.32 -36.30 31.30
N ARG B 214 -8.33 -36.40 30.44
CA ARG B 214 -9.69 -36.72 30.85
C ARG B 214 -9.77 -37.94 31.76
N LYS B 215 -8.89 -38.91 31.53
CA LYS B 215 -8.91 -40.13 32.32
C LYS B 215 -7.84 -40.19 33.41
N GLY B 216 -7.36 -39.03 33.84
CA GLY B 216 -6.35 -38.98 34.88
C GLY B 216 -4.93 -39.12 34.37
N ILE B 217 -4.02 -39.39 35.30
CA ILE B 217 -2.60 -39.53 34.96
C ILE B 217 -2.37 -40.57 33.86
N LEU B 218 -1.66 -40.17 32.81
CA LEU B 218 -1.35 -41.08 31.72
C LEU B 218 -0.33 -42.08 32.21
N ASN B 219 -0.69 -43.35 32.17
CA ASN B 219 0.19 -44.38 32.66
C ASN B 219 0.09 -45.58 31.75
N GLU B 220 1.24 -46.06 31.28
CA GLU B 220 1.29 -47.23 30.40
C GLU B 220 0.37 -48.35 30.94
N ASN B 221 0.60 -48.72 32.20
CA ASN B 221 -0.15 -49.76 32.90
C ASN B 221 -1.66 -49.65 32.76
N ASP B 222 -2.24 -48.50 33.15
CA ASP B 222 -3.69 -48.29 33.05
C ASP B 222 -4.01 -47.85 31.63
N PRO B 223 -4.25 -48.80 30.70
CA PRO B 223 -4.56 -48.44 29.30
C PRO B 223 -5.81 -47.58 29.13
N GLU B 224 -6.55 -47.39 30.23
CA GLU B 224 -7.77 -46.56 30.24
C GLU B 224 -7.39 -45.14 29.84
N THR B 225 -6.28 -44.69 30.43
CA THR B 225 -5.75 -43.36 30.22
C THR B 225 -5.11 -43.20 28.84
N CYS B 226 -4.64 -44.30 28.27
CA CYS B 226 -4.04 -44.25 26.94
C CYS B 226 -5.11 -44.29 25.87
N LEU B 227 -5.73 -43.13 25.63
CA LEU B 227 -6.77 -43.00 24.60
C LEU B 227 -6.15 -43.37 23.23
N ASN B 228 -5.68 -42.40 22.45
CA ASN B 228 -5.07 -42.78 21.16
C ASN B 228 -3.58 -43.10 21.30
N GLU B 229 -2.93 -43.44 20.19
CA GLU B 229 -1.51 -43.78 20.18
C GLU B 229 -0.58 -42.69 20.72
N TYR B 230 -1.15 -41.63 21.29
CA TYR B 230 -0.37 -40.52 21.82
C TYR B 230 -0.73 -40.24 23.29
N GLU B 233 1.78 -42.88 23.87
CA GLU B 233 3.20 -42.61 23.66
C GLU B 233 3.76 -41.73 24.75
N ILE B 234 3.01 -40.70 25.11
CA ILE B 234 3.42 -39.75 26.15
C ILE B 234 3.57 -40.46 27.49
N ALA B 235 2.81 -41.53 27.67
CA ALA B 235 2.86 -42.31 28.91
C ALA B 235 4.16 -43.12 29.02
N ARG B 236 4.77 -43.42 27.88
CA ARG B 236 6.01 -44.19 27.86
C ARG B 236 7.24 -43.33 28.07
N ILE B 237 7.12 -42.02 27.89
CA ILE B 237 8.27 -41.12 28.07
C ILE B 237 8.12 -40.14 29.24
N THR B 238 7.09 -40.35 30.05
CA THR B 238 6.84 -39.51 31.21
C THR B 238 6.49 -40.35 32.42
N ASN B 239 6.07 -39.68 33.49
CA ASN B 239 5.65 -40.32 34.72
C ASN B 239 6.63 -41.38 35.18
N PRO B 240 7.84 -40.96 35.62
CA PRO B 240 8.84 -41.91 36.10
C PRO B 240 8.52 -42.53 37.47
N GLU B 241 7.94 -41.75 38.39
CA GLU B 241 7.59 -42.30 39.71
C GLU B 241 6.39 -43.24 39.57
N ARG B 242 6.08 -43.61 38.32
CA ARG B 242 4.97 -44.50 37.98
C ARG B 242 3.67 -44.18 38.73
N LEU B 243 3.42 -42.90 38.94
CA LEU B 243 2.23 -42.44 39.66
C LEU B 243 0.94 -42.90 38.97
N SER B 244 -0.18 -42.72 39.65
CA SER B 244 -1.47 -43.13 39.12
C SER B 244 -2.60 -42.44 39.89
N GLY B 245 -3.66 -42.04 39.18
CA GLY B 245 -4.78 -41.36 39.82
C GLY B 245 -5.31 -40.18 39.02
N ASP B 246 -5.99 -39.27 39.69
CA ASP B 246 -6.57 -38.09 39.04
C ASP B 246 -5.70 -36.85 39.15
N LEU B 247 -6.18 -35.73 38.65
CA LEU B 247 -5.43 -34.48 38.70
C LEU B 247 -4.95 -34.15 40.10
N GLU B 248 -5.87 -34.16 41.07
CA GLU B 248 -5.55 -33.85 42.46
C GLU B 248 -4.41 -34.72 43.00
N THR B 249 -4.35 -35.94 42.51
CA THR B 249 -3.30 -36.89 42.90
C THR B 249 -1.94 -36.46 42.36
N ALA B 250 -1.92 -36.06 41.09
CA ALA B 250 -0.71 -35.64 40.42
C ALA B 250 -0.14 -34.33 40.91
N LEU B 251 -0.95 -33.51 41.56
CA LEU B 251 -0.47 -32.22 42.03
C LEU B 251 0.29 -32.29 43.34
N GLU B 252 0.30 -33.47 43.96
CA GLU B 252 1.00 -33.66 45.23
C GLU B 252 2.51 -33.48 45.13
N GLY B 253 3.03 -32.44 45.78
CA GLY B 253 4.46 -32.18 45.74
C GLY B 253 4.94 -31.59 44.43
N ALA B 254 4.01 -31.37 43.51
CA ALA B 254 4.30 -30.81 42.20
C ALA B 254 4.78 -29.37 42.30
N ASP B 255 5.73 -29.00 41.44
CA ASP B 255 6.31 -27.65 41.44
C ASP B 255 5.68 -26.73 40.39
N PHE B 256 5.19 -27.32 39.30
CA PHE B 256 4.59 -26.56 38.23
C PHE B 256 3.31 -27.20 37.74
N PHE B 257 2.36 -26.37 37.33
CA PHE B 257 1.11 -26.86 36.77
C PHE B 257 0.95 -26.14 35.45
N ILE B 258 1.00 -26.89 34.36
CA ILE B 258 0.83 -26.26 33.07
C ILE B 258 -0.47 -26.80 32.51
N GLY B 259 -1.54 -26.03 32.66
CA GLY B 259 -2.83 -26.45 32.17
C GLY B 259 -3.15 -25.86 30.83
N VAL B 260 -3.58 -26.71 29.89
CA VAL B 260 -3.92 -26.27 28.56
C VAL B 260 -5.10 -27.17 28.14
N SER B 261 -6.13 -27.17 29.00
CA SER B 261 -7.34 -27.97 28.86
C SER B 261 -8.71 -27.23 28.89
N ARG B 262 -9.37 -27.25 30.05
CA ARG B 262 -10.65 -26.56 30.22
C ARG B 262 -10.64 -25.65 31.44
N GLY B 263 -11.72 -24.92 31.65
CA GLY B 263 -11.77 -24.00 32.76
C GLY B 263 -12.36 -24.47 34.07
N ASN B 264 -11.92 -23.81 35.14
CA ASN B 264 -12.35 -24.11 36.49
C ASN B 264 -12.33 -25.58 36.82
N ILE B 265 -11.17 -26.22 36.65
CA ILE B 265 -11.05 -27.64 36.94
C ILE B 265 -10.00 -27.88 38.02
N LEU B 266 -9.23 -26.83 38.34
CA LEU B 266 -8.21 -26.93 39.37
C LEU B 266 -8.76 -26.24 40.61
N LYS B 267 -9.02 -26.99 41.67
CA LYS B 267 -9.54 -26.42 42.89
C LYS B 267 -8.48 -25.71 43.74
N PRO B 268 -8.72 -24.43 44.09
CA PRO B 268 -7.83 -23.59 44.88
C PRO B 268 -7.14 -24.27 46.05
N GLU B 269 -7.83 -25.20 46.67
CA GLU B 269 -7.22 -25.88 47.79
C GLU B 269 -6.17 -26.92 47.42
N TRP B 270 -6.22 -27.44 46.20
CA TRP B 270 -5.23 -28.43 45.81
C TRP B 270 -3.87 -27.78 45.66
N ILE B 271 -3.86 -26.46 45.52
CA ILE B 271 -2.62 -25.71 45.35
C ILE B 271 -1.73 -25.77 46.61
N LYS B 272 -2.36 -25.85 47.77
CA LYS B 272 -1.63 -25.90 49.03
C LYS B 272 -0.96 -27.28 49.24
N LYS B 273 -1.28 -28.24 48.37
CA LYS B 273 -0.72 -29.58 48.44
C LYS B 273 0.49 -29.69 47.52
N MET B 274 0.81 -28.61 46.82
CA MET B 274 1.96 -28.56 45.92
C MET B 274 3.16 -28.05 46.71
N SER B 275 4.35 -28.35 46.23
CA SER B 275 5.57 -27.92 46.91
C SER B 275 5.58 -26.41 47.12
N ARG B 276 6.60 -25.91 47.83
CA ARG B 276 6.69 -24.48 48.08
C ARG B 276 6.82 -23.71 46.78
N LYS B 277 6.27 -22.49 46.77
CA LYS B 277 6.30 -21.62 45.59
C LYS B 277 5.90 -22.36 44.32
N PRO B 278 4.61 -22.70 44.21
CA PRO B 278 4.11 -23.42 43.04
C PRO B 278 3.82 -22.47 41.88
N VAL B 279 4.22 -22.86 40.68
CA VAL B 279 4.00 -22.06 39.48
C VAL B 279 2.74 -22.56 38.82
N ILE B 280 1.87 -21.64 38.43
CA ILE B 280 0.60 -22.02 37.81
C ILE B 280 0.38 -21.38 36.47
N PHE B 281 0.45 -22.18 35.42
CA PHE B 281 0.20 -21.71 34.06
C PHE B 281 -1.19 -22.23 33.74
N ALA B 282 -2.17 -21.34 33.73
CA ALA B 282 -3.54 -21.74 33.42
C ALA B 282 -3.85 -21.15 32.06
N LEU B 283 -3.31 -21.79 31.02
CA LEU B 283 -3.45 -21.32 29.67
C LEU B 283 -4.71 -21.72 28.91
N ALA B 284 -5.76 -22.10 29.61
CA ALA B 284 -6.99 -22.47 28.92
C ALA B 284 -7.81 -21.24 28.60
N ASN B 285 -8.36 -21.20 27.39
CA ASN B 285 -9.19 -20.09 26.96
C ASN B 285 -10.60 -20.63 26.73
N PRO B 286 -11.63 -19.80 26.95
CA PRO B 286 -11.49 -18.42 27.40
C PRO B 286 -11.36 -18.39 28.92
N VAL B 287 -11.78 -19.48 29.54
CA VAL B 287 -11.72 -19.60 30.99
C VAL B 287 -10.50 -20.44 31.38
N PRO B 288 -9.62 -19.88 32.24
CA PRO B 288 -8.41 -20.56 32.71
C PRO B 288 -8.73 -21.68 33.67
N GLU B 289 -7.86 -22.69 33.74
CA GLU B 289 -8.03 -23.83 34.64
C GLU B 289 -8.52 -23.40 36.02
N ILE B 290 -7.99 -22.28 36.50
CA ILE B 290 -8.36 -21.71 37.79
C ILE B 290 -8.22 -20.21 37.64
N ASP B 291 -9.01 -19.45 38.36
CA ASP B 291 -8.92 -18.00 38.25
C ASP B 291 -7.55 -17.51 38.68
N PRO B 292 -6.98 -16.57 37.94
CA PRO B 292 -5.66 -16.04 38.27
C PRO B 292 -5.62 -15.48 39.68
N GLU B 293 -6.56 -14.62 40.03
CA GLU B 293 -6.58 -14.03 41.35
C GLU B 293 -6.77 -15.05 42.45
N LEU B 294 -7.66 -16.01 42.23
CA LEU B 294 -7.93 -17.04 43.21
C LEU B 294 -6.69 -17.86 43.47
N ALA B 295 -5.84 -17.98 42.46
CA ALA B 295 -4.61 -18.75 42.60
C ALA B 295 -3.57 -17.99 43.45
N ARG B 296 -3.48 -16.67 43.24
CA ARG B 296 -2.54 -15.86 44.03
C ARG B 296 -2.93 -16.02 45.47
N GLU B 297 -4.23 -15.93 45.73
CA GLU B 297 -4.74 -16.04 47.09
C GLU B 297 -4.50 -17.41 47.73
N ALA B 298 -4.61 -18.47 46.92
CA ALA B 298 -4.44 -19.82 47.44
C ALA B 298 -2.98 -20.16 47.71
N GLY B 299 -2.07 -19.30 47.27
CA GLY B 299 -0.66 -19.55 47.54
C GLY B 299 0.23 -19.79 46.34
N ALA B 300 -0.13 -19.20 45.20
CA ALA B 300 0.65 -19.35 43.99
C ALA B 300 1.75 -18.31 43.92
N PHE B 301 2.99 -18.75 43.70
CA PHE B 301 4.12 -17.85 43.61
C PHE B 301 4.08 -17.06 42.30
N ILE B 302 3.77 -17.77 41.22
CA ILE B 302 3.67 -17.17 39.89
C ILE B 302 2.44 -17.69 39.18
N VAL B 303 1.76 -16.83 38.43
CA VAL B 303 0.56 -17.22 37.70
C VAL B 303 0.57 -16.64 36.29
N ALA B 304 0.14 -17.46 35.34
CA ALA B 304 0.08 -17.04 33.95
C ALA B 304 -1.16 -17.62 33.27
N THR B 305 -1.75 -16.86 32.35
CA THR B 305 -2.92 -17.34 31.63
C THR B 305 -2.74 -17.05 30.15
N GLY B 306 -3.75 -17.37 29.37
CA GLY B 306 -3.66 -17.12 27.95
C GLY B 306 -4.25 -15.77 27.67
N ARG B 307 -5.07 -15.31 28.61
CA ARG B 307 -5.77 -14.04 28.51
C ARG B 307 -4.90 -12.79 28.63
N SER B 308 -5.38 -11.70 28.02
CA SER B 308 -4.68 -10.41 28.05
C SER B 308 -4.99 -9.54 29.27
N ASP B 309 -6.13 -9.78 29.92
CA ASP B 309 -6.54 -9.01 31.10
C ASP B 309 -5.78 -9.37 32.38
N HIS B 310 -4.72 -10.14 32.27
CA HIS B 310 -3.97 -10.52 33.45
C HIS B 310 -2.48 -10.50 33.16
N PRO B 311 -1.66 -10.41 34.21
CA PRO B 311 -0.22 -10.39 33.98
C PRO B 311 0.26 -11.70 33.36
N ASN B 312 1.47 -11.66 32.84
CA ASN B 312 2.06 -12.83 32.22
C ASN B 312 1.17 -13.51 31.23
N GLN B 313 1.04 -12.95 30.04
CA GLN B 313 0.23 -13.60 29.03
C GLN B 313 1.15 -14.45 28.17
N VAL B 314 0.78 -15.71 28.01
CA VAL B 314 1.56 -16.64 27.22
C VAL B 314 0.85 -16.86 25.90
N ASN B 315 1.27 -16.18 24.83
CA ASN B 315 0.60 -16.37 23.54
C ASN B 315 1.59 -16.52 22.38
N ASN B 316 1.23 -17.38 21.43
CA ASN B 316 2.09 -17.65 20.28
C ASN B 316 2.62 -16.41 19.56
N LEU B 317 1.87 -15.32 19.59
CA LEU B 317 2.27 -14.11 18.90
C LEU B 317 3.69 -13.72 19.19
N LEU B 318 4.20 -14.12 20.34
CA LEU B 318 5.57 -13.84 20.75
C LEU B 318 6.58 -14.70 20.01
N ALA B 319 6.09 -15.76 19.37
CA ALA B 319 6.95 -16.71 18.67
C ALA B 319 6.81 -16.90 17.17
N PHE B 320 5.60 -16.96 16.62
CA PHE B 320 5.52 -17.20 15.19
C PHE B 320 5.97 -16.10 14.25
N PRO B 321 5.79 -14.81 14.59
CA PRO B 321 6.25 -13.83 13.61
C PRO B 321 7.75 -13.98 13.31
N GLY B 322 8.55 -14.11 14.36
CA GLY B 322 9.98 -14.26 14.18
C GLY B 322 10.43 -15.59 13.59
N ILE B 323 10.01 -16.69 14.20
CA ILE B 323 10.38 -18.03 13.74
C ILE B 323 10.11 -18.15 12.25
N MET B 324 8.88 -17.91 11.87
CA MET B 324 8.46 -17.99 10.49
C MET B 324 9.31 -17.13 9.57
N LYS B 325 9.61 -15.90 9.98
CA LYS B 325 10.42 -15.02 9.13
C LYS B 325 11.86 -15.49 8.98
N GLY B 326 12.46 -15.90 10.10
CA GLY B 326 13.84 -16.36 10.06
C GLY B 326 14.01 -17.65 9.28
N ALA B 327 13.02 -18.53 9.33
CA ALA B 327 13.12 -19.81 8.61
C ALA B 327 12.83 -19.66 7.12
N VAL B 328 11.92 -18.75 6.77
CA VAL B 328 11.56 -18.50 5.38
C VAL B 328 12.64 -17.78 4.60
N GLU B 329 13.47 -17.05 5.33
CA GLU B 329 14.58 -16.33 4.71
C GLU B 329 15.77 -17.28 4.60
N LYS B 330 16.11 -17.96 5.69
CA LYS B 330 17.21 -18.92 5.71
C LYS B 330 16.82 -20.13 4.84
N ARG B 331 15.73 -19.99 4.10
CA ARG B 331 15.21 -21.05 3.22
C ARG B 331 15.38 -22.46 3.77
N SER B 332 15.21 -22.65 5.08
CA SER B 332 15.37 -23.98 5.65
C SER B 332 14.17 -24.53 6.40
N LYS B 333 14.19 -25.83 6.62
CA LYS B 333 13.14 -26.49 7.36
C LYS B 333 13.17 -25.98 8.80
N ILE B 334 12.14 -26.25 9.57
CA ILE B 334 12.13 -25.82 10.95
C ILE B 334 12.64 -26.96 11.84
N THR B 335 13.82 -26.76 12.42
CA THR B 335 14.42 -27.79 13.24
C THR B 335 14.31 -27.53 14.74
N LYS B 336 14.53 -28.58 15.52
CA LYS B 336 14.44 -28.50 16.97
C LYS B 336 15.44 -27.50 17.47
N ASN B 337 16.54 -27.31 16.75
CA ASN B 337 17.53 -26.37 17.20
C ASN B 337 17.02 -24.95 17.03
N MET B 338 16.34 -24.70 15.92
CA MET B 338 15.79 -23.38 15.62
C MET B 338 14.66 -23.03 16.60
N LEU B 339 13.87 -24.03 16.96
CA LEU B 339 12.83 -23.85 17.95
C LEU B 339 13.40 -23.59 19.34
N LEU B 340 14.46 -24.30 19.71
CA LEU B 340 15.06 -24.10 21.02
C LEU B 340 15.72 -22.73 21.13
N SER B 341 16.29 -22.25 20.04
CA SER B 341 16.93 -20.95 20.03
C SER B 341 15.86 -19.91 20.25
N ALA B 342 14.70 -20.15 19.67
CA ALA B 342 13.59 -19.20 19.82
C ALA B 342 13.14 -19.19 21.29
N VAL B 343 13.25 -20.33 21.96
CA VAL B 343 12.87 -20.43 23.36
C VAL B 343 13.81 -19.54 24.15
N GLU B 344 15.10 -19.75 23.96
CA GLU B 344 16.10 -18.97 24.65
C GLU B 344 15.91 -17.50 24.31
N ALA B 345 15.83 -17.22 23.01
CA ALA B 345 15.64 -15.86 22.51
C ALA B 345 14.55 -15.13 23.30
N ILE B 346 13.33 -15.66 23.28
CA ILE B 346 12.23 -15.05 23.99
C ILE B 346 12.59 -14.87 25.46
N ALA B 347 12.98 -15.96 26.11
CA ALA B 347 13.32 -15.92 27.52
C ALA B 347 14.30 -14.81 27.91
N ARG B 348 15.41 -14.65 27.19
CA ARG B 348 16.37 -13.61 27.53
C ARG B 348 15.97 -12.23 27.04
N SER B 349 14.78 -12.10 26.47
CA SER B 349 14.33 -10.80 25.97
C SER B 349 13.66 -9.99 27.05
N CYS B 350 14.12 -10.18 28.28
CA CYS B 350 13.61 -9.44 29.44
C CYS B 350 14.23 -9.99 30.70
N GLU B 351 14.14 -9.23 31.78
CA GLU B 351 14.65 -9.69 33.07
C GLU B 351 13.38 -10.12 33.80
N PRO B 352 13.27 -11.43 34.08
CA PRO B 352 12.13 -12.05 34.76
C PRO B 352 11.75 -11.58 36.18
N GLU B 353 10.46 -11.47 36.41
CA GLU B 353 9.95 -11.03 37.68
C GLU B 353 8.55 -11.60 37.78
N PRO B 354 8.14 -12.00 38.98
CA PRO B 354 6.83 -12.57 39.27
C PRO B 354 5.65 -12.09 38.44
N GLU B 355 5.52 -10.78 38.23
CA GLU B 355 4.40 -10.25 37.46
C GLU B 355 4.80 -9.97 36.02
N ARG B 356 6.00 -10.39 35.66
CA ARG B 356 6.52 -10.22 34.30
C ARG B 356 7.62 -11.25 34.07
N ILE B 357 7.24 -12.47 33.70
CA ILE B 357 8.21 -13.53 33.44
C ILE B 357 8.65 -13.54 31.98
N ILE B 358 7.82 -12.92 31.12
CA ILE B 358 8.11 -12.81 29.69
C ILE B 358 7.57 -11.48 29.18
N PRO B 359 8.08 -10.99 28.06
CA PRO B 359 7.57 -9.71 27.56
C PRO B 359 6.17 -9.80 26.92
N GLU B 360 5.66 -8.66 26.44
CA GLU B 360 4.36 -8.66 25.77
C GLU B 360 4.64 -8.73 24.27
N ALA B 361 3.62 -9.11 23.51
CA ALA B 361 3.77 -9.25 22.08
C ALA B 361 4.16 -7.97 21.38
N PHE B 362 3.89 -6.84 22.02
CA PHE B 362 4.19 -5.55 21.42
C PHE B 362 5.63 -5.09 21.56
N ASP B 363 6.40 -5.77 22.40
CA ASP B 363 7.80 -5.42 22.56
C ASP B 363 8.50 -5.82 21.26
N MET B 364 8.64 -4.89 20.33
CA MET B 364 9.26 -5.20 19.05
C MET B 364 10.66 -5.77 19.17
N LYS B 365 11.27 -5.61 20.33
CA LYS B 365 12.62 -6.12 20.56
C LYS B 365 12.58 -7.62 20.52
N VAL B 366 11.52 -8.21 21.06
CA VAL B 366 11.38 -9.65 21.07
C VAL B 366 11.41 -10.24 19.65
N HIS B 367 10.55 -9.74 18.79
CA HIS B 367 10.46 -10.24 17.44
C HIS B 367 11.78 -10.16 16.69
N LEU B 368 12.64 -9.23 17.06
CA LEU B 368 13.93 -9.13 16.40
C LEU B 368 14.85 -10.15 17.01
N ASN B 369 14.76 -10.33 18.32
CA ASN B 369 15.61 -11.30 18.98
C ASN B 369 15.29 -12.70 18.46
N VAL B 370 14.01 -12.98 18.24
CA VAL B 370 13.56 -14.28 17.75
C VAL B 370 13.97 -14.46 16.30
N TYR B 371 13.70 -13.47 15.49
CA TYR B 371 14.07 -13.51 14.08
C TYR B 371 15.58 -13.74 13.97
N THR B 372 16.34 -13.09 14.84
CA THR B 372 17.79 -13.21 14.87
C THR B 372 18.22 -14.61 15.23
N ALA B 373 17.60 -15.17 16.28
CA ALA B 373 17.93 -16.51 16.73
C ALA B 373 17.60 -17.54 15.67
N VAL B 374 16.33 -17.63 15.32
CA VAL B 374 15.89 -18.58 14.32
C VAL B 374 16.73 -18.51 13.07
N LYS B 375 17.14 -17.31 12.69
CA LYS B 375 17.94 -17.14 11.49
C LYS B 375 19.26 -17.84 11.68
N GLY B 376 20.05 -17.38 12.65
CA GLY B 376 21.36 -17.95 12.92
C GLY B 376 21.40 -19.41 13.34
N SER B 377 20.25 -19.94 13.75
CA SER B 377 20.18 -21.32 14.19
C SER B 377 20.20 -22.25 13.02
N ALA B 378 20.41 -23.53 13.32
CA ALA B 378 20.46 -24.58 12.31
C ALA B 378 19.11 -24.65 11.59
N ASP C 4 -20.28 4.39 13.33
CA ASP C 4 -20.07 5.83 13.70
C ASP C 4 -18.78 6.54 13.23
N ALA C 5 -18.92 7.76 12.74
CA ALA C 5 -17.82 8.60 12.24
C ALA C 5 -16.56 8.72 13.10
N LEU C 6 -16.74 9.04 14.37
CA LEU C 6 -15.61 9.18 15.29
C LEU C 6 -14.93 7.87 15.66
N GLU C 7 -15.72 6.85 15.94
CA GLU C 7 -15.17 5.56 16.31
C GLU C 7 -14.26 5.12 15.17
N LEU C 8 -14.78 5.17 13.94
CA LEU C 8 -14.04 4.77 12.75
C LEU C 8 -12.72 5.51 12.64
N HIS C 9 -12.78 6.83 12.64
CA HIS C 9 -11.55 7.62 12.53
C HIS C 9 -10.52 7.29 13.59
N ARG C 10 -10.98 6.94 14.79
CA ARG C 10 -10.07 6.61 15.88
C ARG C 10 -9.37 5.30 15.58
N PHE C 11 -10.16 4.28 15.25
CA PHE C 11 -9.63 2.97 14.93
C PHE C 11 -8.58 3.07 13.83
N LEU C 12 -8.96 3.69 12.72
CA LEU C 12 -8.05 3.86 11.58
C LEU C 12 -6.76 4.63 11.87
N LYS C 13 -6.87 5.67 12.68
CA LYS C 13 -5.75 6.53 13.04
C LYS C 13 -5.19 7.18 11.78
N GLY C 14 -6.10 7.88 11.10
CA GLY C 14 -5.77 8.60 9.89
C GLY C 14 -6.48 7.99 8.70
N LYS C 15 -6.60 8.75 7.62
CA LYS C 15 -7.21 8.27 6.39
C LYS C 15 -6.13 8.45 5.33
N ILE C 16 -4.91 8.66 5.79
CA ILE C 16 -3.76 8.87 4.91
C ILE C 16 -2.54 8.02 5.28
N ARG C 17 -1.98 7.35 4.28
CA ARG C 17 -0.82 6.51 4.47
C ARG C 17 0.10 6.68 3.28
N THR C 18 1.33 6.19 3.40
CA THR C 18 2.32 6.26 2.32
C THR C 18 2.79 4.84 2.05
N ALA C 19 3.26 4.61 0.83
CA ALA C 19 3.69 3.29 0.46
C ALA C 19 5.01 3.32 -0.27
N LEU C 20 5.93 2.48 0.15
CA LEU C 20 7.23 2.40 -0.48
C LEU C 20 7.00 1.57 -1.74
N PRO C 21 7.78 1.79 -2.80
CA PRO C 21 7.55 0.95 -4.00
C PRO C 21 8.18 -0.43 -3.77
N VAL C 22 9.32 -0.44 -3.09
CA VAL C 22 10.03 -1.67 -2.80
C VAL C 22 9.70 -2.23 -1.43
N GLU C 23 9.78 -3.54 -1.31
CA GLU C 23 9.49 -4.17 -0.03
C GLU C 23 10.70 -3.98 0.85
N LYS C 24 11.61 -4.96 0.87
CA LYS C 24 12.80 -4.86 1.71
C LYS C 24 13.74 -3.82 1.12
N VAL C 25 14.61 -3.29 1.97
CA VAL C 25 15.54 -2.27 1.52
C VAL C 25 16.96 -2.68 1.94
N ASP C 26 17.84 -2.89 0.96
CA ASP C 26 19.21 -3.28 1.29
C ASP C 26 20.23 -2.28 0.74
N ARG C 27 21.47 -2.39 1.22
CA ARG C 27 22.56 -1.52 0.82
C ARG C 27 22.45 -1.09 -0.65
N GLU C 28 22.09 -2.06 -1.49
CA GLU C 28 21.94 -1.84 -2.92
C GLU C 28 20.91 -0.75 -3.19
N THR C 29 19.67 -1.02 -2.80
CA THR C 29 18.56 -0.12 -3.02
C THR C 29 18.80 1.34 -2.60
N LEU C 30 19.39 1.55 -1.43
CA LEU C 30 19.64 2.89 -0.94
C LEU C 30 20.78 3.59 -1.64
N SER C 31 21.34 2.94 -2.64
CA SER C 31 22.44 3.51 -3.38
C SER C 31 21.91 4.08 -4.68
N LEU C 32 20.70 3.68 -5.01
CA LEU C 32 20.05 4.15 -6.23
C LEU C 32 18.97 5.15 -5.87
N LEU C 33 18.21 4.86 -4.82
CA LEU C 33 17.13 5.73 -4.37
C LEU C 33 17.60 6.89 -3.51
N TYR C 34 18.84 6.85 -3.03
CA TYR C 34 19.39 7.94 -2.24
C TYR C 34 20.88 7.96 -2.57
N THR C 35 21.62 8.90 -2.01
CA THR C 35 23.06 9.01 -2.29
C THR C 35 23.72 7.64 -2.45
N PRO C 36 24.59 7.48 -3.48
CA PRO C 36 25.03 8.43 -4.51
C PRO C 36 24.17 8.60 -5.78
N GLY C 37 23.31 7.64 -6.04
CA GLY C 37 22.47 7.69 -7.23
C GLY C 37 21.50 8.86 -7.34
N VAL C 38 20.88 9.26 -6.22
CA VAL C 38 19.92 10.36 -6.27
C VAL C 38 20.60 11.65 -6.66
N ALA C 39 21.92 11.65 -6.58
CA ALA C 39 22.74 12.82 -6.91
C ALA C 39 22.63 13.27 -8.36
N ASP C 40 22.45 12.32 -9.27
CA ASP C 40 22.36 12.67 -10.69
C ASP C 40 20.98 13.17 -11.07
N VAL C 41 19.95 12.70 -10.39
CA VAL C 41 18.59 13.14 -10.70
C VAL C 41 18.45 14.58 -10.21
N ALA C 42 19.25 14.94 -9.22
CA ALA C 42 19.24 16.29 -8.70
C ALA C 42 19.69 17.21 -9.86
N ARG C 43 20.80 16.84 -10.48
CA ARG C 43 21.36 17.60 -11.59
C ARG C 43 20.37 17.63 -12.74
N ALA C 44 19.75 16.49 -12.98
CA ALA C 44 18.78 16.32 -14.07
C ALA C 44 17.58 17.23 -13.98
N CYS C 45 17.05 17.41 -12.78
CA CYS C 45 15.87 18.25 -12.57
C CYS C 45 16.28 19.69 -12.32
N ALA C 46 17.52 19.88 -11.90
CA ALA C 46 18.05 21.20 -11.64
C ALA C 46 18.24 21.91 -12.99
N GLU C 47 18.69 21.16 -14.00
CA GLU C 47 18.89 21.73 -15.33
C GLU C 47 17.56 21.89 -16.07
N ASP C 48 16.63 20.94 -15.89
CA ASP C 48 15.33 21.08 -16.52
C ASP C 48 14.23 20.69 -15.54
N PRO C 49 13.64 21.68 -14.88
CA PRO C 49 12.58 21.47 -13.89
C PRO C 49 11.50 20.49 -14.35
N GLU C 50 11.24 20.41 -15.66
CA GLU C 50 10.21 19.50 -16.14
C GLU C 50 10.54 18.03 -15.94
N LYS C 51 11.81 17.75 -15.71
CA LYS C 51 12.20 16.36 -15.49
C LYS C 51 11.58 15.82 -14.19
N THR C 52 11.24 16.72 -13.28
CA THR C 52 10.64 16.31 -12.02
C THR C 52 9.34 15.53 -12.31
N TYR C 53 8.73 15.78 -13.48
CA TYR C 53 7.50 15.09 -13.87
C TYR C 53 7.80 13.65 -14.30
N VAL C 54 9.07 13.38 -14.56
CA VAL C 54 9.51 12.06 -15.00
C VAL C 54 10.16 11.20 -13.92
N TYR C 55 10.97 11.80 -13.06
CA TYR C 55 11.64 11.07 -12.01
C TYR C 55 11.06 11.16 -10.61
N THR C 56 10.08 12.03 -10.39
CA THR C 56 9.48 12.12 -9.07
C THR C 56 7.97 11.98 -9.25
N SER C 57 7.21 12.13 -8.19
CA SER C 57 5.75 11.98 -8.26
C SER C 57 5.05 13.26 -8.68
N ARG C 58 5.82 14.33 -8.85
CA ARG C 58 5.24 15.59 -9.24
C ARG C 58 4.07 15.43 -10.22
N TRP C 59 4.14 14.43 -11.09
CA TRP C 59 3.11 14.19 -12.09
C TRP C 59 1.77 13.71 -11.55
N ASN C 60 1.81 13.12 -10.37
CA ASN C 60 0.57 12.59 -9.80
C ASN C 60 0.27 13.13 -8.42
N THR C 61 0.96 14.17 -7.98
CA THR C 61 0.69 14.71 -6.65
C THR C 61 -0.07 16.02 -6.67
N VAL C 62 -1.04 16.13 -5.78
CA VAL C 62 -1.88 17.32 -5.64
C VAL C 62 -1.97 17.73 -4.17
N ALA C 63 -1.93 19.04 -3.90
CA ALA C 63 -2.01 19.56 -2.54
C ALA C 63 -3.43 20.06 -2.24
N VAL C 64 -4.03 19.58 -1.16
CA VAL C 64 -5.36 20.02 -0.80
C VAL C 64 -5.19 21.12 0.24
N VAL C 65 -5.18 22.37 -0.24
CA VAL C 65 -4.96 23.53 0.61
C VAL C 65 -6.21 24.18 1.15
N SER C 66 -6.20 24.42 2.46
CA SER C 66 -7.30 25.07 3.17
C SER C 66 -6.75 25.81 4.38
N ASP C 67 -7.45 26.84 4.83
CA ASP C 67 -7.04 27.61 6.00
C ASP C 67 -8.12 27.41 7.04
N GLY C 68 -9.10 26.60 6.65
CA GLY C 68 -10.20 26.29 7.53
C GLY C 68 -11.16 27.44 7.75
N SER C 69 -11.16 28.41 6.84
CA SER C 69 -12.03 29.58 6.98
C SER C 69 -13.46 29.32 6.54
N ALA C 70 -13.69 28.19 5.90
CA ALA C 70 -15.03 27.83 5.44
C ALA C 70 -15.18 26.32 5.39
N VAL C 71 -14.83 25.66 6.49
CA VAL C 71 -14.93 24.21 6.55
C VAL C 71 -16.38 23.74 6.48
N LEU C 72 -16.72 23.01 5.43
CA LEU C 72 -18.08 22.50 5.26
C LEU C 72 -19.11 23.57 5.61
N GLY C 73 -20.13 23.20 6.37
CA GLY C 73 -21.13 24.17 6.76
C GLY C 73 -20.89 24.61 8.20
N LEU C 74 -19.64 24.45 8.67
CA LEU C 74 -19.31 24.81 10.03
C LEU C 74 -18.76 26.23 10.22
N GLY C 75 -18.31 26.84 9.14
CA GLY C 75 -17.80 28.19 9.30
C GLY C 75 -16.29 28.21 9.43
N ASN C 76 -15.76 29.25 10.06
CA ASN C 76 -14.31 29.41 10.24
C ASN C 76 -13.74 28.70 11.49
N ILE C 77 -13.79 27.37 11.49
CA ILE C 77 -13.32 26.58 12.63
C ILE C 77 -11.82 26.40 12.75
N GLY C 78 -11.08 26.79 11.73
CA GLY C 78 -9.63 26.69 11.81
C GLY C 78 -8.99 25.56 11.04
N PRO C 79 -7.65 25.52 10.94
CA PRO C 79 -6.91 24.48 10.22
C PRO C 79 -6.88 23.14 10.94
N TYR C 80 -6.99 23.16 12.26
CA TYR C 80 -6.97 21.90 13.01
C TYR C 80 -8.27 21.20 12.78
N GLY C 81 -9.34 21.98 12.73
CA GLY C 81 -10.65 21.42 12.49
C GLY C 81 -10.79 21.04 11.02
N ALA C 82 -10.10 21.75 10.16
CA ALA C 82 -10.18 21.47 8.74
C ALA C 82 -9.36 20.25 8.33
N LEU C 83 -8.28 19.96 9.05
CA LEU C 83 -7.40 18.83 8.74
C LEU C 83 -8.10 17.53 8.42
N PRO C 84 -9.01 17.07 9.29
CA PRO C 84 -9.70 15.82 9.00
C PRO C 84 -10.63 15.85 7.80
N VAL C 85 -11.08 17.03 7.42
CA VAL C 85 -11.95 17.17 6.25
C VAL C 85 -11.11 17.17 4.99
N MET C 86 -9.87 17.64 5.12
CA MET C 86 -8.95 17.67 3.99
C MET C 86 -8.43 16.26 3.74
N GLU C 87 -8.31 15.45 4.79
CA GLU C 87 -7.86 14.07 4.60
C GLU C 87 -8.98 13.36 3.87
N GLY C 88 -10.19 13.85 4.07
CA GLY C 88 -11.35 13.27 3.40
C GLY C 88 -11.21 13.50 1.91
N LYS C 89 -10.98 14.75 1.52
CA LYS C 89 -10.80 15.10 0.10
C LYS C 89 -9.64 14.30 -0.50
N ALA C 90 -8.54 14.20 0.23
CA ALA C 90 -7.36 13.47 -0.25
C ALA C 90 -7.74 12.02 -0.49
N PHE C 91 -8.64 11.50 0.32
CA PHE C 91 -9.06 10.13 0.17
C PHE C 91 -9.77 10.02 -1.16
N LEU C 92 -10.79 10.86 -1.34
CA LEU C 92 -11.57 10.87 -2.56
C LEU C 92 -10.73 10.98 -3.83
N PHE C 93 -9.62 11.71 -3.74
CA PHE C 93 -8.75 11.86 -4.89
C PHE C 93 -8.07 10.55 -5.22
N LYS C 94 -7.68 9.80 -4.20
CA LYS C 94 -7.02 8.51 -4.42
C LYS C 94 -8.00 7.47 -4.90
N ALA C 95 -9.18 7.49 -4.30
CA ALA C 95 -10.21 6.55 -4.62
C ALA C 95 -10.73 6.68 -6.02
N PHE C 96 -11.06 7.91 -6.44
CA PHE C 96 -11.63 8.13 -7.77
C PHE C 96 -10.74 8.66 -8.87
N ALA C 97 -9.46 8.88 -8.61
CA ALA C 97 -8.57 9.40 -9.64
C ALA C 97 -7.16 8.88 -9.41
N ASP C 98 -7.02 7.95 -8.46
CA ASP C 98 -5.73 7.39 -8.12
C ASP C 98 -4.67 8.49 -8.07
N ILE C 99 -5.03 9.62 -7.45
CA ILE C 99 -4.12 10.74 -7.30
C ILE C 99 -3.58 10.72 -5.87
N ASP C 100 -2.29 11.04 -5.73
CA ASP C 100 -1.64 11.10 -4.42
C ASP C 100 -1.83 12.50 -3.86
N ALA C 101 -2.95 12.72 -3.20
CA ALA C 101 -3.25 14.03 -2.64
C ALA C 101 -2.80 14.21 -1.19
N PHE C 102 -2.04 15.26 -0.93
CA PHE C 102 -1.59 15.52 0.42
C PHE C 102 -2.28 16.75 0.97
N PRO C 103 -2.95 16.61 2.12
CA PRO C 103 -3.69 17.68 2.79
C PRO C 103 -2.76 18.69 3.44
N ILE C 104 -2.97 19.97 3.13
CA ILE C 104 -2.15 21.03 3.69
C ILE C 104 -3.01 22.14 4.29
N CYS C 105 -3.15 22.12 5.61
CA CYS C 105 -3.93 23.13 6.30
C CYS C 105 -3.05 24.23 6.87
N LEU C 106 -3.19 25.42 6.31
CA LEU C 106 -2.38 26.54 6.75
C LEU C 106 -2.95 27.34 7.89
N SER C 107 -2.07 27.73 8.81
CA SER C 107 -2.47 28.53 9.95
C SER C 107 -2.02 29.94 9.58
N GLU C 108 -2.79 30.55 8.70
CA GLU C 108 -2.54 31.91 8.24
C GLU C 108 -3.77 32.28 7.43
N SER C 109 -4.49 33.29 7.89
CA SER C 109 -5.72 33.72 7.23
C SER C 109 -5.63 34.88 6.24
N GLU C 110 -4.63 35.75 6.40
CA GLU C 110 -4.49 36.90 5.51
C GLU C 110 -4.22 36.48 4.07
N GLU C 111 -5.13 36.88 3.18
CA GLU C 111 -5.05 36.50 1.77
C GLU C 111 -3.73 36.69 1.03
N GLU C 112 -3.07 37.83 1.20
CA GLU C 112 -1.80 38.03 0.52
C GLU C 112 -0.70 37.09 0.99
N LYS C 113 -0.87 36.54 2.19
CA LYS C 113 0.13 35.61 2.71
C LYS C 113 -0.23 34.20 2.33
N ILE C 114 -1.52 33.88 2.21
CA ILE C 114 -1.89 32.54 1.79
C ILE C 114 -1.31 32.39 0.39
N ILE C 115 -1.49 33.43 -0.42
CA ILE C 115 -1.00 33.43 -1.78
C ILE C 115 0.51 33.29 -1.88
N SER C 116 1.26 34.04 -1.06
CA SER C 116 2.72 33.97 -1.14
C SER C 116 3.29 32.64 -0.63
N ILE C 117 2.53 31.94 0.21
CA ILE C 117 2.94 30.65 0.77
C ILE C 117 2.69 29.51 -0.22
N VAL C 118 1.50 29.49 -0.81
CA VAL C 118 1.14 28.46 -1.78
C VAL C 118 2.03 28.52 -3.03
N LYS C 119 2.36 29.72 -3.47
CA LYS C 119 3.20 29.91 -4.64
C LYS C 119 4.56 29.25 -4.48
N SER C 120 5.01 29.11 -3.24
CA SER C 120 6.32 28.51 -2.94
C SER C 120 6.28 26.99 -2.88
N LEU C 121 5.09 26.43 -2.96
CA LEU C 121 4.94 25.00 -2.90
C LEU C 121 5.03 24.35 -4.28
N GLU C 122 4.92 25.16 -5.33
CA GLU C 122 4.95 24.67 -6.70
C GLU C 122 5.92 23.53 -7.00
N PRO C 123 7.18 23.67 -6.57
CA PRO C 123 8.14 22.61 -6.84
C PRO C 123 7.75 21.22 -6.33
N SER C 124 6.82 21.17 -5.38
CA SER C 124 6.45 19.89 -4.79
C SER C 124 5.22 19.20 -5.36
N PHE C 125 4.35 19.96 -6.02
CA PHE C 125 3.11 19.39 -6.54
C PHE C 125 2.87 19.61 -8.02
N GLY C 126 1.95 18.84 -8.56
CA GLY C 126 1.63 18.98 -9.96
C GLY C 126 0.33 19.71 -10.11
N GLY C 127 -0.31 19.94 -8.98
CA GLY C 127 -1.58 20.64 -8.96
C GLY C 127 -1.97 21.05 -7.56
N ILE C 128 -2.77 22.11 -7.46
CA ILE C 128 -3.24 22.61 -6.17
C ILE C 128 -4.75 22.51 -6.16
N ASN C 129 -5.33 22.33 -4.98
CA ASN C 129 -6.77 22.23 -4.89
C ASN C 129 -7.25 22.99 -3.66
N LEU C 130 -7.54 24.27 -3.83
CA LEU C 130 -8.02 25.10 -2.75
C LEU C 130 -9.36 24.57 -2.31
N GLU C 131 -9.45 24.25 -1.02
CA GLU C 131 -10.65 23.70 -0.45
C GLU C 131 -11.06 24.47 0.79
N ASP C 132 -12.36 24.50 1.03
CA ASP C 132 -12.93 25.20 2.17
C ASP C 132 -12.24 26.47 2.66
N ILE C 133 -12.11 27.43 1.74
CA ILE C 133 -11.55 28.75 1.98
C ILE C 133 -12.72 29.72 1.74
N GLY C 134 -13.09 30.45 2.78
CA GLY C 134 -14.21 31.38 2.72
C GLY C 134 -14.21 32.46 1.66
N ALA C 135 -15.39 33.06 1.47
CA ALA C 135 -15.56 34.14 0.51
C ALA C 135 -15.65 35.45 1.30
N PRO C 136 -15.35 36.58 0.66
CA PRO C 136 -14.93 36.71 -0.73
C PRO C 136 -13.42 36.70 -0.93
N LYS C 137 -12.64 36.24 0.05
CA LYS C 137 -11.18 36.24 -0.18
C LYS C 137 -10.75 35.06 -1.06
N CYS C 138 -11.60 34.04 -1.16
CA CYS C 138 -11.25 32.89 -1.98
C CYS C 138 -11.26 33.28 -3.45
N PHE C 139 -11.98 34.34 -3.80
CA PHE C 139 -12.02 34.78 -5.19
C PHE C 139 -10.68 35.36 -5.64
N ARG C 140 -10.14 36.29 -4.85
CA ARG C 140 -8.87 36.90 -5.21
C ARG C 140 -7.76 35.86 -5.15
N ILE C 141 -7.84 34.96 -4.17
CA ILE C 141 -6.83 33.92 -3.99
C ILE C 141 -6.81 32.98 -5.19
N LEU C 142 -7.98 32.47 -5.54
CA LEU C 142 -8.08 31.58 -6.67
C LEU C 142 -7.50 32.25 -7.91
N GLN C 143 -8.02 33.44 -8.23
CA GLN C 143 -7.60 34.23 -9.38
C GLN C 143 -6.09 34.44 -9.43
N ARG C 144 -5.55 35.08 -8.39
CA ARG C 144 -4.11 35.34 -8.35
C ARG C 144 -3.32 34.07 -8.61
N LEU C 145 -3.58 33.07 -7.77
CA LEU C 145 -2.86 31.82 -7.89
C LEU C 145 -2.85 31.20 -9.27
N SER C 146 -4.02 30.94 -9.85
CA SER C 146 -4.06 30.32 -11.18
C SER C 146 -3.24 31.12 -12.19
N GLU C 147 -3.14 32.43 -11.95
CA GLU C 147 -2.40 33.31 -12.82
C GLU C 147 -0.91 33.20 -12.57
N GLU C 148 -0.53 33.32 -11.30
CA GLU C 148 0.87 33.31 -10.92
C GLU C 148 1.61 31.97 -10.87
N MET C 149 0.90 30.86 -10.86
CA MET C 149 1.57 29.55 -10.81
C MET C 149 1.50 28.78 -12.12
N ASN C 150 2.44 27.87 -12.32
CA ASN C 150 2.46 27.08 -13.55
C ASN C 150 1.68 25.79 -13.52
N ILE C 151 1.38 25.31 -12.31
CA ILE C 151 0.63 24.08 -12.17
C ILE C 151 -0.85 24.47 -12.08
N PRO C 152 -1.77 23.54 -12.37
CA PRO C 152 -3.20 23.87 -12.31
C PRO C 152 -3.73 24.19 -10.91
N VAL C 153 -4.63 25.15 -10.81
CA VAL C 153 -5.19 25.51 -9.50
C VAL C 153 -6.70 25.42 -9.61
N PHE C 154 -7.31 24.69 -8.69
CA PHE C 154 -8.75 24.47 -8.71
C PHE C 154 -9.31 24.76 -7.33
N HIS C 155 -10.60 25.04 -7.25
CA HIS C 155 -11.27 25.28 -5.98
C HIS C 155 -12.68 24.71 -6.13
N ASP C 156 -12.91 23.54 -5.54
CA ASP C 156 -14.18 22.87 -5.63
C ASP C 156 -15.42 23.73 -5.40
N ASP C 157 -15.56 24.17 -4.16
CA ASP C 157 -16.71 24.98 -3.75
C ASP C 157 -17.11 26.03 -4.79
N GLN C 158 -16.13 26.59 -5.48
CA GLN C 158 -16.35 27.57 -6.53
C GLN C 158 -16.60 26.91 -7.89
N GLN C 159 -15.52 26.38 -8.46
CA GLN C 159 -15.50 25.73 -9.77
C GLN C 159 -16.12 24.32 -9.85
N GLY C 160 -15.82 23.49 -8.86
CA GLY C 160 -16.36 22.15 -8.85
C GLY C 160 -17.88 22.22 -8.95
N THR C 161 -18.47 22.96 -8.03
CA THR C 161 -19.92 23.14 -7.99
C THR C 161 -20.53 23.61 -9.30
N ALA C 162 -20.04 24.74 -9.78
CA ALA C 162 -20.51 25.33 -11.02
C ALA C 162 -20.53 24.32 -12.18
N VAL C 163 -19.50 23.48 -12.26
CA VAL C 163 -19.46 22.48 -13.33
C VAL C 163 -20.62 21.51 -13.20
N VAL C 164 -20.74 20.88 -12.03
CA VAL C 164 -21.82 19.93 -11.83
C VAL C 164 -23.18 20.59 -12.09
N VAL C 165 -23.46 21.68 -11.36
CA VAL C 165 -24.72 22.38 -11.52
C VAL C 165 -25.01 22.63 -13.00
N SER C 166 -24.05 23.21 -13.72
CA SER C 166 -24.25 23.48 -15.13
C SER C 166 -24.73 22.23 -15.89
N ALA C 167 -24.08 21.10 -15.63
CA ALA C 167 -24.46 19.87 -16.30
C ALA C 167 -25.91 19.57 -15.96
N ALA C 168 -26.23 19.59 -14.67
CA ALA C 168 -27.60 19.31 -14.21
C ALA C 168 -28.58 20.23 -14.93
N PHE C 169 -28.21 21.50 -15.02
CA PHE C 169 -29.02 22.49 -15.72
C PHE C 169 -29.22 22.07 -17.18
N LEU C 170 -28.13 21.93 -17.93
CA LEU C 170 -28.22 21.54 -19.33
C LEU C 170 -29.17 20.38 -19.62
N ASN C 171 -29.11 19.32 -18.82
CA ASN C 171 -29.98 18.18 -19.01
C ASN C 171 -31.44 18.53 -18.70
N ALA C 172 -31.66 19.24 -17.59
CA ALA C 172 -33.02 19.62 -17.19
C ALA C 172 -33.63 20.53 -18.26
N LEU C 173 -32.80 21.40 -18.83
CA LEU C 173 -33.24 22.33 -19.87
C LEU C 173 -33.68 21.57 -21.10
N LYS C 174 -33.00 20.46 -21.40
CA LYS C 174 -33.35 19.66 -22.56
C LYS C 174 -34.73 19.02 -22.35
N LEU C 175 -34.96 18.51 -21.15
CA LEU C 175 -36.22 17.88 -20.81
C LEU C 175 -37.34 18.92 -20.74
N THR C 176 -36.96 20.16 -20.47
CA THR C 176 -37.92 21.24 -20.38
C THR C 176 -38.26 21.74 -21.80
N GLU C 177 -37.35 21.45 -22.73
CA GLU C 177 -37.46 21.81 -24.15
C GLU C 177 -37.48 23.31 -24.48
N LYS C 178 -37.25 24.15 -23.47
CA LYS C 178 -37.25 25.60 -23.66
C LYS C 178 -35.90 26.04 -24.22
N LYS C 179 -35.84 27.23 -24.80
CA LYS C 179 -34.59 27.75 -25.36
C LYS C 179 -33.70 28.35 -24.26
N ILE C 180 -32.40 28.04 -24.32
CA ILE C 180 -31.45 28.55 -23.32
C ILE C 180 -31.42 30.08 -23.28
N GLU C 181 -31.32 30.70 -24.45
CA GLU C 181 -31.25 32.16 -24.52
C GLU C 181 -32.61 32.82 -24.25
N GLU C 182 -33.55 32.08 -23.67
CA GLU C 182 -34.88 32.64 -23.39
C GLU C 182 -35.45 32.29 -22.03
N VAL C 183 -34.68 31.56 -21.22
CA VAL C 183 -35.17 31.17 -19.90
C VAL C 183 -34.71 32.10 -18.78
N LYS C 184 -35.56 32.25 -17.77
CA LYS C 184 -35.29 33.09 -16.62
C LYS C 184 -34.85 32.16 -15.50
N VAL C 185 -33.64 32.39 -15.00
CA VAL C 185 -33.06 31.56 -13.93
C VAL C 185 -32.79 32.36 -12.65
N VAL C 186 -33.38 31.91 -11.55
CA VAL C 186 -33.19 32.58 -10.27
C VAL C 186 -32.12 31.84 -9.46
N VAL C 187 -31.00 32.52 -9.18
CA VAL C 187 -29.90 31.94 -8.43
C VAL C 187 -29.90 32.55 -7.06
N ASN C 188 -30.35 31.78 -6.08
CA ASN C 188 -30.42 32.29 -4.72
C ASN C 188 -29.14 31.96 -3.93
N GLY C 189 -28.54 32.98 -3.31
CA GLY C 189 -27.32 32.78 -2.54
C GLY C 189 -26.08 32.97 -3.40
N ILE C 190 -25.61 34.22 -3.50
CA ILE C 190 -24.42 34.52 -4.29
C ILE C 190 -23.16 34.42 -3.46
N GLY C 191 -22.83 33.20 -3.06
CA GLY C 191 -21.63 33.00 -2.27
C GLY C 191 -20.56 32.38 -3.12
N ALA C 192 -19.64 31.67 -2.49
CA ALA C 192 -18.55 31.01 -3.20
C ALA C 192 -19.06 30.21 -4.41
N ALA C 193 -20.17 29.51 -4.22
CA ALA C 193 -20.73 28.70 -5.30
C ALA C 193 -21.60 29.57 -6.16
N GLY C 194 -22.45 30.37 -5.52
CA GLY C 194 -23.32 31.26 -6.27
C GLY C 194 -22.57 32.04 -7.34
N TYR C 195 -21.63 32.88 -6.91
CA TYR C 195 -20.81 33.69 -7.81
C TYR C 195 -20.47 32.97 -9.11
N ASN C 196 -19.79 31.83 -8.99
CA ASN C 196 -19.38 31.03 -10.12
C ASN C 196 -20.52 30.45 -10.95
N ILE C 197 -21.56 29.99 -10.28
CA ILE C 197 -22.69 29.41 -10.99
C ILE C 197 -23.23 30.42 -12.01
N VAL C 198 -23.41 31.67 -11.57
CA VAL C 198 -23.93 32.72 -12.44
C VAL C 198 -23.07 32.86 -13.68
N LYS C 199 -21.79 33.10 -13.48
CA LYS C 199 -20.89 33.26 -14.61
C LYS C 199 -20.97 32.12 -15.58
N PHE C 200 -21.15 30.90 -15.08
CA PHE C 200 -21.25 29.73 -15.94
C PHE C 200 -22.51 29.78 -16.80
N LEU C 201 -23.64 30.03 -16.15
CA LEU C 201 -24.91 30.13 -16.85
C LEU C 201 -24.77 31.14 -17.97
N LEU C 202 -24.10 32.25 -17.68
CA LEU C 202 -23.89 33.28 -18.69
C LEU C 202 -23.02 32.78 -19.82
N ASP C 203 -21.93 32.11 -19.50
CA ASP C 203 -21.03 31.57 -20.51
C ASP C 203 -21.74 30.54 -21.40
N LEU C 204 -22.55 29.69 -20.78
CA LEU C 204 -23.30 28.66 -21.50
C LEU C 204 -24.32 29.26 -22.47
N GLY C 205 -24.87 30.42 -22.12
CA GLY C 205 -25.82 31.05 -23.01
C GLY C 205 -27.08 31.65 -22.41
N VAL C 206 -27.31 31.40 -21.12
CA VAL C 206 -28.50 31.97 -20.50
C VAL C 206 -28.41 33.49 -20.59
N LYS C 207 -29.55 34.15 -20.77
CA LYS C 207 -29.54 35.61 -20.87
C LYS C 207 -30.14 36.28 -19.64
N ASN C 208 -31.35 35.87 -19.28
CA ASN C 208 -32.03 36.48 -18.15
C ASN C 208 -31.79 35.77 -16.80
N VAL C 209 -30.64 36.07 -16.18
CA VAL C 209 -30.28 35.48 -14.88
C VAL C 209 -30.55 36.47 -13.75
N VAL C 210 -31.21 36.02 -12.70
CA VAL C 210 -31.51 36.93 -11.59
C VAL C 210 -30.87 36.51 -10.28
N ALA C 211 -29.87 37.25 -9.86
CA ALA C 211 -29.17 36.95 -8.62
C ALA C 211 -29.98 37.41 -7.44
N VAL C 212 -30.09 36.55 -6.43
CA VAL C 212 -30.84 36.90 -5.23
C VAL C 212 -30.06 36.56 -3.97
N ASP C 213 -29.95 37.51 -3.05
CA ASP C 213 -29.24 37.25 -1.81
C ASP C 213 -29.99 37.81 -0.60
N ARG C 214 -29.29 37.91 0.53
CA ARG C 214 -29.87 38.39 1.79
C ARG C 214 -30.65 39.71 1.67
N LYS C 215 -30.28 40.52 0.69
CA LYS C 215 -30.94 41.81 0.52
C LYS C 215 -31.85 41.85 -0.70
N GLY C 216 -32.17 40.67 -1.22
CA GLY C 216 -33.06 40.57 -2.37
C GLY C 216 -32.33 40.57 -3.68
N ILE C 217 -33.08 40.79 -4.76
CA ILE C 217 -32.52 40.82 -6.10
C ILE C 217 -31.34 41.80 -6.16
N LEU C 218 -30.22 41.32 -6.68
CA LEU C 218 -29.05 42.17 -6.81
C LEU C 218 -29.32 43.10 -7.98
N ASN C 219 -29.20 44.40 -7.71
CA ASN C 219 -29.45 45.39 -8.72
C ASN C 219 -28.48 46.54 -8.54
N GLU C 220 -27.85 46.96 -9.62
CA GLU C 220 -26.90 48.05 -9.56
C GLU C 220 -27.46 49.28 -8.85
N ASN C 221 -28.67 49.65 -9.24
CA ASN C 221 -29.38 50.80 -8.67
C ASN C 221 -29.56 50.78 -7.16
N ASP C 222 -30.01 49.66 -6.59
CA ASP C 222 -30.19 49.58 -5.13
C ASP C 222 -28.88 49.08 -4.54
N PRO C 223 -27.94 49.98 -4.25
CA PRO C 223 -26.65 49.56 -3.68
C PRO C 223 -26.77 48.79 -2.35
N GLU C 224 -27.98 48.70 -1.81
CA GLU C 224 -28.25 47.97 -0.57
C GLU C 224 -27.91 46.49 -0.80
N THR C 225 -28.36 45.99 -1.95
CA THR C 225 -28.15 44.61 -2.36
C THR C 225 -26.68 44.32 -2.73
N CYS C 226 -25.95 45.35 -3.13
CA CYS C 226 -24.56 45.17 -3.50
C CYS C 226 -23.66 45.20 -2.26
N LEU C 227 -23.62 44.08 -1.55
CA LEU C 227 -22.80 43.96 -0.35
C LEU C 227 -21.34 44.23 -0.72
N ASN C 228 -20.54 43.21 -1.01
CA ASN C 228 -19.15 43.51 -1.38
C ASN C 228 -19.00 43.72 -2.89
N GLU C 229 -17.77 43.93 -3.34
CA GLU C 229 -17.51 44.18 -4.75
C GLU C 229 -17.95 43.06 -5.70
N TYR C 230 -18.71 42.08 -5.22
CA TYR C 230 -19.12 40.98 -6.09
C TYR C 230 -20.63 40.80 -6.08
N GLU C 233 -20.68 43.34 -8.67
CA GLU C 233 -20.19 42.92 -9.99
C GLU C 233 -21.19 42.01 -10.66
N ILE C 234 -21.79 41.12 -9.89
CA ILE C 234 -22.78 40.20 -10.44
C ILE C 234 -24.01 40.99 -10.85
N ALA C 235 -24.21 42.14 -10.21
CA ALA C 235 -25.35 42.99 -10.50
C ALA C 235 -25.20 43.69 -11.85
N ARG C 236 -23.95 43.92 -12.24
CA ARG C 236 -23.67 44.59 -13.50
C ARG C 236 -23.72 43.69 -14.73
N ILE C 237 -23.72 42.39 -14.53
CA ILE C 237 -23.75 41.43 -15.64
C ILE C 237 -25.03 40.58 -15.65
N THR C 238 -25.93 40.87 -14.72
CA THR C 238 -27.16 40.11 -14.63
C THR C 238 -28.38 41.01 -14.47
N ASN C 239 -29.54 40.39 -14.33
CA ASN C 239 -30.78 41.13 -14.13
C ASN C 239 -31.02 42.15 -15.25
N PRO C 240 -31.25 41.67 -16.49
CA PRO C 240 -31.50 42.58 -17.62
C PRO C 240 -32.82 43.36 -17.55
N GLU C 241 -33.91 42.68 -17.16
CA GLU C 241 -35.22 43.34 -17.06
C GLU C 241 -35.23 44.35 -15.90
N ARG C 242 -34.04 44.62 -15.37
CA ARG C 242 -33.83 45.56 -14.26
C ARG C 242 -34.81 45.39 -13.10
N LEU C 243 -35.25 44.15 -12.89
CA LEU C 243 -36.18 43.80 -11.81
C LEU C 243 -35.68 44.30 -10.46
N SER C 244 -36.52 44.18 -9.44
CA SER C 244 -36.15 44.64 -8.09
C SER C 244 -37.14 44.11 -7.06
N GLY C 245 -36.62 43.73 -5.89
CA GLY C 245 -37.49 43.21 -4.84
C GLY C 245 -36.91 42.04 -4.08
N ASP C 246 -37.76 41.15 -3.59
CA ASP C 246 -37.32 39.98 -2.84
C ASP C 246 -37.36 38.69 -3.67
N LEU C 247 -37.01 37.57 -3.03
CA LEU C 247 -37.01 36.29 -3.69
C LEU C 247 -38.32 36.03 -4.42
N GLU C 248 -39.41 36.12 -3.66
CA GLU C 248 -40.76 35.90 -4.19
C GLU C 248 -41.01 36.72 -5.44
N THR C 249 -40.46 37.93 -5.48
CA THR C 249 -40.64 38.81 -6.63
C THR C 249 -39.87 38.27 -7.85
N ALA C 250 -38.71 37.69 -7.58
CA ALA C 250 -37.83 37.14 -8.64
C ALA C 250 -38.34 35.85 -9.29
N LEU C 251 -39.10 35.07 -8.56
CA LEU C 251 -39.64 33.81 -9.07
C LEU C 251 -40.82 33.94 -10.03
N GLU C 252 -41.32 35.17 -10.21
CA GLU C 252 -42.44 35.43 -11.11
C GLU C 252 -42.05 35.17 -12.57
N GLY C 253 -42.63 34.12 -13.15
CA GLY C 253 -42.35 33.79 -14.55
C GLY C 253 -41.03 33.06 -14.73
N ALA C 254 -40.35 32.82 -13.61
CA ALA C 254 -39.05 32.14 -13.57
C ALA C 254 -39.15 30.65 -13.99
N ASP C 255 -38.18 30.24 -14.81
CA ASP C 255 -38.15 28.87 -15.31
C ASP C 255 -37.27 27.93 -14.48
N PHE C 256 -36.24 28.47 -13.84
CA PHE C 256 -35.35 27.65 -13.01
C PHE C 256 -35.02 28.34 -11.68
N PHE C 257 -34.88 27.56 -10.62
CA PHE C 257 -34.50 28.11 -9.35
C PHE C 257 -33.31 27.31 -8.90
N ILE C 258 -32.16 27.97 -8.77
CA ILE C 258 -30.96 27.29 -8.31
C ILE C 258 -30.56 27.91 -6.99
N GLY C 259 -30.95 27.23 -5.92
CA GLY C 259 -30.63 27.71 -4.59
C GLY C 259 -29.40 27.02 -4.05
N VAL C 260 -28.51 27.82 -3.48
CA VAL C 260 -27.27 27.30 -2.89
C VAL C 260 -27.04 28.24 -1.71
N SER C 261 -28.10 28.39 -0.90
CA SER C 261 -28.09 29.29 0.25
C SER C 261 -28.44 28.67 1.62
N ARG C 262 -29.71 28.77 2.01
CA ARG C 262 -30.16 28.20 3.28
C ARG C 262 -31.41 27.37 3.06
N GLY C 263 -31.83 26.67 4.12
CA GLY C 263 -33.01 25.83 4.03
C GLY C 263 -34.35 26.42 4.42
N ASN C 264 -35.38 25.85 3.81
CA ASN C 264 -36.77 26.23 4.05
C ASN C 264 -36.99 27.73 3.89
N ILE C 265 -36.53 28.27 2.77
CA ILE C 265 -36.70 29.69 2.52
C ILE C 265 -37.55 29.90 1.28
N LEU C 266 -37.82 28.81 0.57
CA LEU C 266 -38.65 28.90 -0.63
C LEU C 266 -40.04 28.32 -0.28
N LYS C 267 -41.04 29.20 -0.24
CA LYS C 267 -42.40 28.78 0.08
C LYS C 267 -43.10 28.08 -1.09
N PRO C 268 -43.51 26.83 -0.86
CA PRO C 268 -44.19 25.95 -1.82
C PRO C 268 -45.22 26.65 -2.71
N GLU C 269 -45.85 27.70 -2.17
CA GLU C 269 -46.86 28.44 -2.94
C GLU C 269 -46.29 29.39 -4.01
N TRP C 270 -45.04 29.80 -3.83
CA TRP C 270 -44.40 30.71 -4.78
C TRP C 270 -44.11 29.97 -6.07
N ILE C 271 -44.01 28.66 -5.99
CA ILE C 271 -43.72 27.82 -7.16
C ILE C 271 -44.79 27.91 -8.25
N LYS C 272 -46.06 28.03 -7.83
CA LYS C 272 -47.16 28.13 -8.78
C LYS C 272 -47.15 29.47 -9.53
N LYS C 273 -46.27 30.38 -9.09
CA LYS C 273 -46.13 31.70 -9.72
C LYS C 273 -45.03 31.65 -10.78
N MET C 274 -44.36 30.51 -10.89
CA MET C 274 -43.27 30.36 -11.86
C MET C 274 -43.75 29.63 -13.11
N SER C 275 -43.18 30.01 -14.25
CA SER C 275 -43.70 29.57 -15.53
C SER C 275 -43.98 28.05 -15.52
N ARG C 276 -44.48 27.57 -16.65
CA ARG C 276 -44.80 26.16 -16.82
C ARG C 276 -43.56 25.29 -16.64
N LYS C 277 -43.77 24.14 -16.02
CA LYS C 277 -42.68 23.16 -15.76
C LYS C 277 -41.44 23.81 -15.13
N PRO C 278 -41.55 24.26 -13.87
CA PRO C 278 -40.45 24.90 -13.15
C PRO C 278 -39.42 23.89 -12.62
N VAL C 279 -38.13 24.18 -12.84
CA VAL C 279 -37.04 23.33 -12.38
C VAL C 279 -36.53 23.86 -11.05
N ILE C 280 -36.41 22.97 -10.06
CA ILE C 280 -35.97 23.41 -8.74
C ILE C 280 -34.70 22.74 -8.24
N PHE C 281 -33.59 23.48 -8.18
CA PHE C 281 -32.34 22.94 -7.65
C PHE C 281 -32.23 23.51 -6.24
N ALA C 282 -32.51 22.67 -5.25
CA ALA C 282 -32.42 23.11 -3.86
C ALA C 282 -31.14 22.48 -3.31
N LEU C 283 -30.02 23.05 -3.73
CA LEU C 283 -28.71 22.54 -3.36
C LEU C 283 -28.14 22.95 -2.01
N ALA C 284 -28.98 23.39 -1.08
CA ALA C 284 -28.45 23.78 0.21
C ALA C 284 -28.41 22.59 1.15
N ASN C 285 -27.33 22.53 1.95
CA ASN C 285 -27.14 21.45 2.92
C ASN C 285 -27.12 22.08 4.31
N PRO C 286 -27.59 21.35 5.31
CA PRO C 286 -28.14 20.00 5.14
C PRO C 286 -29.62 20.09 4.74
N VAL C 287 -30.24 21.22 5.04
CA VAL C 287 -31.65 21.46 4.73
C VAL C 287 -31.81 22.25 3.43
N PRO C 288 -32.44 21.64 2.42
CA PRO C 288 -32.69 22.25 1.09
C PRO C 288 -33.62 23.49 1.15
N GLU C 289 -33.37 24.47 0.28
CA GLU C 289 -34.19 25.67 0.28
C GLU C 289 -35.66 25.35 0.54
N ILE C 290 -36.12 24.23 -0.03
CA ILE C 290 -37.50 23.76 0.10
C ILE C 290 -37.48 22.23 0.04
N ASP C 291 -38.38 21.57 0.76
CA ASP C 291 -38.42 20.11 0.77
C ASP C 291 -38.66 19.51 -0.63
N PRO C 292 -37.82 18.52 -1.02
CA PRO C 292 -37.94 17.86 -2.33
C PRO C 292 -39.34 17.35 -2.63
N GLU C 293 -39.94 16.65 -1.66
CA GLU C 293 -41.28 16.11 -1.87
C GLU C 293 -42.34 17.22 -2.00
N LEU C 294 -42.28 18.18 -1.08
CA LEU C 294 -43.22 19.31 -1.07
C LEU C 294 -43.15 20.04 -2.41
N ALA C 295 -41.98 20.04 -3.03
CA ALA C 295 -41.81 20.71 -4.32
C ALA C 295 -42.50 19.95 -5.47
N ARG C 296 -42.39 18.63 -5.49
CA ARG C 296 -43.05 17.84 -6.53
C ARG C 296 -44.54 18.12 -6.41
N GLU C 297 -45.00 18.14 -5.15
CA GLU C 297 -46.41 18.39 -4.79
C GLU C 297 -46.93 19.76 -5.24
N ALA C 298 -46.15 20.81 -4.94
CA ALA C 298 -46.54 22.18 -5.31
C ALA C 298 -46.53 22.43 -6.84
N GLY C 299 -46.02 21.49 -7.63
CA GLY C 299 -46.00 21.67 -9.08
C GLY C 299 -44.63 21.76 -9.76
N ALA C 300 -43.66 21.01 -9.22
CA ALA C 300 -42.30 21.00 -9.75
C ALA C 300 -42.09 19.89 -10.78
N PHE C 301 -41.62 20.26 -11.98
CA PHE C 301 -41.37 19.28 -13.03
C PHE C 301 -40.12 18.44 -12.76
N ILE C 302 -39.11 19.06 -12.15
CA ILE C 302 -37.86 18.38 -11.82
C ILE C 302 -37.34 18.94 -10.49
N VAL C 303 -36.77 18.08 -9.68
CA VAL C 303 -36.23 18.52 -8.40
C VAL C 303 -34.88 17.85 -8.14
N ALA C 304 -33.96 18.61 -7.54
CA ALA C 304 -32.63 18.10 -7.26
C ALA C 304 -32.09 18.78 -6.00
N THR C 305 -31.33 18.04 -5.21
CA THR C 305 -30.76 18.61 -3.98
C THR C 305 -29.29 18.23 -3.86
N GLY C 306 -28.69 18.65 -2.76
CA GLY C 306 -27.28 18.35 -2.56
C GLY C 306 -27.15 17.02 -1.86
N ARG C 307 -28.27 16.51 -1.38
CA ARG C 307 -28.24 15.25 -0.67
C ARG C 307 -28.52 14.01 -1.53
N SER C 308 -28.12 12.85 -1.03
CA SER C 308 -28.32 11.57 -1.70
C SER C 308 -29.58 10.99 -1.07
N ASP C 309 -30.08 11.76 -0.10
CA ASP C 309 -31.29 11.50 0.68
C ASP C 309 -32.46 11.17 -0.28
N HIS C 310 -32.52 11.96 -1.35
CA HIS C 310 -33.57 11.87 -2.37
C HIS C 310 -32.83 11.84 -3.73
N PRO C 311 -33.54 11.60 -4.84
CA PRO C 311 -32.94 11.55 -6.20
C PRO C 311 -32.05 12.73 -6.60
N ASN C 312 -31.58 12.70 -7.85
CA ASN C 312 -30.73 13.74 -8.41
C ASN C 312 -29.79 14.47 -7.43
N GLN C 313 -28.64 13.88 -7.13
CA GLN C 313 -27.72 14.54 -6.24
C GLN C 313 -26.69 15.33 -7.03
N VAL C 314 -26.55 16.61 -6.66
CA VAL C 314 -25.58 17.48 -7.32
C VAL C 314 -24.41 17.70 -6.35
N ASN C 315 -23.26 17.10 -6.65
CA ASN C 315 -22.07 17.23 -5.80
C ASN C 315 -20.77 17.24 -6.62
N ASN C 316 -19.82 18.05 -6.18
CA ASN C 316 -18.53 18.20 -6.85
C ASN C 316 -17.85 16.88 -7.22
N LEU C 317 -17.99 15.88 -6.35
CA LEU C 317 -17.35 14.60 -6.60
C LEU C 317 -17.45 14.11 -8.04
N LEU C 318 -18.49 14.49 -8.74
CA LEU C 318 -18.65 14.10 -10.13
C LEU C 318 -17.70 14.90 -11.01
N ALA C 319 -17.14 15.98 -10.47
CA ALA C 319 -16.27 16.83 -11.25
C ALA C 319 -14.78 16.93 -10.93
N PHE C 320 -14.44 17.11 -9.66
CA PHE C 320 -13.03 17.27 -9.35
C PHE C 320 -12.07 16.10 -9.61
N PRO C 321 -12.51 14.84 -9.40
CA PRO C 321 -11.58 13.74 -9.67
C PRO C 321 -11.03 13.80 -11.11
N GLY C 322 -11.94 13.86 -12.08
CA GLY C 322 -11.52 13.93 -13.47
C GLY C 322 -10.79 15.21 -13.86
N ILE C 323 -11.41 16.37 -13.63
CA ILE C 323 -10.81 17.66 -14.00
C ILE C 323 -9.37 17.72 -13.56
N MET C 324 -9.18 17.57 -12.25
CA MET C 324 -7.88 17.64 -11.61
C MET C 324 -6.86 16.69 -12.21
N LYS C 325 -7.29 15.47 -12.54
CA LYS C 325 -6.38 14.48 -13.13
C LYS C 325 -5.96 14.84 -14.55
N GLY C 326 -6.94 15.17 -15.38
CA GLY C 326 -6.65 15.54 -16.74
C GLY C 326 -5.74 16.75 -16.82
N ALA C 327 -5.95 17.73 -15.95
CA ALA C 327 -5.15 18.96 -15.96
C ALA C 327 -3.71 18.75 -15.47
N VAL C 328 -3.56 17.97 -14.40
CA VAL C 328 -2.25 17.70 -13.82
C VAL C 328 -1.35 16.89 -14.75
N GLU C 329 -1.98 16.12 -15.63
CA GLU C 329 -1.26 15.30 -16.58
C GLU C 329 -0.83 16.15 -17.78
N LYS C 330 -1.81 16.84 -18.38
CA LYS C 330 -1.59 17.73 -19.53
C LYS C 330 -0.76 18.95 -19.05
N ARG C 331 -0.22 18.83 -17.84
CA ARG C 331 0.58 19.89 -17.21
C ARG C 331 0.12 21.30 -17.54
N SER C 332 -1.20 21.52 -17.65
CA SER C 332 -1.71 22.85 -17.99
C SER C 332 -2.62 23.52 -16.96
N LYS C 333 -2.68 24.85 -17.04
CA LYS C 333 -3.53 25.63 -16.14
C LYS C 333 -4.96 25.19 -16.40
N ILE C 334 -5.88 25.59 -15.54
CA ILE C 334 -7.29 25.22 -15.72
C ILE C 334 -8.02 26.36 -16.43
N THR C 335 -8.42 26.11 -17.67
CA THR C 335 -9.09 27.12 -18.47
C THR C 335 -10.61 26.96 -18.54
N LYS C 336 -11.29 28.02 -18.97
CA LYS C 336 -12.74 28.03 -19.09
C LYS C 336 -13.19 26.98 -20.10
N ASN C 337 -12.32 26.70 -21.08
CA ASN C 337 -12.60 25.69 -22.09
C ASN C 337 -12.59 24.30 -21.45
N MET C 338 -11.56 24.03 -20.66
CA MET C 338 -11.45 22.76 -19.97
C MET C 338 -12.70 22.59 -19.12
N LEU C 339 -12.98 23.59 -18.31
CA LEU C 339 -14.15 23.56 -17.46
C LEU C 339 -15.45 23.29 -18.22
N LEU C 340 -15.63 23.96 -19.35
CA LEU C 340 -16.84 23.76 -20.16
C LEU C 340 -16.91 22.35 -20.73
N SER C 341 -15.76 21.78 -21.05
CA SER C 341 -15.69 20.42 -21.59
C SER C 341 -16.20 19.42 -20.58
N ALA C 342 -15.85 19.65 -19.31
CA ALA C 342 -16.27 18.78 -18.24
C ALA C 342 -17.78 18.93 -17.98
N VAL C 343 -18.32 20.09 -18.30
CA VAL C 343 -19.75 20.30 -18.11
C VAL C 343 -20.44 19.37 -19.10
N GLU C 344 -20.05 19.51 -20.36
CA GLU C 344 -20.61 18.67 -21.42
C GLU C 344 -20.32 17.22 -21.04
N ALA C 345 -19.05 16.91 -20.82
CA ALA C 345 -18.60 15.57 -20.45
C ALA C 345 -19.57 14.90 -19.49
N ILE C 346 -19.85 15.58 -18.37
CA ILE C 346 -20.75 15.07 -17.35
C ILE C 346 -22.17 14.91 -17.90
N ALA C 347 -22.68 15.98 -18.49
CA ALA C 347 -24.04 15.97 -19.02
C ALA C 347 -24.34 14.81 -19.96
N ARG C 348 -23.44 14.55 -20.91
CA ARG C 348 -23.66 13.48 -21.86
C ARG C 348 -23.25 12.10 -21.34
N SER C 349 -22.99 12.00 -20.04
CA SER C 349 -22.61 10.71 -19.44
C SER C 349 -23.83 9.98 -18.90
N CYS C 350 -24.97 10.19 -19.55
CA CYS C 350 -26.22 9.55 -19.17
C CYS C 350 -27.35 10.13 -20.01
N GLU C 351 -28.46 9.39 -20.12
CA GLU C 351 -29.62 9.90 -20.84
C GLU C 351 -30.53 10.48 -19.76
N PRO C 352 -30.75 11.81 -19.80
CA PRO C 352 -31.58 12.55 -18.85
C PRO C 352 -33.04 12.17 -18.70
N GLU C 353 -33.47 12.14 -17.44
CA GLU C 353 -34.83 11.80 -17.10
C GLU C 353 -35.13 12.46 -15.77
N PRO C 354 -36.36 12.91 -15.57
CA PRO C 354 -36.83 13.58 -14.35
C PRO C 354 -36.22 13.13 -13.02
N GLU C 355 -36.13 11.83 -12.80
CA GLU C 355 -35.57 11.32 -11.54
C GLU C 355 -34.08 10.97 -11.67
N ARG C 356 -33.54 11.22 -12.85
CA ARG C 356 -32.14 10.98 -13.16
C ARG C 356 -31.67 11.94 -14.26
N ILE C 357 -31.30 13.16 -13.85
CA ILE C 357 -30.83 14.16 -14.80
C ILE C 357 -29.32 14.07 -15.02
N ILE C 358 -28.63 13.55 -14.00
CA ILE C 358 -27.17 13.34 -14.02
C ILE C 358 -26.83 12.01 -13.33
N PRO C 359 -25.65 11.42 -13.63
CA PRO C 359 -25.30 10.15 -12.99
C PRO C 359 -24.89 10.31 -11.52
N GLU C 360 -24.57 9.20 -10.85
CA GLU C 360 -24.14 9.30 -9.46
C GLU C 360 -22.62 9.32 -9.48
N ALA C 361 -22.03 9.70 -8.35
CA ALA C 361 -20.57 9.77 -8.28
C ALA C 361 -19.89 8.42 -8.51
N PHE C 362 -20.59 7.33 -8.22
CA PHE C 362 -20.04 5.98 -8.37
C PHE C 362 -19.98 5.45 -9.80
N ASP C 363 -20.61 6.13 -10.73
CA ASP C 363 -20.58 5.72 -12.13
C ASP C 363 -19.17 6.03 -12.65
N MET C 364 -18.27 5.05 -12.53
CA MET C 364 -16.88 5.22 -12.94
C MET C 364 -16.80 5.83 -14.34
N LYS C 365 -17.81 5.57 -15.15
CA LYS C 365 -17.79 5.97 -16.56
C LYS C 365 -17.68 7.49 -16.63
N VAL C 366 -18.27 8.18 -15.65
CA VAL C 366 -18.27 9.64 -15.62
C VAL C 366 -16.86 10.20 -15.49
N HIS C 367 -16.16 9.72 -14.47
CA HIS C 367 -14.79 10.15 -14.21
C HIS C 367 -13.88 9.93 -15.40
N LEU C 368 -14.18 8.92 -16.23
CA LEU C 368 -13.34 8.70 -17.39
C LEU C 368 -13.70 9.69 -18.49
N ASN C 369 -15.00 10.01 -18.60
CA ASN C 369 -15.44 10.95 -19.62
C ASN C 369 -14.90 12.35 -19.31
N VAL C 370 -14.90 12.71 -18.02
CA VAL C 370 -14.40 14.02 -17.59
C VAL C 370 -12.88 14.09 -17.77
N TYR C 371 -12.19 13.06 -17.30
CA TYR C 371 -10.75 12.98 -17.44
C TYR C 371 -10.37 13.11 -18.90
N THR C 372 -11.12 12.43 -19.75
CA THR C 372 -10.89 12.45 -21.19
C THR C 372 -11.11 13.84 -21.78
N ALA C 373 -12.26 14.44 -21.44
CA ALA C 373 -12.59 15.78 -21.91
C ALA C 373 -11.54 16.79 -21.46
N VAL C 374 -11.42 16.96 -20.14
CA VAL C 374 -10.48 17.91 -19.57
C VAL C 374 -9.08 17.74 -20.18
N LYS C 375 -8.71 16.49 -20.44
CA LYS C 375 -7.39 16.21 -21.00
C LYS C 375 -7.26 16.80 -22.41
N GLY C 376 -8.16 16.38 -23.30
CA GLY C 376 -8.12 16.85 -24.67
C GLY C 376 -8.46 18.31 -24.85
N SER C 377 -9.13 18.91 -23.86
CA SER C 377 -9.50 20.32 -23.93
C SER C 377 -8.29 21.24 -23.82
N ALA C 378 -8.54 22.53 -24.03
CA ALA C 378 -7.47 23.53 -23.98
C ALA C 378 -6.83 23.67 -22.59
N ASP D 4 16.15 -2.91 -18.31
CA ASP D 4 16.12 -4.36 -18.68
C ASP D 4 15.23 -5.19 -17.74
N ALA D 5 14.48 -6.13 -18.30
CA ALA D 5 13.57 -6.99 -17.55
C ALA D 5 14.17 -7.79 -16.39
N LEU D 6 15.26 -8.50 -16.61
CA LEU D 6 15.80 -9.24 -15.49
C LEU D 6 16.34 -8.31 -14.42
N GLU D 7 16.83 -7.14 -14.82
CA GLU D 7 17.37 -6.17 -13.88
C GLU D 7 16.30 -5.75 -12.86
N LEU D 8 15.31 -5.09 -13.37
CA LEU D 8 14.22 -4.52 -12.57
C LEU D 8 13.52 -5.61 -11.75
N HIS D 9 13.45 -6.83 -12.20
CA HIS D 9 12.77 -7.87 -11.42
C HIS D 9 13.47 -8.19 -10.11
N ARG D 10 14.79 -8.14 -10.11
CA ARG D 10 15.53 -8.44 -8.91
C ARG D 10 15.43 -7.28 -7.93
N PHE D 11 15.44 -6.05 -8.45
CA PHE D 11 15.34 -4.85 -7.62
C PHE D 11 14.06 -4.84 -6.79
N LEU D 12 12.93 -5.10 -7.46
CA LEU D 12 11.62 -5.14 -6.81
C LEU D 12 11.40 -6.33 -5.88
N LYS D 13 12.23 -7.35 -6.01
CA LYS D 13 12.10 -8.55 -5.17
C LYS D 13 10.69 -9.07 -5.20
N GLY D 14 10.02 -8.91 -6.34
CA GLY D 14 8.65 -9.38 -6.47
C GLY D 14 7.79 -8.33 -7.13
N LYS D 15 6.63 -8.73 -7.63
CA LYS D 15 5.74 -7.78 -8.26
C LYS D 15 4.42 -7.75 -7.49
N ILE D 16 4.46 -8.28 -6.26
CA ILE D 16 3.26 -8.32 -5.44
C ILE D 16 3.49 -8.38 -3.92
N ARG D 17 2.92 -7.38 -3.23
CA ARG D 17 3.01 -7.23 -1.78
C ARG D 17 1.60 -7.17 -1.24
N THR D 18 1.48 -6.94 0.05
CA THR D 18 0.17 -6.84 0.70
C THR D 18 0.12 -5.62 1.60
N ALA D 19 -1.07 -5.10 1.82
CA ALA D 19 -1.24 -3.94 2.68
C ALA D 19 -2.28 -4.26 3.72
N LEU D 20 -2.19 -3.61 4.87
CA LEU D 20 -3.17 -3.85 5.90
C LEU D 20 -3.88 -2.52 6.06
N PRO D 21 -5.22 -2.54 6.32
CA PRO D 21 -5.97 -1.30 6.49
C PRO D 21 -5.32 -0.32 7.48
N VAL D 22 -4.95 -0.83 8.64
CA VAL D 22 -4.33 -0.01 9.68
C VAL D 22 -2.84 0.19 9.52
N GLU D 23 -2.39 1.40 9.78
CA GLU D 23 -0.97 1.72 9.68
C GLU D 23 -0.22 1.16 10.87
N LYS D 24 -0.62 1.50 12.08
CA LYS D 24 0.07 0.96 13.26
C LYS D 24 -0.95 0.40 14.22
N VAL D 25 -0.71 -0.85 14.57
CA VAL D 25 -1.57 -1.63 15.43
C VAL D 25 -1.35 -1.32 16.90
N ASP D 26 -2.18 -1.93 17.75
CA ASP D 26 -2.13 -1.79 19.20
C ASP D 26 -3.14 -2.74 19.81
N ARG D 27 -3.12 -2.88 21.13
CA ARG D 27 -4.04 -3.73 21.86
C ARG D 27 -5.45 -3.68 21.27
N GLU D 28 -6.12 -2.54 21.45
CA GLU D 28 -7.47 -2.32 20.92
C GLU D 28 -7.69 -2.97 19.55
N THR D 29 -6.85 -2.61 18.60
CA THR D 29 -6.98 -3.12 17.26
C THR D 29 -7.12 -4.64 17.20
N LEU D 30 -6.13 -5.36 17.73
CA LEU D 30 -6.16 -6.81 17.70
C LEU D 30 -7.40 -7.43 18.33
N SER D 31 -7.89 -6.83 19.39
CA SER D 31 -9.07 -7.34 20.06
C SER D 31 -10.26 -7.38 19.11
N LEU D 32 -10.19 -6.60 18.02
CA LEU D 32 -11.26 -6.57 17.03
C LEU D 32 -10.96 -7.37 15.79
N LEU D 33 -9.75 -7.19 15.25
CA LEU D 33 -9.33 -7.91 14.05
C LEU D 33 -8.85 -9.33 14.30
N TYR D 34 -8.84 -9.75 15.55
CA TYR D 34 -8.40 -11.08 15.90
C TYR D 34 -9.01 -11.44 17.25
N THR D 35 -8.71 -12.62 17.81
CA THR D 35 -9.30 -13.00 19.11
C THR D 35 -9.22 -11.87 20.11
N PRO D 36 -10.30 -11.63 20.88
CA PRO D 36 -11.58 -12.34 20.91
C PRO D 36 -12.68 -11.91 19.92
N GLY D 37 -12.59 -10.68 19.42
CA GLY D 37 -13.61 -10.20 18.49
C GLY D 37 -13.86 -11.06 17.27
N VAL D 38 -12.82 -11.27 16.46
CA VAL D 38 -12.91 -12.06 15.24
C VAL D 38 -13.68 -13.35 15.38
N ALA D 39 -13.82 -13.84 16.60
CA ALA D 39 -14.53 -15.09 16.79
C ALA D 39 -16.00 -14.98 16.49
N ASP D 40 -16.53 -13.76 16.37
CA ASP D 40 -17.96 -13.60 16.09
C ASP D 40 -18.28 -13.45 14.61
N VAL D 41 -17.23 -13.24 13.82
CA VAL D 41 -17.32 -13.13 12.36
C VAL D 41 -17.19 -14.57 11.88
N ALA D 42 -16.41 -15.35 12.62
CA ALA D 42 -16.20 -16.74 12.28
C ALA D 42 -17.54 -17.42 12.36
N ARG D 43 -18.18 -17.25 13.50
CA ARG D 43 -19.47 -17.84 13.78
C ARG D 43 -20.50 -17.47 12.72
N ALA D 44 -20.42 -16.25 12.19
CA ALA D 44 -21.38 -15.78 11.18
C ALA D 44 -21.09 -16.40 9.83
N CYS D 45 -19.82 -16.70 9.59
CA CYS D 45 -19.41 -17.30 8.34
C CYS D 45 -19.58 -18.82 8.38
N ALA D 46 -19.63 -19.37 9.58
CA ALA D 46 -19.87 -20.81 9.69
C ALA D 46 -21.35 -20.89 9.40
N GLU D 47 -22.10 -19.99 10.03
CA GLU D 47 -23.55 -19.85 9.90
C GLU D 47 -23.91 -19.89 8.42
N ASP D 48 -23.72 -18.77 7.75
CA ASP D 48 -24.02 -18.66 6.33
C ASP D 48 -22.71 -18.37 5.63
N PRO D 49 -22.18 -19.35 4.90
CA PRO D 49 -20.92 -19.17 4.19
C PRO D 49 -21.01 -17.97 3.24
N GLU D 50 -22.23 -17.56 2.94
CA GLU D 50 -22.44 -16.46 2.01
C GLU D 50 -22.11 -15.09 2.59
N LYS D 51 -21.71 -15.05 3.85
CA LYS D 51 -21.38 -13.77 4.47
C LYS D 51 -19.88 -13.49 4.44
N THR D 52 -19.12 -14.45 3.91
CA THR D 52 -17.69 -14.32 3.80
C THR D 52 -17.41 -13.25 2.75
N TYR D 53 -18.48 -12.78 2.09
CA TYR D 53 -18.41 -11.74 1.05
C TYR D 53 -18.66 -10.37 1.66
N VAL D 54 -19.14 -10.38 2.90
CA VAL D 54 -19.45 -9.17 3.63
C VAL D 54 -18.38 -8.88 4.70
N TYR D 55 -17.65 -9.92 5.12
CA TYR D 55 -16.63 -9.74 6.14
C TYR D 55 -15.18 -10.01 5.77
N THR D 56 -14.93 -10.73 4.67
CA THR D 56 -13.56 -11.03 4.28
C THR D 56 -13.27 -10.46 2.89
N SER D 57 -12.14 -10.81 2.31
CA SER D 57 -11.80 -10.29 0.99
C SER D 57 -12.39 -11.16 -0.13
N ARG D 58 -12.95 -12.29 0.24
CA ARG D 58 -13.55 -13.19 -0.72
C ARG D 58 -14.17 -12.39 -1.87
N TRP D 59 -14.92 -11.34 -1.54
CA TRP D 59 -15.57 -10.54 -2.57
C TRP D 59 -14.64 -9.92 -3.62
N ASN D 60 -13.34 -9.85 -3.32
CA ASN D 60 -12.44 -9.22 -4.26
C ASN D 60 -11.20 -10.04 -4.55
N THR D 61 -11.15 -11.27 -4.07
CA THR D 61 -9.97 -12.08 -4.32
C THR D 61 -10.14 -13.10 -5.44
N VAL D 62 -9.06 -13.31 -6.17
CA VAL D 62 -9.03 -14.23 -7.30
C VAL D 62 -7.71 -15.00 -7.28
N ALA D 63 -7.79 -16.29 -7.54
CA ALA D 63 -6.60 -17.13 -7.57
C ALA D 63 -6.12 -17.34 -9.01
N VAL D 64 -4.84 -17.10 -9.26
CA VAL D 64 -4.30 -17.28 -10.57
C VAL D 64 -3.62 -18.62 -10.58
N VAL D 65 -4.38 -19.65 -10.96
CA VAL D 65 -3.88 -21.04 -10.99
C VAL D 65 -3.24 -21.51 -12.28
N SER D 66 -2.07 -22.13 -12.13
CA SER D 66 -1.31 -22.69 -13.23
C SER D 66 -0.46 -23.85 -12.75
N ASP D 67 -0.11 -24.75 -13.66
CA ASP D 67 0.72 -25.92 -13.34
C ASP D 67 2.02 -25.85 -14.13
N GLY D 68 2.14 -24.76 -14.89
CA GLY D 68 3.31 -24.55 -15.70
C GLY D 68 3.42 -25.43 -16.94
N SER D 69 2.32 -26.07 -17.34
CA SER D 69 2.35 -26.95 -18.51
C SER D 69 2.25 -26.23 -19.86
N ALA D 70 1.98 -24.93 -19.82
CA ALA D 70 1.88 -24.15 -21.06
C ALA D 70 2.20 -22.68 -20.86
N VAL D 71 3.25 -22.41 -20.09
CA VAL D 71 3.69 -21.06 -19.79
C VAL D 71 4.02 -20.32 -21.08
N LEU D 72 3.31 -19.22 -21.33
CA LEU D 72 3.53 -18.42 -22.53
C LEU D 72 3.84 -19.29 -23.75
N GLY D 73 4.90 -18.93 -24.46
CA GLY D 73 5.30 -19.68 -25.63
C GLY D 73 6.52 -20.54 -25.32
N LEU D 74 6.74 -20.85 -24.04
CA LEU D 74 7.89 -21.67 -23.69
C LEU D 74 7.56 -23.15 -23.51
N GLY D 75 6.29 -23.47 -23.30
CA GLY D 75 5.93 -24.87 -23.12
C GLY D 75 5.79 -25.29 -21.66
N ASN D 76 6.03 -26.56 -21.40
CA ASN D 76 5.88 -27.12 -20.07
C ASN D 76 7.13 -26.94 -19.21
N ILE D 77 7.41 -25.69 -18.84
CA ILE D 77 8.58 -25.36 -18.03
C ILE D 77 8.45 -25.63 -16.52
N GLY D 78 7.22 -25.91 -16.07
CA GLY D 78 7.03 -26.18 -14.66
C GLY D 78 6.43 -25.01 -13.87
N PRO D 79 6.03 -25.25 -12.62
CA PRO D 79 5.45 -24.22 -11.75
C PRO D 79 6.43 -23.12 -11.32
N TYR D 80 7.69 -23.51 -11.05
CA TYR D 80 8.71 -22.55 -10.62
C TYR D 80 8.96 -21.54 -11.71
N GLY D 81 8.90 -21.99 -12.96
CA GLY D 81 9.08 -21.07 -14.06
C GLY D 81 7.81 -20.26 -14.24
N ALA D 82 6.67 -20.88 -13.98
CA ALA D 82 5.40 -20.19 -14.16
C ALA D 82 5.15 -19.10 -13.12
N LEU D 83 5.64 -19.31 -11.90
CA LEU D 83 5.45 -18.34 -10.80
C LEU D 83 5.61 -16.88 -11.18
N PRO D 84 6.76 -16.48 -11.74
CA PRO D 84 6.90 -15.07 -12.09
C PRO D 84 5.91 -14.58 -13.14
N VAL D 85 5.40 -15.49 -13.98
CA VAL D 85 4.43 -15.11 -15.01
C VAL D 85 3.04 -14.98 -14.41
N MET D 86 2.82 -15.72 -13.34
CA MET D 86 1.54 -15.67 -12.62
C MET D 86 1.48 -14.51 -11.64
N GLU D 87 2.65 -13.96 -11.28
CA GLU D 87 2.70 -12.74 -10.51
C GLU D 87 2.41 -11.63 -11.51
N GLY D 88 2.78 -11.85 -12.76
CA GLY D 88 2.55 -10.87 -13.82
C GLY D 88 1.09 -10.71 -14.14
N LYS D 89 0.35 -11.82 -14.12
CA LYS D 89 -1.09 -11.78 -14.34
C LYS D 89 -1.83 -11.33 -13.09
N ALA D 90 -1.18 -11.46 -11.95
CA ALA D 90 -1.71 -10.95 -10.69
C ALA D 90 -1.53 -9.44 -10.63
N PHE D 91 -0.50 -8.93 -11.25
CA PHE D 91 -0.26 -7.50 -11.26
C PHE D 91 -1.32 -6.84 -12.12
N LEU D 92 -1.48 -7.34 -13.34
CA LEU D 92 -2.46 -6.80 -14.26
C LEU D 92 -3.85 -6.72 -13.63
N PHE D 93 -4.21 -7.73 -12.85
CA PHE D 93 -5.51 -7.73 -12.21
C PHE D 93 -5.67 -6.52 -11.29
N LYS D 94 -4.62 -6.22 -10.53
CA LYS D 94 -4.66 -5.11 -9.59
C LYS D 94 -4.65 -3.78 -10.31
N ALA D 95 -3.82 -3.70 -11.34
CA ALA D 95 -3.68 -2.48 -12.11
C ALA D 95 -4.97 -2.07 -12.83
N PHE D 96 -5.57 -3.04 -13.55
CA PHE D 96 -6.76 -2.81 -14.35
C PHE D 96 -8.14 -3.15 -13.80
N ALA D 97 -8.20 -3.86 -12.68
CA ALA D 97 -9.48 -4.23 -12.08
C ALA D 97 -9.49 -4.03 -10.58
N ASP D 98 -8.36 -3.61 -10.04
CA ASP D 98 -8.24 -3.40 -8.60
C ASP D 98 -8.69 -4.69 -7.90
N ILE D 99 -8.26 -5.82 -8.44
CA ILE D 99 -8.58 -7.12 -7.86
C ILE D 99 -7.36 -7.65 -7.13
N ASP D 100 -7.55 -8.23 -5.96
CA ASP D 100 -6.45 -8.80 -5.18
C ASP D 100 -6.25 -10.24 -5.63
N ALA D 101 -5.39 -10.41 -6.63
CA ALA D 101 -5.12 -11.71 -7.19
C ALA D 101 -3.88 -12.40 -6.62
N PHE D 102 -4.05 -13.63 -6.15
CA PHE D 102 -2.91 -14.31 -5.62
C PHE D 102 -2.54 -15.44 -6.55
N PRO D 103 -1.29 -15.48 -6.98
CA PRO D 103 -0.72 -16.47 -7.89
C PRO D 103 -0.50 -17.80 -7.20
N ILE D 104 -1.09 -18.85 -7.74
CA ILE D 104 -0.93 -20.18 -7.17
C ILE D 104 -0.44 -21.15 -8.23
N CYS D 105 0.81 -21.55 -8.11
CA CYS D 105 1.40 -22.46 -9.06
C CYS D 105 1.53 -23.86 -8.48
N LEU D 106 0.71 -24.78 -8.97
CA LEU D 106 0.74 -26.15 -8.47
C LEU D 106 1.77 -27.08 -9.08
N SER D 107 2.38 -27.90 -8.24
CA SER D 107 3.36 -28.88 -8.69
C SER D 107 2.60 -30.20 -8.71
N GLU D 108 1.70 -30.32 -9.69
CA GLU D 108 0.90 -31.51 -9.91
C GLU D 108 0.34 -31.37 -11.32
N SER D 109 0.67 -32.32 -12.18
CA SER D 109 0.23 -32.30 -13.58
C SER D 109 -1.01 -33.16 -13.92
N GLU D 110 -1.30 -34.18 -13.13
CA GLU D 110 -2.46 -35.03 -13.41
C GLU D 110 -3.80 -34.32 -13.28
N GLU D 111 -4.46 -34.09 -14.40
CA GLU D 111 -5.74 -33.39 -14.46
C GLU D 111 -6.78 -33.67 -13.37
N GLU D 112 -6.98 -34.94 -13.03
CA GLU D 112 -7.97 -35.28 -12.01
C GLU D 112 -7.56 -34.81 -10.63
N LYS D 113 -6.27 -34.54 -10.44
CA LYS D 113 -5.79 -34.06 -9.16
C LYS D 113 -5.79 -32.55 -9.16
N ILE D 114 -5.44 -31.94 -10.28
CA ILE D 114 -5.47 -30.49 -10.35
C ILE D 114 -6.88 -30.10 -9.95
N ILE D 115 -7.86 -30.73 -10.59
CA ILE D 115 -9.27 -30.44 -10.32
C ILE D 115 -9.66 -30.61 -8.84
N SER D 116 -9.18 -31.69 -8.21
CA SER D 116 -9.53 -31.95 -6.81
C SER D 116 -8.84 -31.00 -5.83
N ILE D 117 -7.74 -30.42 -6.25
CA ILE D 117 -7.01 -29.48 -5.41
C ILE D 117 -7.66 -28.10 -5.48
N VAL D 118 -7.92 -27.63 -6.69
CA VAL D 118 -8.55 -26.33 -6.88
C VAL D 118 -9.94 -26.27 -6.25
N LYS D 119 -10.73 -27.33 -6.34
CA LYS D 119 -12.07 -27.34 -5.77
C LYS D 119 -12.01 -27.09 -4.28
N SER D 120 -10.90 -27.49 -3.67
CA SER D 120 -10.75 -27.32 -2.24
C SER D 120 -10.39 -25.90 -1.84
N LEU D 121 -10.02 -25.07 -2.80
CA LEU D 121 -9.65 -23.68 -2.52
C LEU D 121 -10.83 -22.74 -2.46
N GLU D 122 -11.97 -23.18 -2.95
CA GLU D 122 -13.15 -22.34 -3.00
C GLU D 122 -13.40 -21.40 -1.82
N PRO D 123 -13.31 -21.90 -0.59
CA PRO D 123 -13.55 -21.03 0.57
C PRO D 123 -12.66 -19.80 0.65
N SER D 124 -11.51 -19.83 -0.02
CA SER D 124 -10.56 -18.73 0.04
C SER D 124 -10.69 -17.65 -1.02
N PHE D 125 -11.24 -18.02 -2.18
CA PHE D 125 -11.38 -17.08 -3.29
C PHE D 125 -12.80 -16.83 -3.78
N GLY D 126 -12.96 -15.71 -4.49
CA GLY D 126 -14.27 -15.36 -5.01
C GLY D 126 -14.31 -15.67 -6.49
N GLY D 127 -13.15 -16.02 -7.05
CA GLY D 127 -13.02 -16.35 -8.45
C GLY D 127 -11.72 -17.08 -8.74
N ILE D 128 -11.70 -17.90 -9.79
CA ILE D 128 -10.51 -18.65 -10.18
C ILE D 128 -10.12 -18.24 -11.57
N ASN D 129 -8.82 -18.16 -11.84
CA ASN D 129 -8.36 -17.82 -13.18
C ASN D 129 -7.28 -18.79 -13.67
N LEU D 130 -7.72 -19.85 -14.34
CA LEU D 130 -6.81 -20.85 -14.86
C LEU D 130 -5.94 -20.19 -15.88
N GLU D 131 -4.62 -20.27 -15.67
CA GLU D 131 -3.67 -19.68 -16.61
C GLU D 131 -2.67 -20.72 -17.10
N ASP D 132 -2.15 -20.52 -18.31
CA ASP D 132 -1.01 -21.27 -18.80
C ASP D 132 -1.11 -22.74 -18.39
N ILE D 133 -2.20 -23.39 -18.78
CA ILE D 133 -2.37 -24.83 -18.54
C ILE D 133 -2.54 -25.42 -19.94
N GLY D 134 -1.66 -26.37 -20.27
CA GLY D 134 -1.68 -26.99 -21.58
C GLY D 134 -2.95 -27.69 -22.02
N ALA D 135 -3.03 -27.93 -23.33
CA ALA D 135 -4.15 -28.62 -23.93
C ALA D 135 -3.72 -30.06 -24.25
N PRO D 136 -4.68 -30.98 -24.37
CA PRO D 136 -6.13 -30.80 -24.26
C PRO D 136 -6.67 -31.02 -22.84
N LYS D 137 -5.79 -31.17 -21.85
CA LYS D 137 -6.29 -31.38 -20.49
C LYS D 137 -6.95 -30.11 -19.92
N CYS D 138 -6.55 -28.95 -20.45
CA CYS D 138 -7.11 -27.69 -19.97
C CYS D 138 -8.59 -27.61 -20.28
N PHE D 139 -9.05 -28.40 -21.25
CA PHE D 139 -10.46 -28.39 -21.62
C PHE D 139 -11.29 -29.10 -20.58
N ARG D 140 -10.84 -30.28 -20.18
CA ARG D 140 -11.58 -31.07 -19.20
C ARG D 140 -11.54 -30.42 -17.84
N ILE D 141 -10.41 -29.79 -17.55
CA ILE D 141 -10.22 -29.12 -16.28
C ILE D 141 -11.12 -27.91 -16.17
N LEU D 142 -11.15 -27.08 -17.22
CA LEU D 142 -12.01 -25.89 -17.21
C LEU D 142 -13.48 -26.26 -17.10
N GLN D 143 -13.89 -27.26 -17.86
CA GLN D 143 -15.26 -27.71 -17.84
C GLN D 143 -15.68 -28.17 -16.45
N ARG D 144 -15.07 -29.25 -15.98
CA ARG D 144 -15.38 -29.80 -14.66
C ARG D 144 -15.44 -28.72 -13.57
N LEU D 145 -14.39 -27.92 -13.48
CA LEU D 145 -14.32 -26.88 -12.48
C LEU D 145 -15.45 -25.86 -12.56
N SER D 146 -15.74 -25.34 -13.75
CA SER D 146 -16.83 -24.37 -13.85
C SER D 146 -18.13 -25.01 -13.40
N GLU D 147 -18.23 -26.32 -13.59
CA GLU D 147 -19.43 -27.05 -13.20
C GLU D 147 -19.44 -27.34 -11.71
N GLU D 148 -18.33 -27.88 -11.22
CA GLU D 148 -18.22 -28.26 -9.82
C GLU D 148 -18.02 -27.17 -8.74
N MET D 149 -17.67 -25.95 -9.12
CA MET D 149 -17.47 -24.90 -8.14
C MET D 149 -18.51 -23.80 -8.22
N ASN D 150 -18.77 -23.17 -7.09
CA ASN D 150 -19.77 -22.10 -7.03
C ASN D 150 -19.25 -20.72 -7.41
N ILE D 151 -17.93 -20.55 -7.40
CA ILE D 151 -17.35 -19.26 -7.74
C ILE D 151 -17.06 -19.33 -9.23
N PRO D 152 -16.90 -18.19 -9.91
CA PRO D 152 -16.62 -18.22 -11.35
C PRO D 152 -15.24 -18.77 -11.73
N VAL D 153 -15.19 -19.59 -12.79
CA VAL D 153 -13.92 -20.14 -13.27
C VAL D 153 -13.70 -19.65 -14.70
N PHE D 154 -12.52 -19.11 -14.97
CA PHE D 154 -12.16 -18.53 -16.26
C PHE D 154 -10.79 -19.02 -16.69
N HIS D 155 -10.53 -19.02 -17.98
CA HIS D 155 -9.22 -19.42 -18.48
C HIS D 155 -8.89 -18.53 -19.67
N ASP D 156 -7.99 -17.57 -19.46
CA ASP D 156 -7.68 -16.57 -20.46
C ASP D 156 -7.46 -17.20 -21.83
N ASP D 157 -6.41 -17.99 -21.95
CA ASP D 157 -5.92 -18.43 -23.25
C ASP D 157 -6.85 -19.46 -23.89
N GLN D 158 -7.99 -19.68 -23.24
CA GLN D 158 -9.15 -20.23 -23.91
C GLN D 158 -10.19 -19.13 -24.15
N GLN D 159 -10.95 -18.78 -23.10
CA GLN D 159 -12.01 -17.78 -23.17
C GLN D 159 -11.55 -16.33 -23.33
N GLY D 160 -10.49 -15.97 -22.62
CA GLY D 160 -10.00 -14.61 -22.73
C GLY D 160 -9.60 -14.31 -24.16
N THR D 161 -8.74 -15.15 -24.71
CA THR D 161 -8.28 -14.99 -26.08
C THR D 161 -9.42 -14.92 -27.10
N ALA D 162 -10.32 -15.90 -27.05
CA ALA D 162 -11.48 -15.95 -27.94
C ALA D 162 -12.25 -14.63 -27.94
N VAL D 163 -12.42 -14.05 -26.75
CA VAL D 163 -13.15 -12.78 -26.62
C VAL D 163 -12.43 -11.66 -27.37
N VAL D 164 -11.15 -11.47 -27.08
CA VAL D 164 -10.38 -10.42 -27.74
C VAL D 164 -10.37 -10.64 -29.26
N VAL D 165 -9.92 -11.82 -29.69
CA VAL D 165 -9.85 -12.13 -31.12
C VAL D 165 -11.16 -11.76 -31.79
N SER D 166 -12.27 -12.28 -31.26
CA SER D 166 -13.57 -11.99 -31.85
C SER D 166 -13.82 -10.49 -31.97
N ALA D 167 -13.49 -9.72 -30.94
CA ALA D 167 -13.69 -8.29 -31.02
C ALA D 167 -12.85 -7.77 -32.18
N ALA D 168 -11.58 -8.14 -32.21
CA ALA D 168 -10.69 -7.69 -33.27
C ALA D 168 -11.28 -8.08 -34.63
N PHE D 169 -11.79 -9.31 -34.73
CA PHE D 169 -12.41 -9.84 -35.94
C PHE D 169 -13.55 -8.93 -36.39
N LEU D 170 -14.54 -8.77 -35.52
CA LEU D 170 -15.68 -7.93 -35.83
C LEU D 170 -15.29 -6.58 -36.40
N ASN D 171 -14.37 -5.87 -35.74
CA ASN D 171 -13.98 -4.56 -36.25
C ASN D 171 -13.32 -4.63 -37.62
N ALA D 172 -12.47 -5.63 -37.84
CA ALA D 172 -11.81 -5.77 -39.13
C ALA D 172 -12.86 -6.13 -40.20
N LEU D 173 -13.78 -7.02 -39.85
CA LEU D 173 -14.81 -7.43 -40.77
C LEU D 173 -15.61 -6.22 -41.25
N LYS D 174 -15.83 -5.25 -40.37
CA LYS D 174 -16.56 -4.03 -40.73
C LYS D 174 -15.77 -3.21 -41.77
N LEU D 175 -14.46 -3.07 -41.53
CA LEU D 175 -13.59 -2.32 -42.45
C LEU D 175 -13.47 -3.03 -43.82
N THR D 176 -13.65 -4.34 -43.82
CA THR D 176 -13.56 -5.13 -45.05
C THR D 176 -14.92 -5.10 -45.78
N GLU D 177 -15.94 -4.68 -45.04
CA GLU D 177 -17.32 -4.56 -45.53
C GLU D 177 -17.93 -5.84 -46.11
N LYS D 178 -17.25 -6.98 -45.94
CA LYS D 178 -17.81 -8.22 -46.45
C LYS D 178 -18.90 -8.71 -45.49
N LYS D 179 -19.66 -9.72 -45.90
CA LYS D 179 -20.72 -10.28 -45.05
C LYS D 179 -20.12 -11.36 -44.14
N ILE D 180 -20.56 -11.38 -42.88
CA ILE D 180 -20.07 -12.37 -41.92
C ILE D 180 -20.42 -13.79 -42.33
N GLU D 181 -21.68 -14.00 -42.73
CA GLU D 181 -22.14 -15.33 -43.13
C GLU D 181 -21.66 -15.75 -44.52
N GLU D 182 -20.71 -15.00 -45.09
CA GLU D 182 -20.16 -15.30 -46.42
C GLU D 182 -18.63 -15.30 -46.51
N VAL D 183 -17.94 -15.09 -45.40
CA VAL D 183 -16.48 -15.06 -45.44
C VAL D 183 -15.84 -16.40 -45.08
N LYS D 184 -14.61 -16.59 -45.58
CA LYS D 184 -13.84 -17.80 -45.33
C LYS D 184 -12.70 -17.47 -44.33
N VAL D 185 -12.78 -18.07 -43.15
CA VAL D 185 -11.80 -17.82 -42.09
C VAL D 185 -10.94 -19.04 -41.79
N VAL D 186 -9.64 -18.88 -41.96
CA VAL D 186 -8.69 -19.95 -41.71
C VAL D 186 -8.12 -19.76 -40.32
N VAL D 187 -8.31 -20.76 -39.46
CA VAL D 187 -7.81 -20.70 -38.09
C VAL D 187 -6.68 -21.70 -37.92
N ASN D 188 -5.45 -21.20 -37.82
CA ASN D 188 -4.30 -22.08 -37.68
C ASN D 188 -3.88 -22.28 -36.23
N GLY D 189 -3.81 -23.54 -35.82
CA GLY D 189 -3.43 -23.87 -34.44
C GLY D 189 -4.64 -24.12 -33.57
N ILE D 190 -5.21 -25.33 -33.68
CA ILE D 190 -6.39 -25.69 -32.90
C ILE D 190 -6.04 -26.15 -31.50
N GLY D 191 -5.49 -25.23 -30.73
CA GLY D 191 -5.08 -25.53 -29.37
C GLY D 191 -6.03 -24.89 -28.39
N ALA D 192 -5.55 -24.68 -27.17
CA ALA D 192 -6.35 -24.07 -26.12
C ALA D 192 -7.11 -22.87 -26.66
N ALA D 193 -6.40 -21.98 -27.33
CA ALA D 193 -7.01 -20.79 -27.90
C ALA D 193 -7.72 -21.17 -29.18
N GLY D 194 -7.02 -21.89 -30.05
CA GLY D 194 -7.62 -22.30 -31.30
C GLY D 194 -9.04 -22.82 -31.14
N TYR D 195 -9.16 -23.91 -30.40
CA TYR D 195 -10.43 -24.55 -30.14
C TYR D 195 -11.55 -23.54 -29.93
N ASN D 196 -11.43 -22.76 -28.87
CA ASN D 196 -12.42 -21.75 -28.53
C ASN D 196 -12.67 -20.70 -29.62
N ILE D 197 -11.61 -20.27 -30.28
CA ILE D 197 -11.74 -19.24 -31.32
C ILE D 197 -12.71 -19.67 -32.39
N VAL D 198 -12.66 -20.96 -32.74
CA VAL D 198 -13.53 -21.51 -33.77
C VAL D 198 -14.97 -21.40 -33.35
N LYS D 199 -15.28 -21.94 -32.19
CA LYS D 199 -16.64 -21.91 -31.66
C LYS D 199 -17.24 -20.50 -31.59
N PHE D 200 -16.40 -19.52 -31.26
CA PHE D 200 -16.86 -18.14 -31.17
C PHE D 200 -17.22 -17.63 -32.53
N LEU D 201 -16.33 -17.84 -33.49
CA LEU D 201 -16.59 -17.41 -34.86
C LEU D 201 -17.91 -18.01 -35.34
N LEU D 202 -18.13 -19.27 -35.02
CA LEU D 202 -19.38 -19.92 -35.39
C LEU D 202 -20.54 -19.22 -34.69
N ASP D 203 -20.48 -19.10 -33.36
CA ASP D 203 -21.56 -18.44 -32.61
C ASP D 203 -21.86 -17.08 -33.23
N LEU D 204 -20.83 -16.27 -33.36
CA LEU D 204 -21.00 -14.94 -33.94
C LEU D 204 -21.75 -14.97 -35.28
N GLY D 205 -21.49 -15.97 -36.11
CA GLY D 205 -22.18 -16.04 -37.39
C GLY D 205 -21.38 -16.40 -38.63
N VAL D 206 -20.09 -16.71 -38.46
CA VAL D 206 -19.27 -17.09 -39.60
C VAL D 206 -19.68 -18.51 -39.99
N LYS D 207 -19.82 -18.75 -41.29
CA LYS D 207 -20.25 -20.07 -41.81
C LYS D 207 -19.10 -20.97 -42.32
N ASN D 208 -18.23 -20.41 -43.16
CA ASN D 208 -17.14 -21.18 -43.70
C ASN D 208 -15.82 -21.01 -42.96
N VAL D 209 -15.67 -21.77 -41.87
CA VAL D 209 -14.46 -21.73 -41.06
C VAL D 209 -13.60 -22.96 -41.34
N VAL D 210 -12.31 -22.74 -41.61
CA VAL D 210 -11.41 -23.85 -41.90
C VAL D 210 -10.31 -24.00 -40.85
N ALA D 211 -10.41 -25.07 -40.06
CA ALA D 211 -9.44 -25.35 -39.01
C ALA D 211 -8.20 -26.02 -39.60
N VAL D 212 -7.04 -25.53 -39.21
CA VAL D 212 -5.78 -26.07 -39.70
C VAL D 212 -4.80 -26.32 -38.57
N ASP D 213 -4.24 -27.53 -38.52
CA ASP D 213 -3.25 -27.86 -37.50
C ASP D 213 -2.03 -28.56 -38.11
N ARG D 214 -1.22 -29.18 -37.25
CA ARG D 214 0.00 -29.89 -37.64
C ARG D 214 -0.16 -30.86 -38.82
N LYS D 215 -1.35 -31.44 -38.97
CA LYS D 215 -1.60 -32.40 -40.03
C LYS D 215 -2.46 -31.83 -41.16
N GLY D 216 -2.50 -30.50 -41.26
CA GLY D 216 -3.27 -29.85 -42.31
C GLY D 216 -4.71 -29.60 -41.93
N ILE D 217 -5.54 -29.31 -42.94
CA ILE D 217 -6.97 -29.04 -42.73
C ILE D 217 -7.64 -30.17 -41.95
N LEU D 218 -8.37 -29.81 -40.88
CA LEU D 218 -9.08 -30.79 -40.07
C LEU D 218 -10.32 -31.22 -40.82
N ASN D 219 -10.37 -32.50 -41.17
CA ASN D 219 -11.48 -33.04 -41.93
C ASN D 219 -11.89 -34.37 -41.36
N GLU D 220 -13.18 -34.51 -41.07
CA GLU D 220 -13.69 -35.76 -40.51
C GLU D 220 -13.12 -36.97 -41.26
N ASN D 221 -13.27 -36.94 -42.58
CA ASN D 221 -12.83 -38.01 -43.49
C ASN D 221 -11.39 -38.46 -43.27
N ASP D 222 -10.45 -37.50 -43.24
CA ASP D 222 -9.03 -37.82 -43.03
C ASP D 222 -8.78 -37.87 -41.52
N PRO D 223 -9.00 -39.05 -40.90
CA PRO D 223 -8.78 -39.15 -39.44
C PRO D 223 -7.34 -38.81 -39.01
N GLU D 224 -6.44 -38.70 -39.99
CA GLU D 224 -5.04 -38.35 -39.71
C GLU D 224 -4.97 -37.03 -38.97
N THR D 225 -5.78 -36.08 -39.45
CA THR D 225 -5.88 -34.73 -38.92
C THR D 225 -6.65 -34.65 -37.60
N CYS D 226 -7.47 -35.67 -37.33
CA CYS D 226 -8.24 -35.70 -36.09
C CYS D 226 -7.45 -36.35 -34.99
N LEU D 227 -6.46 -35.61 -34.48
CA LEU D 227 -5.60 -36.10 -33.40
C LEU D 227 -6.49 -36.59 -32.22
N ASN D 228 -6.71 -35.76 -31.20
CA ASN D 228 -7.56 -36.19 -30.10
C ASN D 228 -9.03 -35.87 -30.39
N GLU D 229 -9.92 -36.16 -29.43
CA GLU D 229 -11.36 -35.92 -29.59
C GLU D 229 -11.82 -34.47 -29.80
N TYR D 230 -10.93 -33.56 -30.18
CA TYR D 230 -11.31 -32.17 -30.39
C TYR D 230 -10.78 -31.61 -31.73
N GLU D 233 -13.73 -33.20 -33.16
CA GLU D 233 -14.98 -32.48 -32.90
C GLU D 233 -15.06 -31.22 -33.75
N ILE D 234 -13.97 -30.45 -33.78
CA ILE D 234 -13.97 -29.23 -34.55
C ILE D 234 -14.14 -29.53 -36.04
N ALA D 235 -13.73 -30.73 -36.42
CA ALA D 235 -13.82 -31.17 -37.82
C ALA D 235 -15.26 -31.41 -38.23
N ARG D 236 -16.11 -31.76 -37.27
CA ARG D 236 -17.53 -32.02 -37.53
C ARG D 236 -18.40 -30.77 -37.58
N ILE D 237 -17.90 -29.65 -37.06
CA ILE D 237 -18.68 -28.41 -37.05
C ILE D 237 -18.08 -27.33 -37.92
N THR D 238 -17.01 -27.67 -38.63
CA THR D 238 -16.34 -26.72 -39.51
C THR D 238 -16.08 -27.32 -40.88
N ASN D 239 -15.41 -26.52 -41.72
CA ASN D 239 -15.04 -26.96 -43.06
C ASN D 239 -16.23 -27.49 -43.89
N PRO D 240 -17.17 -26.61 -44.24
CA PRO D 240 -18.34 -27.01 -45.03
C PRO D 240 -18.04 -27.43 -46.47
N GLU D 241 -17.11 -26.72 -47.14
CA GLU D 241 -16.76 -27.05 -48.52
C GLU D 241 -15.96 -28.35 -48.58
N ARG D 242 -16.00 -29.10 -47.48
CA ARG D 242 -15.31 -30.37 -47.32
C ARG D 242 -13.88 -30.40 -47.87
N LEU D 243 -13.22 -29.24 -47.83
CA LEU D 243 -11.83 -29.06 -48.29
C LEU D 243 -10.85 -30.06 -47.67
N SER D 244 -9.63 -30.07 -48.16
CA SER D 244 -8.63 -30.99 -47.64
C SER D 244 -7.26 -30.54 -48.15
N GLY D 245 -6.23 -30.77 -47.36
CA GLY D 245 -4.89 -30.37 -47.76
C GLY D 245 -4.11 -29.67 -46.66
N ASP D 246 -3.09 -28.91 -47.05
CA ASP D 246 -2.26 -28.18 -46.08
C ASP D 246 -2.69 -26.72 -45.92
N LEU D 247 -1.91 -25.98 -45.15
CA LEU D 247 -2.21 -24.58 -44.89
C LEU D 247 -2.38 -23.77 -46.18
N GLU D 248 -1.41 -23.89 -47.08
CA GLU D 248 -1.44 -23.19 -48.37
C GLU D 248 -2.72 -23.50 -49.15
N THR D 249 -3.22 -24.72 -48.99
CA THR D 249 -4.43 -25.15 -49.67
C THR D 249 -5.62 -24.40 -49.06
N ALA D 250 -5.64 -24.31 -47.75
CA ALA D 250 -6.75 -23.65 -47.06
C ALA D 250 -6.85 -22.13 -47.27
N LEU D 251 -5.73 -21.50 -47.64
CA LEU D 251 -5.70 -20.05 -47.83
C LEU D 251 -6.26 -19.57 -49.17
N GLU D 252 -6.63 -20.51 -50.03
CA GLU D 252 -7.17 -20.18 -51.35
C GLU D 252 -8.58 -19.57 -51.27
N GLY D 253 -8.68 -18.30 -51.64
CA GLY D 253 -9.96 -17.59 -51.60
C GLY D 253 -10.34 -17.11 -50.21
N ALA D 254 -9.50 -17.43 -49.22
CA ALA D 254 -9.71 -17.09 -47.82
C ALA D 254 -9.66 -15.57 -47.57
N ASP D 255 -10.57 -15.10 -46.73
CA ASP D 255 -10.70 -13.69 -46.38
C ASP D 255 -9.99 -13.31 -45.09
N PHE D 256 -9.83 -14.27 -44.18
CA PHE D 256 -9.16 -14.01 -42.91
C PHE D 256 -8.22 -15.14 -42.54
N PHE D 257 -7.14 -14.78 -41.86
CA PHE D 257 -6.22 -15.79 -41.38
C PHE D 257 -6.00 -15.48 -39.91
N ILE D 258 -6.43 -16.39 -39.04
CA ILE D 258 -6.22 -16.18 -37.62
C ILE D 258 -5.28 -17.30 -37.15
N GLY D 259 -4.02 -16.93 -37.04
CA GLY D 259 -3.00 -17.87 -36.63
C GLY D 259 -2.67 -17.68 -35.17
N VAL D 260 -2.62 -18.80 -34.46
CA VAL D 260 -2.30 -18.80 -33.04
C VAL D 260 -1.57 -20.12 -32.83
N SER D 261 -0.49 -20.29 -33.60
CA SER D 261 0.32 -21.50 -33.56
C SER D 261 1.81 -21.20 -33.40
N ARG D 262 2.56 -21.32 -34.50
CA ARG D 262 4.00 -21.08 -34.49
C ARG D 262 4.43 -19.95 -35.41
N GLY D 263 5.70 -19.57 -35.32
CA GLY D 263 6.22 -18.48 -36.13
C GLY D 263 6.78 -18.83 -37.49
N ASN D 264 6.73 -17.84 -38.38
CA ASN D 264 7.23 -17.95 -39.74
C ASN D 264 6.81 -19.25 -40.42
N ILE D 265 5.51 -19.47 -40.50
CA ILE D 265 5.01 -20.68 -41.15
C ILE D 265 4.06 -20.31 -42.29
N LEU D 266 3.71 -19.03 -42.38
CA LEU D 266 2.83 -18.55 -43.45
C LEU D 266 3.74 -17.83 -44.42
N LYS D 267 3.86 -18.36 -45.64
CA LYS D 267 4.72 -17.73 -46.64
C LYS D 267 4.05 -16.54 -47.34
N PRO D 268 4.72 -15.36 -47.30
CA PRO D 268 4.26 -14.09 -47.90
C PRO D 268 3.54 -14.24 -49.24
N GLU D 269 3.99 -15.18 -50.05
CA GLU D 269 3.37 -15.38 -51.35
C GLU D 269 1.99 -16.03 -51.32
N TRP D 270 1.72 -16.83 -50.30
CA TRP D 270 0.41 -17.48 -50.20
C TRP D 270 -0.70 -16.44 -49.98
N ILE D 271 -0.30 -15.25 -49.54
CA ILE D 271 -1.22 -14.14 -49.25
C ILE D 271 -1.90 -13.59 -50.51
N LYS D 272 -1.18 -13.65 -51.63
CA LYS D 272 -1.72 -13.17 -52.89
C LYS D 272 -2.73 -14.16 -53.46
N LYS D 273 -2.84 -15.33 -52.84
CA LYS D 273 -3.80 -16.36 -53.27
C LYS D 273 -5.10 -16.23 -52.47
N MET D 274 -5.13 -15.26 -51.56
CA MET D 274 -6.32 -15.01 -50.75
C MET D 274 -7.16 -13.89 -51.35
N SER D 275 -8.48 -13.99 -51.16
CA SER D 275 -9.42 -13.03 -51.76
C SER D 275 -8.94 -11.60 -51.55
N ARG D 276 -9.70 -10.64 -52.07
CA ARG D 276 -9.33 -9.22 -51.94
C ARG D 276 -9.30 -8.78 -50.46
N LYS D 277 -8.39 -7.85 -50.13
CA LYS D 277 -8.25 -7.32 -48.76
C LYS D 277 -8.25 -8.44 -47.71
N PRO D 278 -7.17 -9.22 -47.68
CA PRO D 278 -7.05 -10.31 -46.71
C PRO D 278 -6.58 -9.83 -45.31
N VAL D 279 -7.34 -10.20 -44.28
CA VAL D 279 -7.03 -9.84 -42.90
C VAL D 279 -6.09 -10.88 -42.30
N ILE D 280 -5.00 -10.42 -41.67
CA ILE D 280 -4.03 -11.34 -41.11
C ILE D 280 -3.76 -11.18 -39.61
N PHE D 281 -4.29 -12.12 -38.81
CA PHE D 281 -4.07 -12.12 -37.37
C PHE D 281 -2.95 -13.11 -37.08
N ALA D 282 -1.73 -12.62 -36.91
CA ALA D 282 -0.59 -13.49 -36.62
C ALA D 282 -0.31 -13.35 -35.13
N LEU D 283 -1.19 -13.97 -34.34
CA LEU D 283 -1.11 -13.89 -32.88
C LEU D 283 -0.13 -14.82 -32.18
N ALA D 284 0.79 -15.45 -32.91
CA ALA D 284 1.72 -16.36 -32.28
C ALA D 284 2.85 -15.61 -31.59
N ASN D 285 3.19 -16.03 -30.37
CA ASN D 285 4.29 -15.43 -29.60
C ASN D 285 5.41 -16.48 -29.41
N PRO D 286 6.67 -16.04 -29.41
CA PRO D 286 7.04 -14.63 -29.60
C PRO D 286 7.03 -14.23 -31.07
N VAL D 287 7.36 -15.18 -31.94
CA VAL D 287 7.43 -14.94 -33.37
C VAL D 287 6.07 -15.18 -34.05
N PRO D 288 5.51 -14.15 -34.71
CA PRO D 288 4.22 -14.27 -35.40
C PRO D 288 4.29 -15.21 -36.62
N GLU D 289 3.17 -15.84 -36.95
CA GLU D 289 3.08 -16.75 -38.10
C GLU D 289 3.82 -16.22 -39.34
N ILE D 290 3.84 -14.90 -39.48
CA ILE D 290 4.51 -14.22 -40.60
C ILE D 290 4.87 -12.83 -40.08
N ASP D 291 5.92 -12.21 -40.61
CA ASP D 291 6.31 -10.86 -40.14
C ASP D 291 5.23 -9.81 -40.48
N PRO D 292 4.87 -8.95 -39.50
CA PRO D 292 3.86 -7.92 -39.71
C PRO D 292 4.15 -7.06 -40.93
N GLU D 293 5.39 -6.59 -41.03
CA GLU D 293 5.78 -5.74 -42.14
C GLU D 293 5.70 -6.48 -43.48
N LEU D 294 6.26 -7.70 -43.49
CA LEU D 294 6.26 -8.54 -44.70
C LEU D 294 4.85 -8.79 -45.27
N ALA D 295 3.87 -8.95 -44.36
CA ALA D 295 2.48 -9.17 -44.74
C ALA D 295 1.85 -7.93 -45.41
N ARG D 296 2.13 -6.74 -44.86
CA ARG D 296 1.61 -5.49 -45.43
C ARG D 296 2.14 -5.41 -46.85
N GLU D 297 3.43 -5.73 -47.01
CA GLU D 297 4.09 -5.70 -48.30
C GLU D 297 3.50 -6.69 -49.30
N ALA D 298 3.24 -7.91 -48.83
CA ALA D 298 2.69 -8.97 -49.67
C ALA D 298 1.23 -8.71 -50.03
N GLY D 299 0.66 -7.65 -49.48
CA GLY D 299 -0.71 -7.30 -49.79
C GLY D 299 -1.77 -7.56 -48.72
N ALA D 300 -1.44 -7.31 -47.45
CA ALA D 300 -2.41 -7.51 -46.37
C ALA D 300 -3.14 -6.20 -46.06
N PHE D 301 -4.47 -6.23 -46.14
CA PHE D 301 -5.29 -5.04 -45.85
C PHE D 301 -5.17 -4.60 -44.38
N ILE D 302 -5.13 -5.58 -43.47
CA ILE D 302 -5.02 -5.32 -42.02
C ILE D 302 -4.13 -6.39 -41.38
N VAL D 303 -3.27 -5.95 -40.46
CA VAL D 303 -2.36 -6.87 -39.78
C VAL D 303 -2.39 -6.71 -38.28
N ALA D 304 -2.35 -7.83 -37.54
CA ALA D 304 -2.38 -7.80 -36.08
C ALA D 304 -1.57 -8.95 -35.44
N THR D 305 -0.85 -8.62 -34.37
CA THR D 305 -0.04 -9.62 -33.67
C THR D 305 -0.26 -9.59 -32.17
N GLY D 306 0.27 -10.61 -31.49
CA GLY D 306 0.12 -10.66 -30.05
C GLY D 306 1.17 -9.79 -29.42
N ARG D 307 2.19 -9.45 -30.21
CA ARG D 307 3.26 -8.61 -29.71
C ARG D 307 2.82 -7.16 -29.69
N SER D 308 3.39 -6.43 -28.72
CA SER D 308 3.10 -5.01 -28.50
C SER D 308 3.79 -4.10 -29.52
N ASP D 309 4.96 -4.55 -30.01
CA ASP D 309 5.78 -3.82 -30.98
C ASP D 309 4.95 -3.11 -32.05
N HIS D 310 4.46 -3.90 -33.01
CA HIS D 310 3.66 -3.42 -34.13
C HIS D 310 2.29 -2.88 -33.68
N PRO D 311 1.47 -2.40 -34.62
CA PRO D 311 0.15 -1.89 -34.24
C PRO D 311 -0.79 -3.02 -33.80
N ASN D 312 -2.09 -2.78 -33.97
CA ASN D 312 -3.14 -3.73 -33.61
C ASN D 312 -2.71 -4.92 -32.76
N GLN D 313 -2.54 -4.69 -31.45
CA GLN D 313 -2.14 -5.77 -30.58
C GLN D 313 -3.36 -6.49 -30.02
N VAL D 314 -3.35 -7.80 -30.16
CA VAL D 314 -4.44 -8.64 -29.66
C VAL D 314 -3.94 -9.46 -28.48
N ASN D 315 -4.35 -9.06 -27.29
CA ASN D 315 -3.94 -9.76 -26.07
C ASN D 315 -5.07 -9.80 -25.04
N ASN D 316 -5.09 -10.87 -24.24
CA ASN D 316 -6.14 -11.05 -23.24
C ASN D 316 -6.37 -9.79 -22.42
N LEU D 317 -5.28 -9.12 -22.04
CA LEU D 317 -5.34 -8.06 -21.04
C LEU D 317 -6.59 -7.21 -21.22
N LEU D 318 -6.94 -6.94 -22.47
CA LEU D 318 -8.12 -6.14 -22.77
C LEU D 318 -9.38 -6.74 -22.14
N ALA D 319 -9.24 -7.97 -21.63
CA ALA D 319 -10.34 -8.93 -21.64
C ALA D 319 -10.62 -9.45 -20.23
N PHE D 320 -9.63 -10.10 -19.65
CA PHE D 320 -9.77 -10.68 -18.31
C PHE D 320 -9.96 -9.72 -17.14
N PRO D 321 -9.35 -8.53 -17.18
CA PRO D 321 -9.59 -7.68 -16.02
C PRO D 321 -11.09 -7.43 -15.84
N GLY D 322 -11.73 -6.90 -16.88
CA GLY D 322 -13.15 -6.63 -16.80
C GLY D 322 -14.04 -7.85 -16.52
N ILE D 323 -14.01 -8.82 -17.42
CA ILE D 323 -14.79 -10.05 -17.27
C ILE D 323 -14.73 -10.58 -15.84
N MET D 324 -13.51 -10.90 -15.41
CA MET D 324 -13.27 -11.44 -14.09
C MET D 324 -13.89 -10.58 -12.99
N LYS D 325 -13.76 -9.26 -13.11
CA LYS D 325 -14.32 -8.40 -12.10
C LYS D 325 -15.84 -8.47 -12.07
N GLY D 326 -16.45 -8.25 -13.23
CA GLY D 326 -17.90 -8.27 -13.34
C GLY D 326 -18.56 -9.56 -12.94
N ALA D 327 -17.93 -10.69 -13.25
CA ALA D 327 -18.47 -12.00 -12.90
C ALA D 327 -18.35 -12.32 -11.41
N VAL D 328 -17.24 -11.91 -10.80
CA VAL D 328 -16.97 -12.16 -9.38
C VAL D 328 -17.85 -11.32 -8.45
N GLU D 329 -18.32 -10.19 -8.99
CA GLU D 329 -19.18 -9.30 -8.23
C GLU D 329 -20.62 -9.78 -8.33
N LYS D 330 -21.07 -10.06 -9.55
CA LYS D 330 -22.42 -10.56 -9.80
C LYS D 330 -22.48 -12.00 -9.24
N ARG D 331 -21.43 -12.41 -8.52
CA ARG D 331 -21.29 -13.75 -7.93
C ARG D 331 -21.82 -14.88 -8.81
N SER D 332 -21.65 -14.76 -10.12
CA SER D 332 -22.18 -15.77 -11.05
C SER D 332 -21.13 -16.49 -11.86
N LYS D 333 -21.54 -17.62 -12.44
CA LYS D 333 -20.67 -18.40 -13.28
C LYS D 333 -20.39 -17.59 -14.55
N ILE D 334 -19.44 -18.04 -15.36
CA ILE D 334 -19.12 -17.34 -16.60
C ILE D 334 -19.88 -18.00 -17.73
N THR D 335 -20.86 -17.29 -18.28
CA THR D 335 -21.67 -17.83 -19.37
C THR D 335 -21.31 -17.28 -20.76
N LYS D 336 -21.72 -18.01 -21.80
CA LYS D 336 -21.45 -17.60 -23.18
C LYS D 336 -22.01 -16.20 -23.46
N ASN D 337 -23.11 -15.85 -22.79
CA ASN D 337 -23.72 -14.53 -22.97
C ASN D 337 -22.81 -13.44 -22.43
N MET D 338 -22.25 -13.67 -21.25
CA MET D 338 -21.34 -12.71 -20.61
C MET D 338 -20.16 -12.52 -21.56
N LEU D 339 -19.58 -13.65 -21.96
CA LEU D 339 -18.46 -13.64 -22.88
C LEU D 339 -18.79 -12.87 -24.14
N LEU D 340 -19.94 -13.16 -24.76
CA LEU D 340 -20.34 -12.44 -25.97
C LEU D 340 -20.51 -10.94 -25.70
N SER D 341 -21.00 -10.60 -24.51
CA SER D 341 -21.17 -9.21 -24.12
C SER D 341 -19.82 -8.54 -24.10
N ALA D 342 -18.83 -9.28 -23.60
CA ALA D 342 -17.48 -8.77 -23.50
C ALA D 342 -16.87 -8.56 -24.88
N VAL D 343 -17.31 -9.36 -25.84
CA VAL D 343 -16.80 -9.24 -27.19
C VAL D 343 -17.28 -7.92 -27.75
N GLU D 344 -18.60 -7.74 -27.72
CA GLU D 344 -19.21 -6.51 -28.20
C GLU D 344 -18.57 -5.33 -27.47
N ALA D 345 -18.57 -5.42 -26.14
CA ALA D 345 -18.04 -4.37 -25.27
C ALA D 345 -16.71 -3.83 -25.76
N ILE D 346 -15.75 -4.73 -25.98
CA ILE D 346 -14.43 -4.35 -26.45
C ILE D 346 -14.48 -3.70 -27.84
N ALA D 347 -15.15 -4.36 -28.77
CA ALA D 347 -15.30 -3.89 -30.15
C ALA D 347 -15.83 -2.46 -30.30
N ARG D 348 -16.91 -2.13 -29.59
CA ARG D 348 -17.49 -0.77 -29.69
C ARG D 348 -16.75 0.26 -28.84
N SER D 349 -15.67 -0.17 -28.19
CA SER D 349 -14.89 0.73 -27.34
C SER D 349 -13.87 1.53 -28.14
N CYS D 350 -14.21 1.79 -29.40
CA CYS D 350 -13.35 2.57 -30.30
C CYS D 350 -13.94 2.50 -31.69
N GLU D 351 -13.54 3.46 -32.53
CA GLU D 351 -13.99 3.48 -33.92
C GLU D 351 -12.86 2.79 -34.70
N PRO D 352 -13.16 1.61 -35.27
CA PRO D 352 -12.20 0.81 -36.04
C PRO D 352 -11.58 1.49 -37.28
N GLU D 353 -10.31 1.20 -37.47
CA GLU D 353 -9.56 1.76 -38.58
C GLU D 353 -8.39 0.82 -38.80
N PRO D 354 -8.00 0.61 -40.06
CA PRO D 354 -6.90 -0.26 -40.45
C PRO D 354 -5.72 -0.41 -39.47
N GLU D 355 -5.22 0.70 -38.93
CA GLU D 355 -4.08 0.66 -37.98
C GLU D 355 -4.51 0.70 -36.51
N ARG D 356 -5.82 0.64 -36.29
CA ARG D 356 -6.42 0.65 -34.96
C ARG D 356 -7.83 0.02 -35.01
N ILE D 357 -7.87 -1.31 -35.04
CA ILE D 357 -9.14 -2.03 -35.08
C ILE D 357 -9.73 -2.22 -33.68
N ILE D 358 -8.85 -2.17 -32.68
CA ILE D 358 -9.23 -2.33 -31.26
C ILE D 358 -8.34 -1.39 -30.42
N PRO D 359 -8.81 -0.99 -29.23
CA PRO D 359 -7.99 -0.10 -28.38
C PRO D 359 -6.80 -0.83 -27.73
N GLU D 360 -5.97 -0.08 -26.99
CA GLU D 360 -4.83 -0.70 -26.32
C GLU D 360 -5.28 -1.08 -24.91
N ALA D 361 -4.46 -1.89 -24.25
CA ALA D 361 -4.80 -2.32 -22.90
C ALA D 361 -4.86 -1.16 -21.92
N PHE D 362 -4.15 -0.08 -22.23
CA PHE D 362 -4.12 1.08 -21.33
C PHE D 362 -5.34 1.96 -21.32
N ASP D 363 -6.21 1.78 -22.31
CA ASP D 363 -7.44 2.56 -22.40
C ASP D 363 -8.38 2.13 -21.26
N MET D 364 -8.27 2.80 -20.11
CA MET D 364 -9.11 2.45 -18.97
C MET D 364 -10.61 2.45 -19.31
N LYS D 365 -10.96 3.05 -20.45
CA LYS D 365 -12.35 3.10 -20.88
C LYS D 365 -12.85 1.71 -21.26
N VAL D 366 -11.95 0.90 -21.81
CA VAL D 366 -12.29 -0.47 -22.24
C VAL D 366 -12.63 -1.38 -21.07
N HIS D 367 -11.77 -1.36 -20.06
CA HIS D 367 -11.96 -2.17 -18.89
C HIS D 367 -13.25 -1.83 -18.16
N LEU D 368 -13.71 -0.59 -18.30
CA LEU D 368 -14.97 -0.19 -17.67
C LEU D 368 -16.15 -0.69 -18.50
N ASN D 369 -16.02 -0.60 -19.82
CA ASN D 369 -17.08 -1.06 -20.71
C ASN D 369 -17.26 -2.56 -20.60
N VAL D 370 -16.16 -3.28 -20.40
CA VAL D 370 -16.22 -4.74 -20.28
C VAL D 370 -16.81 -5.10 -18.94
N TYR D 371 -16.32 -4.45 -17.90
CA TYR D 371 -16.82 -4.69 -16.55
C TYR D 371 -18.33 -4.43 -16.54
N THR D 372 -18.73 -3.33 -17.16
CA THR D 372 -20.13 -2.97 -17.25
C THR D 372 -20.94 -4.05 -17.98
N ALA D 373 -20.44 -4.48 -19.13
CA ALA D 373 -21.10 -5.49 -19.94
C ALA D 373 -21.23 -6.81 -19.19
N VAL D 374 -20.08 -7.42 -18.86
CA VAL D 374 -20.07 -8.68 -18.16
C VAL D 374 -20.97 -8.67 -16.94
N LYS D 375 -21.05 -7.51 -16.27
CA LYS D 375 -21.89 -7.36 -15.08
C LYS D 375 -23.37 -7.50 -15.43
N GLY D 376 -23.86 -6.60 -16.28
CA GLY D 376 -25.25 -6.62 -16.69
C GLY D 376 -25.69 -7.86 -17.45
N SER D 377 -24.74 -8.53 -18.11
CA SER D 377 -25.06 -9.73 -18.88
C SER D 377 -25.59 -10.83 -17.99
N ALA D 378 -25.92 -11.94 -18.62
CA ALA D 378 -26.43 -13.10 -17.90
C ALA D 378 -25.22 -13.75 -17.22
PA NAD E . -7.29 -30.00 22.09
O1A NAD E . -6.46 -30.58 21.02
O2A NAD E . -8.80 -29.99 21.89
O5B NAD E . -6.91 -30.75 23.43
C5B NAD E . -7.58 -30.42 24.61
C4B NAD E . -7.36 -31.53 25.61
O4B NAD E . -8.11 -31.16 26.74
C3B NAD E . -7.92 -32.88 25.14
O3B NAD E . -6.92 -33.89 25.06
C2B NAD E . -9.03 -33.16 26.14
O2B NAD E . -9.29 -34.53 26.38
C1B NAD E . -8.50 -32.36 27.32
N9A NAD E . -9.41 -32.01 28.43
C8A NAD E . -10.64 -31.41 28.37
N7A NAD E . -11.12 -31.28 29.63
C5A NAD E . -10.20 -31.79 30.50
C6A NAD E . -10.15 -31.93 31.91
N6A NAD E . -11.15 -31.51 32.69
N1A NAD E . -9.03 -32.51 32.51
C2A NAD E . -7.98 -32.95 31.70
N3A NAD E . -8.02 -32.82 30.33
C4A NAD E . -9.12 -32.26 29.74
O3 NAD E . -6.83 -28.49 22.38
PN NAD E . -5.69 -27.62 21.61
O1N NAD E . -6.01 -26.30 21.01
O2N NAD E . -4.31 -28.00 21.97
O5D NAD E . -5.66 -26.93 23.04
C5D NAD E . -6.77 -26.26 23.52
C4D NAD E . -6.49 -25.65 24.84
O4D NAD E . -5.48 -24.65 24.69
C3D NAD E . -7.68 -24.90 25.34
O3D NAD E . -7.60 -24.85 26.75
C2D NAD E . -7.50 -23.60 24.66
O2D NAD E . -8.45 -22.66 25.06
C1D NAD E . -6.06 -23.41 25.06
N1N NAD E . -5.31 -22.26 24.44
C2N NAD E . -3.96 -22.42 24.16
C3N NAD E . -3.26 -21.32 23.61
C7N NAD E . -1.83 -21.47 23.31
O7N NAD E . -1.14 -20.37 22.79
N7N NAD E . -1.20 -22.61 23.53
C4N NAD E . -3.92 -20.07 23.37
C5N NAD E . -5.30 -19.93 23.66
C6N NAD E . -5.98 -21.04 24.20
PA NAD F . 29.56 23.40 5.42
O1A NAD F . 28.48 24.07 6.20
O2A NAD F . 29.70 23.80 3.97
O5B NAD F . 30.93 23.63 6.21
C5B NAD F . 32.12 23.15 5.66
C4B NAD F . 33.25 23.84 6.37
O4B NAD F . 34.40 23.37 5.73
C3B NAD F . 33.23 25.37 6.16
O3B NAD F . 33.18 26.10 7.41
C2B NAD F . 34.50 25.61 5.34
O2B NAD F . 35.10 26.88 5.52
C1B NAD F . 35.32 24.41 5.81
N9A NAD F . 36.51 23.99 5.03
C8A NAD F . 36.61 23.76 3.69
N7A NAD F . 37.88 23.40 3.42
C5A NAD F . 38.60 23.39 4.55
C6A NAD F . 39.95 23.10 4.88
N6A NAD F . 40.81 22.73 3.95
N1A NAD F . 40.39 23.19 6.19
C2A NAD F . 39.49 23.57 7.20
N3A NAD F . 38.16 23.86 6.90
C4A NAD F . 37.74 23.77 5.59
O3 NAD F . 29.37 21.83 5.45
PN NAD F . 28.18 21.02 6.16
O1N NAD F . 27.37 20.03 5.39
O2N NAD F . 28.29 20.94 7.65
O5D NAD F . 29.36 19.94 6.24
C5D NAD F . 29.92 19.43 5.09
C4D NAD F . 30.97 18.40 5.38
O4D NAD F . 30.34 17.27 6.01
C3D NAD F . 31.54 17.85 4.12
O3D NAD F . 32.84 17.38 4.41
C2D NAD F . 30.55 16.79 3.79
O2D NAD F . 30.92 16.02 2.69
C1D NAD F . 30.54 16.17 5.18
N1N NAD F . 29.53 15.10 5.46
C2N NAD F . 28.97 15.02 6.74
C3N NAD F . 28.05 13.99 7.00
C7N NAD F . 27.47 13.89 8.34
O7N NAD F . 26.57 12.85 8.61
N7N NAD F . 27.78 14.75 9.28
C4N NAD F . 27.70 13.05 5.98
C5N NAD F . 28.26 13.15 4.69
C6N NAD F . 29.18 14.19 4.45
PA NAD G . -21.10 30.80 0.92
O1A NAD G . -19.86 31.31 0.26
O2A NAD G . -21.20 30.97 2.43
O5B NAD G . -22.35 31.49 0.16
C5B NAD G . -23.69 31.26 0.56
C4B NAD G . -24.49 32.52 0.24
O4B NAD G . -25.81 32.30 0.74
C3B NAD G . -23.96 33.79 0.96
O3B NAD G . -23.59 34.82 0.03
C2B NAD G . -25.11 34.17 1.89
O2B NAD G . -25.22 35.56 2.21
C1B NAD G . -26.26 33.60 1.10
N9A NAD G . -27.60 33.53 1.75
C8A NAD G . -27.95 33.29 3.07
N7A NAD G . -29.30 33.34 3.17
C5A NAD G . -29.84 33.59 1.94
C6A NAD G . -31.15 33.77 1.43
N6A NAD G . -32.23 33.66 2.21
N1A NAD G . -31.32 34.03 0.06
C2A NAD G . -30.20 34.15 -0.80
N3A NAD G . -28.92 33.98 -0.31
C4A NAD G . -28.74 33.73 1.04
O3 NAD G . -21.31 29.24 0.59
PN NAD G . -20.88 28.52 -0.78
O1N NAD G . -20.42 27.09 -0.77
O2N NAD G . -21.42 29.21 -2.01
O5D NAD G . -22.40 27.98 -0.71
C5D NAD G . -22.80 27.12 0.31
C4D NAD G . -24.25 26.71 0.19
O4D NAD G . -24.34 25.63 -0.74
C3D NAD G . -24.75 26.19 1.52
O3D NAD G . -26.14 26.48 1.68
C2D NAD G . -24.42 24.73 1.42
O2D NAD G . -25.02 23.95 2.43
C1D NAD G . -24.86 24.49 -0.05
N1N NAD G . -24.36 23.21 -0.68
C2N NAD G . -23.71 23.29 -1.92
C3N NAD G . -23.24 22.09 -2.54
C7N NAD G . -22.56 22.18 -3.86
O7N NAD G . -22.11 21.00 -4.45
N7N NAD G . -22.36 23.34 -4.47
C4N NAD G . -23.44 20.83 -1.90
C5N NAD G . -24.09 20.76 -0.64
C6N NAD G . -24.55 21.97 -0.04
ZN ZN H . -1.56 -16.61 -20.77
#